data_7OMF
#
_entry.id   7OMF
#
_cell.length_a   106.355
_cell.length_b   109.846
_cell.length_c   253.300
_cell.angle_alpha   90.000
_cell.angle_beta   90.000
_cell.angle_gamma   90.000
#
_symmetry.space_group_name_H-M   'P 21 21 21'
#
loop_
_entity.id
_entity.type
_entity.pdbx_description
1 polymer 'Splicing factor 3B subunit 3'
2 polymer 'Splicing factor 3B subunit 5'
3 polymer 'Splicing factor 3B subunit 1'
4 polymer 'PHD finger-like domain-containing protein 5A'
5 non-polymer 'ZINC ION'
6 non-polymer '[(~{Z},2~{S})-5-[[4-[(2~{E},4~{E})-3-methyl-5-[(2~{S},4~{R})-4,6,6-trimethyl-4-oxidanyl-oxan-2-yl]penta-2,4-dienyl]cyclohexyl]amino]-5-oxidanylidene-pent-3-en-2-yl] ~{N}-methylcarbamate'
7 non-polymer 'THIOCYANATE ION'
#
loop_
_entity_poly.entity_id
_entity_poly.type
_entity_poly.pdbx_seq_one_letter_code
_entity_poly.pdbx_strand_id
1 'polypeptide(L)'
;GAEFKGLRRHMFLYNLTLQRATGISFAIHGNFSGTKQQEIVVSRGKILELLRPDPNTGKVHTLLTVEVFGVIRSLMAFRL
TGGTKDYIVVGSDSGRIVILEYQPSKNMFEKIHQETFGKSGCRRIVPGQFLAVDPKGRAVMISAIEKQKLVYILNRDAAA
RLTISSPLEAHKANTLVYHVVGVDVGFENPMFACLEMDYEEADNDPTGEAAANTQQTLTFYELDLGLNHVVRKYSEPLEE
HGNFLITVPGGSDGPSGVLICSENYITYKNFGDQPDIRCPIPRRRNDLDDPERGMIFVCSATHKTKSMFFFLAQTEQGDI
FKITLETDEDMVTEIRLKYFDTVPVAAAMCVLKTGFLFVASEFGNHYLYQIAHLGDDDEEPEFSSAMPLEEGDTFFFQPR
PLKNLVLVDELDSLSPILFCQIADLANEDTPQLYVACGRGPRSSLRVLRHGLGGNGNSGEKLGAVFNQVAFPLQYTPRKF
VIHPESNNLIIIETDHNAYTEATKAQRKQQMAEEMVEAAGEDERELAAEMAAAFLNENLPESIFGAPKAGNGQWASVIRV
MNPIQGNTLDLVQLEQNEAAFSVAVCRFSNTGEDWYVLVGVAKDLILNPRSVAGGFVYTYKLVNNGEKLEFLHKTPVEEV
PAAIAPFQGRVLIGVGKLLRVYDLGKKKLLRKCENKHIANYISGIQTIGHRVIVSDVQESFIWVRYKRNENQLIIFADDT
YPRWVTTASLLDYDTVAGADKFGNICVVRLPPNTNDEVDSQKAEVIMNYHVGETVLSLQKTTLIPGGSESLVYTTLSGGI
GILVPFTSHEDHDFFQHVEMHLRSEHPPLCGRDHLSFRSYYFPVKNVIDGDLCEQFNSMEPNKQKNVSEELDRTPPEVSK
KLEDIRTRYAFDYKDDDDK
;
A
2 'polypeptide(L)'
;MTDRYTIHSQLEHLQSKYIGTGHADTTKWEWLVNQHRDSYCSYMGHFDLLNYFAIAENESKARVRFNLMEKMLQPCGPPA
DKPEEN
;
B
3 'polypeptide(L)'
;MKSVNDQPSGNLPFLKPDDIQYFDKLLVDVDESTLSPEEQKERKIMKLLLKIKNGTPPMRKAALRQITDKAREFGAGPLF
NQILPLLMSPTLEDQERHLLVKVIDRILYKLDDLVRPYVHKILVVIEPLLIDEDYYARVEGREIISNLAKAAGLATMIST
MRPDIDNMDEYVRNTTARAFAVVASALGIPSLLPFLKAVCKSKKSWQARHTGIKIVQQIAILMGCAILPHLRSLVEIIEH
GLVDEQQKVRTISALAIAALAEAATPYGIESFDSVLKPLWKGIRQHRGKGLAAFLKAIGYLIPLMDAEYANYYTREVMLI
LIREFQSPDEEMKKIVLKVVKQCCGTDGVEANYIKTEILPPFFKHFWQHRMALDRRNYRQLVDTTVELANKVGAAEIISR
IVDDLKDEAEQYRKMVMETIEKIMGNLGAADIDHKLEEQLIDGILYAFQEQTTEDSVMLNGFGTVVNALGKRVKPYLPQI
CGTVLWRLNNKSAKVRQQAADLISRTAVVMKTCQEEKLMGHLGVVLYEYLGEEYPEVLGSILGALKAIVNVIGMHKMTPP
IKDLLPRLTPILKNRHEKVQENCIDLVGRIADRGAEYVSAREWMRICFELLELLKAHKKAIRRATVNTFGYIAKAIGPHD
VLATLLNNLKVQERQNRVCTTVAIAIVAETCSPFTVLPALMNEYRVPELNVQNGVLKSLSFLFEYIGEMGKDYIYAVTPL
LEDALMDRDLVHRQTASAVVQHMSLGVYGFGCEDSLNHLLNYVWPNVFETSPHVIQAVMGALEGLRVAIGPCRMLQYCLQ
GLFHPARKVRDVYWKIYNSIYIGSQDALIAHYPRIYNDDKNTYIRYELDYIL
;
C
4 'polypeptide(L)'
;GPLGSPGSRAMAKHHPDLIFCRKQAGVAIGRLCEKCDGKCVICDSYVRPCTLVRICDECNYGSYQGRCVICGGPGVSDAY
YCKECTIQEKDRDGCPKIVNLGSSKTDL
;
D
#
loop_
_chem_comp.id
_chem_comp.type
_chem_comp.name
_chem_comp.formula
SCN non-polymer 'THIOCYANATE ION' 'C N S -1'
T2W non-polymer '[(~{Z},2~{S})-5-[[4-[(2~{E},4~{E})-3-methyl-5-[(2~{S},4~{R})-4,6,6-trimethyl-4-oxidanyl-oxan-2-yl]penta-2,4-dienyl]cyclohexyl]amino]-5-oxidanylidene-pent-3-en-2-yl] ~{N}-methylcarbamate' 'C27 H44 N2 O5'
ZN non-polymer 'ZINC ION' 'Zn 2'
#
# COMPACT_ATOMS: atom_id res chain seq x y z
N ARG A 8 27.80 -26.20 -15.74
CA ARG A 8 28.22 -26.30 -14.35
C ARG A 8 27.02 -26.27 -13.42
N ARG A 9 27.25 -25.90 -12.17
CA ARG A 9 26.16 -25.73 -11.21
C ARG A 9 25.45 -24.41 -11.45
N HIS A 10 24.17 -24.37 -11.08
CA HIS A 10 23.42 -23.13 -11.17
C HIS A 10 24.02 -22.10 -10.23
N MET A 11 24.18 -20.87 -10.73
CA MET A 11 24.82 -19.81 -9.94
C MET A 11 23.78 -19.17 -9.03
N PHE A 12 24.04 -19.20 -7.73
CA PHE A 12 23.19 -18.56 -6.74
C PHE A 12 23.80 -17.20 -6.38
N LEU A 13 23.01 -16.14 -6.50
CA LEU A 13 23.54 -14.78 -6.44
C LEU A 13 22.95 -14.01 -5.27
N TYR A 14 23.70 -13.01 -4.83
CA TYR A 14 23.35 -12.15 -3.70
C TYR A 14 23.46 -10.70 -4.15
N ASN A 15 22.37 -9.95 -4.01
CA ASN A 15 22.26 -8.62 -4.59
C ASN A 15 22.45 -7.56 -3.51
N LEU A 16 23.36 -6.61 -3.77
CA LEU A 16 23.63 -5.53 -2.83
C LEU A 16 23.74 -4.21 -3.59
N THR A 17 23.09 -3.18 -3.08
CA THR A 17 23.23 -1.85 -3.64
C THR A 17 24.38 -1.14 -2.94
N LEU A 18 25.37 -0.72 -3.73
CA LEU A 18 26.49 0.05 -3.17
C LEU A 18 26.20 1.55 -3.19
N GLN A 19 25.62 2.06 -4.27
CA GLN A 19 25.24 3.46 -4.40
C GLN A 19 23.74 3.51 -4.65
N ARG A 20 23.00 4.06 -3.70
CA ARG A 20 21.55 4.15 -3.83
C ARG A 20 21.17 5.08 -4.98
N ALA A 21 19.95 4.92 -5.49
CA ALA A 21 19.47 5.75 -6.57
C ALA A 21 19.42 7.21 -6.14
N THR A 22 19.79 8.11 -7.05
CA THR A 22 19.92 9.53 -6.74
C THR A 22 18.91 10.42 -7.43
N GLY A 23 18.23 9.95 -8.47
CA GLY A 23 17.17 10.73 -9.07
C GLY A 23 15.96 10.87 -8.17
N ILE A 24 15.13 11.86 -8.47
CA ILE A 24 13.92 12.14 -7.69
C ILE A 24 12.72 12.23 -8.62
N SER A 25 11.63 11.57 -8.24
CA SER A 25 10.38 11.68 -8.98
C SER A 25 9.31 12.47 -8.25
N PHE A 26 9.41 12.60 -6.93
CA PHE A 26 8.46 13.37 -6.13
C PHE A 26 9.17 13.95 -4.92
N ALA A 27 8.75 15.15 -4.53
CA ALA A 27 9.31 15.80 -3.36
C ALA A 27 8.22 16.62 -2.68
N ILE A 28 8.10 16.46 -1.36
CA ILE A 28 7.14 17.21 -0.57
C ILE A 28 7.84 17.78 0.65
N HIS A 29 7.33 18.88 1.18
CA HIS A 29 7.93 19.52 2.35
C HIS A 29 6.88 19.67 3.45
N GLY A 30 7.35 19.63 4.69
CA GLY A 30 6.45 19.78 5.81
C GLY A 30 7.14 19.56 7.13
N ASN A 31 6.36 19.73 8.19
CA ASN A 31 6.85 19.53 9.56
C ASN A 31 6.63 18.07 9.96
N PHE A 32 7.54 17.22 9.48
CA PHE A 32 7.44 15.78 9.71
C PHE A 32 7.99 15.35 11.06
N SER A 33 8.83 16.17 11.69
CA SER A 33 9.36 15.89 13.02
C SER A 33 8.39 16.26 14.13
N GLY A 34 7.32 16.98 13.82
CA GLY A 34 6.45 17.53 14.84
C GLY A 34 6.93 18.83 15.44
N THR A 35 8.12 19.30 15.06
CA THR A 35 8.66 20.56 15.54
C THR A 35 8.44 21.65 14.49
N LYS A 36 8.98 22.83 14.77
CA LYS A 36 8.89 23.95 13.83
C LYS A 36 9.86 23.81 12.66
N GLN A 37 10.81 22.88 12.73
CA GLN A 37 11.68 22.61 11.59
C GLN A 37 10.87 21.99 10.45
N GLN A 38 11.32 22.25 9.24
CA GLN A 38 10.69 21.71 8.03
C GLN A 38 11.65 20.77 7.34
N GLU A 39 11.17 19.57 7.01
CA GLU A 39 11.93 18.57 6.28
C GLU A 39 11.28 18.31 4.92
N ILE A 40 11.97 17.52 4.11
CA ILE A 40 11.54 17.20 2.75
C ILE A 40 11.58 15.68 2.58
N VAL A 41 10.43 15.10 2.23
CA VAL A 41 10.32 13.69 1.88
C VAL A 41 10.39 13.56 0.37
N VAL A 42 11.33 12.74 -0.11
CA VAL A 42 11.53 12.55 -1.54
C VAL A 42 11.38 11.07 -1.90
N SER A 43 11.02 10.83 -3.16
CA SER A 43 10.87 9.49 -3.72
C SER A 43 11.93 9.31 -4.80
N ARG A 44 12.84 8.38 -4.57
CA ARG A 44 13.89 8.07 -5.53
C ARG A 44 13.46 7.02 -6.56
N GLY A 45 12.23 6.53 -6.46
CA GLY A 45 11.78 5.44 -7.31
C GLY A 45 11.31 4.26 -6.48
N LYS A 46 12.23 3.44 -6.00
CA LYS A 46 11.95 2.37 -5.06
C LYS A 46 12.44 2.70 -3.65
N ILE A 47 12.84 3.95 -3.40
CA ILE A 47 13.42 4.37 -2.13
C ILE A 47 12.71 5.62 -1.64
N LEU A 48 12.29 5.62 -0.38
CA LEU A 48 11.72 6.79 0.27
C LEU A 48 12.77 7.40 1.20
N GLU A 49 13.01 8.70 1.05
CA GLU A 49 14.09 9.36 1.78
C GLU A 49 13.56 10.61 2.49
N LEU A 50 14.18 10.93 3.62
CA LEU A 50 13.87 12.12 4.39
C LEU A 50 15.11 12.99 4.51
N LEU A 51 14.98 14.26 4.17
CA LEU A 51 16.09 15.21 4.16
C LEU A 51 15.74 16.41 5.04
N ARG A 52 16.76 16.97 5.68
CA ARG A 52 16.60 18.14 6.53
C ARG A 52 17.58 19.21 6.08
N PRO A 53 17.11 20.30 5.46
CA PRO A 53 18.01 21.42 5.14
C PRO A 53 18.24 22.26 6.40
N ASP A 54 19.51 22.55 6.68
CA ASP A 54 19.87 23.36 7.83
C ASP A 54 19.79 24.83 7.44
N PRO A 55 18.83 25.61 7.97
CA PRO A 55 18.75 27.02 7.57
C PRO A 55 19.94 27.86 8.04
N ASN A 56 20.78 27.34 8.93
CA ASN A 56 21.95 28.09 9.37
C ASN A 56 23.08 28.00 8.33
N THR A 57 23.45 26.79 7.94
CA THR A 57 24.52 26.60 6.97
C THR A 57 24.01 26.45 5.54
N GLY A 58 22.71 26.28 5.35
CA GLY A 58 22.18 26.18 4.00
C GLY A 58 22.59 24.93 3.26
N LYS A 59 22.71 23.81 3.96
CA LYS A 59 23.14 22.56 3.37
C LYS A 59 22.19 21.44 3.79
N VAL A 60 21.97 20.50 2.87
CA VAL A 60 20.97 19.44 3.06
C VAL A 60 21.66 18.20 3.62
N HIS A 61 21.10 17.65 4.69
CA HIS A 61 21.54 16.39 5.27
C HIS A 61 20.46 15.33 5.11
N THR A 62 20.88 14.09 4.93
CA THR A 62 19.96 12.97 4.83
C THR A 62 19.82 12.33 6.20
N LEU A 63 18.57 12.22 6.69
CA LEU A 63 18.30 11.67 8.00
C LEU A 63 17.87 10.21 7.96
N LEU A 64 17.18 9.80 6.90
CA LEU A 64 16.66 8.45 6.82
C LEU A 64 16.48 8.08 5.35
N THR A 65 16.85 6.85 5.02
CA THR A 65 16.64 6.29 3.68
C THR A 65 16.11 4.88 3.84
N VAL A 66 15.05 4.55 3.10
CA VAL A 66 14.37 3.27 3.25
C VAL A 66 14.07 2.70 1.88
N GLU A 67 14.39 1.42 1.69
CA GLU A 67 13.98 0.69 0.49
C GLU A 67 12.54 0.20 0.69
N VAL A 68 11.61 0.69 -0.14
CA VAL A 68 10.22 0.28 0.00
C VAL A 68 9.87 -0.95 -0.82
N PHE A 69 10.77 -1.37 -1.72
CA PHE A 69 10.55 -2.54 -2.56
C PHE A 69 9.24 -2.44 -3.33
N GLY A 70 9.04 -1.28 -3.97
CA GLY A 70 7.89 -1.08 -4.81
C GLY A 70 8.12 0.05 -5.79
N VAL A 71 7.04 0.49 -6.42
CA VAL A 71 7.06 1.60 -7.35
C VAL A 71 6.20 2.70 -6.76
N ILE A 72 6.83 3.77 -6.31
CA ILE A 72 6.12 4.92 -5.76
C ILE A 72 5.58 5.75 -6.92
N ARG A 73 4.27 5.76 -7.10
CA ARG A 73 3.66 6.49 -8.20
C ARG A 73 3.09 7.84 -7.80
N SER A 74 2.91 8.10 -6.50
CA SER A 74 2.31 9.33 -6.03
C SER A 74 2.67 9.53 -4.57
N LEU A 75 2.92 10.80 -4.20
CA LEU A 75 3.37 11.12 -2.85
C LEU A 75 2.83 12.49 -2.44
N MET A 76 2.14 12.53 -1.30
CA MET A 76 1.62 13.78 -0.74
C MET A 76 1.62 13.73 0.77
N ALA A 77 1.63 14.91 1.40
CA ALA A 77 1.60 15.05 2.84
C ALA A 77 0.33 15.77 3.27
N PHE A 78 -0.14 15.47 4.48
CA PHE A 78 -1.33 16.12 4.99
C PHE A 78 -1.21 16.27 6.50
N ARG A 79 -2.18 16.98 7.07
CA ARG A 79 -2.20 17.29 8.50
C ARG A 79 -3.65 17.44 8.94
N LEU A 80 -3.98 16.86 10.09
CA LEU A 80 -5.32 17.00 10.62
C LEU A 80 -5.51 18.40 11.20
N THR A 81 -6.76 18.71 11.55
CA THR A 81 -7.07 20.02 12.13
C THR A 81 -6.47 20.13 13.53
N GLY A 82 -5.71 21.20 13.75
CA GLY A 82 -5.08 21.39 15.05
C GLY A 82 -3.94 20.44 15.34
N GLY A 83 -3.31 19.88 14.31
CA GLY A 83 -2.21 18.98 14.50
C GLY A 83 -0.86 19.66 14.39
N THR A 84 0.16 19.02 14.95
CA THR A 84 1.50 19.56 14.98
C THR A 84 2.49 18.86 14.05
N LYS A 85 2.17 17.65 13.59
CA LYS A 85 3.05 16.88 12.72
C LYS A 85 2.31 16.46 11.46
N ASP A 86 3.03 16.40 10.34
CA ASP A 86 2.47 16.06 9.05
C ASP A 86 2.66 14.57 8.76
N TYR A 87 1.61 13.93 8.27
CA TYR A 87 1.65 12.54 7.86
C TYR A 87 2.07 12.42 6.40
N ILE A 88 2.33 11.20 5.95
CA ILE A 88 2.81 10.94 4.60
C ILE A 88 1.94 9.85 3.98
N VAL A 89 1.20 10.19 2.93
CA VAL A 89 0.39 9.23 2.19
C VAL A 89 1.15 8.84 0.92
N VAL A 90 1.27 7.54 0.67
CA VAL A 90 2.06 7.04 -0.45
C VAL A 90 1.18 6.17 -1.34
N GLY A 91 1.12 6.51 -2.62
CA GLY A 91 0.50 5.64 -3.62
C GLY A 91 1.54 4.77 -4.29
N SER A 92 1.34 3.46 -4.23
CA SER A 92 2.35 2.50 -4.63
C SER A 92 1.84 1.65 -5.80
N ASP A 93 2.68 0.70 -6.22
CA ASP A 93 2.31 -0.27 -7.25
C ASP A 93 1.63 -1.50 -6.67
N SER A 94 1.46 -1.57 -5.36
CA SER A 94 0.57 -2.55 -4.75
C SER A 94 -0.87 -2.05 -4.81
N GLY A 95 -1.81 -2.94 -4.53
CA GLY A 95 -3.19 -2.52 -4.47
C GLY A 95 -3.54 -1.93 -3.13
N ARG A 96 -2.63 -1.12 -2.57
CA ARG A 96 -2.78 -0.66 -1.21
C ARG A 96 -2.40 0.82 -1.10
N ILE A 97 -3.05 1.50 -0.17
CA ILE A 97 -2.70 2.85 0.23
C ILE A 97 -2.11 2.77 1.64
N VAL A 98 -1.06 3.57 1.87
CA VAL A 98 -0.34 3.56 3.13
C VAL A 98 -0.19 5.00 3.63
N ILE A 99 -0.39 5.17 4.92
CA ILE A 99 -0.16 6.44 5.61
C ILE A 99 0.87 6.19 6.70
N LEU A 100 1.94 6.97 6.69
CA LEU A 100 3.11 6.79 7.53
C LEU A 100 3.33 8.04 8.38
N GLU A 101 3.91 7.83 9.55
CA GLU A 101 4.32 8.91 10.45
C GLU A 101 5.81 8.76 10.75
N TYR A 102 6.55 9.85 10.62
CA TYR A 102 7.97 9.82 10.95
C TYR A 102 8.16 9.99 12.45
N GLN A 103 9.00 9.13 13.04
CA GLN A 103 9.31 9.20 14.46
C GLN A 103 10.76 9.63 14.63
N PRO A 104 11.03 10.85 15.09
CA PRO A 104 12.43 11.30 15.18
C PRO A 104 13.25 10.55 16.22
N SER A 105 12.63 10.06 17.29
CA SER A 105 13.37 9.35 18.32
C SER A 105 13.97 8.06 17.76
N LYS A 106 13.12 7.19 17.20
CA LYS A 106 13.57 5.94 16.62
C LYS A 106 14.17 6.10 15.22
N ASN A 107 13.96 7.25 14.58
CA ASN A 107 14.44 7.53 13.22
C ASN A 107 13.96 6.46 12.23
N MET A 108 12.64 6.39 12.08
CA MET A 108 12.02 5.39 11.22
C MET A 108 10.71 5.95 10.67
N PHE A 109 10.16 5.24 9.69
CA PHE A 109 8.82 5.53 9.18
C PHE A 109 7.88 4.49 9.78
N GLU A 110 7.07 4.91 10.76
CA GLU A 110 6.08 4.02 11.32
C GLU A 110 4.87 3.96 10.39
N LYS A 111 4.48 2.75 10.01
CA LYS A 111 3.30 2.57 9.16
C LYS A 111 2.07 2.70 10.04
N ILE A 112 1.38 3.84 9.93
CA ILE A 112 0.19 4.07 10.74
C ILE A 112 -1.02 3.35 10.16
N HIS A 113 -1.21 3.42 8.85
CA HIS A 113 -2.37 2.79 8.21
C HIS A 113 -1.98 2.16 6.89
N GLN A 114 -2.60 1.02 6.60
CA GLN A 114 -2.40 0.30 5.34
C GLN A 114 -3.72 -0.34 4.95
N GLU A 115 -4.32 0.12 3.87
CA GLU A 115 -5.63 -0.37 3.44
C GLU A 115 -5.55 -0.86 2.00
N THR A 116 -6.22 -1.99 1.74
CA THR A 116 -6.10 -2.70 0.48
C THR A 116 -7.36 -2.47 -0.36
N PHE A 117 -7.17 -2.31 -1.66
CA PHE A 117 -8.31 -2.10 -2.55
C PHE A 117 -8.23 -2.84 -3.87
N GLY A 118 -7.05 -3.05 -4.44
CA GLY A 118 -6.93 -3.71 -5.72
C GLY A 118 -5.75 -4.65 -5.81
N LYS A 119 -5.37 -5.04 -7.02
CA LYS A 119 -4.26 -5.95 -7.26
C LYS A 119 -2.97 -5.16 -7.47
N SER A 120 -1.87 -5.89 -7.57
CA SER A 120 -0.55 -5.26 -7.60
C SER A 120 -0.15 -4.92 -9.04
N GLY A 121 0.86 -4.06 -9.13
CA GLY A 121 1.38 -3.61 -10.41
C GLY A 121 0.93 -2.21 -10.76
N CYS A 122 1.68 -1.58 -11.66
CA CYS A 122 1.30 -0.29 -12.24
C CYS A 122 0.19 -0.51 -13.26
N ARG A 123 -1.01 -0.73 -12.73
CA ARG A 123 -2.14 -1.16 -13.55
C ARG A 123 -2.90 0.05 -14.12
N ARG A 124 -3.80 -0.25 -15.06
CA ARG A 124 -4.50 0.80 -15.80
C ARG A 124 -5.71 1.31 -15.03
N ILE A 125 -6.45 0.41 -14.39
CA ILE A 125 -7.70 0.77 -13.71
C ILE A 125 -7.61 0.58 -12.21
N VAL A 126 -6.45 0.26 -11.66
CA VAL A 126 -6.28 0.07 -10.22
C VAL A 126 -5.67 1.35 -9.65
N PRO A 127 -6.28 1.93 -8.62
CA PRO A 127 -5.78 3.20 -8.08
C PRO A 127 -4.34 3.09 -7.60
N GLY A 128 -3.66 4.23 -7.62
CA GLY A 128 -2.30 4.33 -7.13
C GLY A 128 -1.54 5.46 -7.79
N GLN A 129 -1.86 5.74 -9.05
CA GLN A 129 -1.07 6.70 -9.81
C GLN A 129 -1.26 8.12 -9.29
N PHE A 130 -2.49 8.50 -8.95
CA PHE A 130 -2.79 9.86 -8.53
C PHE A 130 -3.23 9.89 -7.08
N LEU A 131 -2.76 10.88 -6.34
CA LEU A 131 -3.07 11.06 -4.93
C LEU A 131 -3.45 12.51 -4.69
N ALA A 132 -4.54 12.74 -3.97
CA ALA A 132 -4.98 14.10 -3.71
C ALA A 132 -5.65 14.15 -2.34
N VAL A 133 -5.21 15.07 -1.49
CA VAL A 133 -5.73 15.16 -0.13
C VAL A 133 -6.47 16.49 0.04
N ASP A 134 -7.49 16.48 0.90
CA ASP A 134 -8.20 17.70 1.25
C ASP A 134 -7.30 18.61 2.08
N PRO A 135 -7.29 19.91 1.79
CA PRO A 135 -6.34 20.80 2.47
C PRO A 135 -6.49 20.86 3.98
N LYS A 136 -7.64 20.45 4.52
CA LYS A 136 -7.83 20.38 5.96
C LYS A 136 -7.55 18.98 6.52
N GLY A 137 -7.17 18.04 5.66
CA GLY A 137 -6.79 16.72 6.12
C GLY A 137 -7.93 15.80 6.46
N ARG A 138 -9.15 16.13 6.03
CA ARG A 138 -10.32 15.34 6.41
C ARG A 138 -10.51 14.12 5.53
N ALA A 139 -9.92 14.08 4.34
CA ALA A 139 -10.09 12.95 3.45
C ALA A 139 -8.96 12.92 2.43
N VAL A 140 -8.74 11.73 1.87
CA VAL A 140 -7.73 11.53 0.84
C VAL A 140 -8.37 10.73 -0.28
N MET A 141 -7.90 10.95 -1.51
CA MET A 141 -8.42 10.28 -2.70
C MET A 141 -7.27 9.70 -3.49
N ILE A 142 -7.33 8.40 -3.73
CA ILE A 142 -6.36 7.69 -4.56
C ILE A 142 -7.07 7.27 -5.83
N SER A 143 -6.46 7.58 -6.98
CA SER A 143 -7.12 7.44 -8.26
C SER A 143 -6.19 6.77 -9.26
N ALA A 144 -6.80 5.96 -10.13
CA ALA A 144 -6.11 5.35 -11.26
C ALA A 144 -6.14 6.31 -12.45
N ILE A 145 -5.47 5.91 -13.53
CA ILE A 145 -5.54 6.70 -14.76
C ILE A 145 -6.83 6.43 -15.51
N GLU A 146 -7.55 5.35 -15.19
CA GLU A 146 -8.81 5.04 -15.86
C GLU A 146 -9.84 4.52 -14.88
N LYS A 147 -11.06 5.04 -15.00
CA LYS A 147 -12.27 4.52 -14.35
C LYS A 147 -12.26 4.70 -12.84
N GLN A 148 -11.48 3.89 -12.13
CA GLN A 148 -11.65 3.75 -10.69
C GLN A 148 -11.02 4.89 -9.91
N LYS A 149 -11.74 5.35 -8.88
CA LYS A 149 -11.28 6.37 -7.94
C LYS A 149 -11.83 6.00 -6.56
N LEU A 150 -11.02 6.17 -5.52
CA LEU A 150 -11.42 5.79 -4.17
C LEU A 150 -11.09 6.89 -3.17
N VAL A 151 -11.98 7.09 -2.21
CA VAL A 151 -11.86 8.17 -1.23
C VAL A 151 -11.94 7.56 0.16
N TYR A 152 -10.93 7.84 0.99
CA TYR A 152 -10.89 7.43 2.38
C TYR A 152 -11.06 8.65 3.28
N ILE A 153 -11.84 8.49 4.34
CA ILE A 153 -12.10 9.57 5.27
C ILE A 153 -11.17 9.42 6.47
N LEU A 154 -10.46 10.48 6.81
CA LEU A 154 -9.48 10.48 7.87
C LEU A 154 -10.02 11.22 9.09
N ASN A 155 -9.74 10.69 10.27
CA ASN A 155 -10.16 11.32 11.52
C ASN A 155 -9.14 11.02 12.59
N ARG A 156 -9.42 11.45 13.82
CA ARG A 156 -8.63 11.08 14.99
C ARG A 156 -9.56 10.45 16.03
N ASP A 157 -8.96 9.89 17.07
CA ASP A 157 -9.73 9.26 18.14
C ASP A 157 -9.45 9.92 19.48
N ALA A 158 -9.83 9.27 20.58
CA ALA A 158 -9.62 9.87 21.90
C ALA A 158 -8.13 10.07 22.16
N ALA A 159 -7.29 9.13 21.73
CA ALA A 159 -5.85 9.18 21.97
C ALA A 159 -5.10 9.96 20.90
N ALA A 160 -5.81 10.70 20.05
CA ALA A 160 -5.21 11.53 19.00
C ALA A 160 -4.41 10.69 18.01
N ARG A 161 -4.89 9.49 17.72
CA ARG A 161 -4.29 8.63 16.71
C ARG A 161 -5.14 8.65 15.45
N LEU A 162 -4.47 8.68 14.30
CA LEU A 162 -5.16 8.78 13.03
C LEU A 162 -5.97 7.51 12.77
N THR A 163 -7.17 7.70 12.21
CA THR A 163 -8.08 6.61 11.88
C THR A 163 -8.55 6.77 10.45
N ILE A 164 -8.64 5.65 9.74
CA ILE A 164 -9.07 5.62 8.34
C ILE A 164 -10.36 4.83 8.25
N SER A 165 -11.17 5.16 7.25
CA SER A 165 -12.49 4.57 7.06
C SER A 165 -12.47 3.59 5.89
N SER A 166 -13.64 3.11 5.52
CA SER A 166 -13.76 2.27 4.34
C SER A 166 -13.75 3.13 3.08
N PRO A 167 -13.36 2.57 1.93
CA PRO A 167 -13.28 3.38 0.72
C PRO A 167 -14.66 3.65 0.15
N LEU A 168 -14.81 4.82 -0.45
CA LEU A 168 -16.05 5.24 -1.09
C LEU A 168 -15.84 5.29 -2.60
N GLU A 169 -16.73 4.62 -3.34
CA GLU A 169 -16.54 4.44 -4.77
C GLU A 169 -16.90 5.70 -5.54
N ALA A 170 -15.97 6.20 -6.33
CA ALA A 170 -16.16 7.33 -7.23
C ALA A 170 -15.76 6.97 -8.65
N HIS A 171 -16.14 5.78 -9.11
CA HIS A 171 -15.72 5.31 -10.40
C HIS A 171 -16.60 5.89 -11.50
N LYS A 172 -16.05 5.93 -12.72
CA LYS A 172 -16.80 6.35 -13.90
C LYS A 172 -16.16 5.69 -15.11
N ALA A 173 -16.89 4.78 -15.76
CA ALA A 173 -16.32 3.98 -16.83
C ALA A 173 -15.84 4.85 -17.99
N ASN A 174 -14.89 4.32 -18.76
CA ASN A 174 -14.39 4.94 -19.98
C ASN A 174 -13.81 6.33 -19.77
N THR A 175 -13.41 6.66 -18.55
CA THR A 175 -12.91 7.99 -18.21
C THR A 175 -11.42 7.90 -17.91
N LEU A 176 -10.61 8.68 -18.63
CA LEU A 176 -9.19 8.78 -18.35
C LEU A 176 -8.92 10.01 -17.49
N VAL A 177 -7.85 9.95 -16.71
CA VAL A 177 -7.52 11.00 -15.75
C VAL A 177 -6.15 11.57 -16.06
N TYR A 178 -6.06 12.89 -16.20
CA TYR A 178 -4.78 13.54 -16.42
C TYR A 178 -4.13 13.98 -15.11
N HIS A 179 -4.94 14.37 -14.12
CA HIS A 179 -4.45 14.83 -12.83
C HIS A 179 -5.63 15.04 -11.90
N VAL A 180 -5.37 14.90 -10.61
CA VAL A 180 -6.36 15.10 -9.55
C VAL A 180 -5.73 15.93 -8.44
N VAL A 181 -6.51 16.84 -7.86
CA VAL A 181 -6.03 17.61 -6.73
C VAL A 181 -7.23 18.10 -5.91
N GLY A 182 -7.04 18.19 -4.60
CA GLY A 182 -8.12 18.64 -3.73
C GLY A 182 -8.28 20.14 -3.75
N VAL A 183 -9.51 20.58 -3.48
CA VAL A 183 -9.89 21.98 -3.56
C VAL A 183 -10.04 22.52 -2.13
N ASP A 184 -9.45 23.70 -1.88
CA ASP A 184 -9.53 24.35 -0.58
C ASP A 184 -10.91 25.00 -0.45
N VAL A 185 -11.89 24.21 -0.03
CA VAL A 185 -13.24 24.72 0.16
C VAL A 185 -13.45 25.02 1.63
N GLY A 186 -12.37 25.40 2.32
CA GLY A 186 -12.48 25.69 3.74
C GLY A 186 -12.86 24.46 4.52
N PHE A 187 -13.94 24.57 5.31
CA PHE A 187 -14.49 23.45 6.07
C PHE A 187 -15.85 23.02 5.53
N GLU A 188 -16.10 23.27 4.24
CA GLU A 188 -17.33 22.78 3.61
C GLU A 188 -17.18 21.30 3.29
N ASN A 189 -18.05 20.78 2.44
CA ASN A 189 -17.88 19.40 1.98
C ASN A 189 -16.62 19.31 1.12
N PRO A 190 -15.70 18.39 1.41
CA PRO A 190 -14.44 18.33 0.65
C PRO A 190 -14.69 18.04 -0.81
N MET A 191 -13.90 18.69 -1.66
CA MET A 191 -14.07 18.62 -3.11
C MET A 191 -12.75 18.25 -3.77
N PHE A 192 -12.84 17.48 -4.85
CA PHE A 192 -11.66 17.07 -5.60
C PHE A 192 -11.84 17.39 -7.07
N ALA A 193 -10.89 18.11 -7.64
CA ALA A 193 -10.91 18.49 -9.05
C ALA A 193 -10.08 17.52 -9.86
N CYS A 194 -10.61 17.12 -11.02
CA CYS A 194 -9.97 16.14 -11.89
C CYS A 194 -10.01 16.63 -13.34
N LEU A 195 -8.91 16.38 -14.05
CA LEU A 195 -8.82 16.63 -15.48
C LEU A 195 -9.13 15.32 -16.20
N GLU A 196 -10.36 15.19 -16.69
CA GLU A 196 -10.83 13.92 -17.22
C GLU A 196 -11.04 14.01 -18.72
N MET A 197 -11.25 12.84 -19.33
CA MET A 197 -11.60 12.75 -20.75
C MET A 197 -12.26 11.41 -21.01
N ASP A 198 -13.43 11.43 -21.65
CA ASP A 198 -14.19 10.22 -21.97
C ASP A 198 -13.87 9.77 -23.38
N TYR A 199 -13.48 8.51 -23.54
CA TYR A 199 -13.14 7.96 -24.84
C TYR A 199 -14.21 7.03 -25.40
N GLU A 200 -15.38 6.97 -24.75
CA GLU A 200 -16.44 6.07 -25.25
C GLU A 200 -16.90 6.47 -26.64
N GLU A 201 -16.98 7.78 -26.90
CA GLU A 201 -17.39 8.26 -28.22
C GLU A 201 -16.34 7.98 -29.28
N ALA A 202 -15.06 8.15 -28.94
CA ALA A 202 -14.00 8.01 -29.93
C ALA A 202 -13.84 6.56 -30.38
N ASP A 203 -14.19 5.59 -29.54
CA ASP A 203 -14.02 4.18 -29.91
C ASP A 203 -15.13 3.66 -30.83
N ASN A 204 -16.30 4.28 -30.82
CA ASN A 204 -17.44 3.81 -31.59
C ASN A 204 -17.66 4.59 -32.88
N ASP A 205 -16.70 5.41 -33.28
CA ASP A 205 -16.80 6.21 -34.49
C ASP A 205 -15.71 5.79 -35.47
N PRO A 206 -16.01 4.90 -36.43
CA PRO A 206 -14.95 4.41 -37.33
C PRO A 206 -14.41 5.44 -38.29
N THR A 207 -14.88 6.68 -38.25
CA THR A 207 -14.37 7.72 -39.13
C THR A 207 -13.29 8.58 -38.49
N GLY A 208 -13.21 8.59 -37.16
CA GLY A 208 -12.23 9.40 -36.47
C GLY A 208 -12.68 10.80 -36.10
N GLU A 209 -13.93 11.16 -36.42
CA GLU A 209 -14.43 12.48 -36.06
C GLU A 209 -14.55 12.62 -34.55
N ALA A 210 -15.07 11.59 -33.87
CA ALA A 210 -15.30 11.69 -32.44
C ALA A 210 -13.98 11.87 -31.68
N ALA A 211 -12.88 11.40 -32.26
CA ALA A 211 -11.58 11.56 -31.62
C ALA A 211 -11.23 13.05 -31.48
N ALA A 212 -11.28 13.79 -32.59
CA ALA A 212 -11.01 15.22 -32.51
C ALA A 212 -12.12 15.99 -31.84
N ASN A 213 -13.35 15.45 -31.82
CA ASN A 213 -14.46 16.15 -31.19
C ASN A 213 -14.45 16.01 -29.67
N THR A 214 -14.00 14.86 -29.15
CA THR A 214 -13.91 14.69 -27.71
C THR A 214 -12.90 15.68 -27.13
N GLN A 215 -13.27 16.27 -25.99
CA GLN A 215 -12.49 17.34 -25.39
C GLN A 215 -12.31 17.07 -23.90
N GLN A 216 -11.25 17.67 -23.34
CA GLN A 216 -10.93 17.49 -21.93
C GLN A 216 -11.92 18.27 -21.06
N THR A 217 -12.28 17.68 -19.92
CA THR A 217 -13.22 18.30 -19.00
C THR A 217 -12.56 18.50 -17.64
N LEU A 218 -12.97 19.56 -16.95
CA LEU A 218 -12.67 19.76 -15.54
C LEU A 218 -13.90 19.34 -14.75
N THR A 219 -13.74 18.34 -13.89
CA THR A 219 -14.86 17.80 -13.12
C THR A 219 -14.57 17.93 -11.64
N PHE A 220 -15.64 18.11 -10.87
CA PHE A 220 -15.55 18.27 -9.42
C PHE A 220 -16.34 17.15 -8.75
N TYR A 221 -15.68 16.49 -7.80
CA TYR A 221 -16.28 15.42 -7.01
C TYR A 221 -16.47 15.92 -5.58
N GLU A 222 -17.70 15.89 -5.11
CA GLU A 222 -18.02 16.36 -3.76
C GLU A 222 -18.25 15.18 -2.85
N LEU A 223 -17.63 15.21 -1.67
CA LEU A 223 -17.81 14.20 -0.65
C LEU A 223 -18.75 14.76 0.42
N ASP A 224 -19.98 14.25 0.44
CA ASP A 224 -20.93 14.62 1.48
C ASP A 224 -20.64 13.78 2.72
N LEU A 225 -20.18 14.44 3.78
CA LEU A 225 -19.91 13.76 5.05
C LEU A 225 -21.21 13.40 5.76
N GLY A 226 -22.16 14.34 5.83
CA GLY A 226 -23.43 14.05 6.46
C GLY A 226 -24.20 12.93 5.78
N LEU A 227 -24.04 12.80 4.46
CA LEU A 227 -24.63 11.69 3.72
C LEU A 227 -23.63 10.57 3.46
N ASN A 228 -22.33 10.85 3.60
CA ASN A 228 -21.27 9.84 3.47
C ASN A 228 -21.26 9.20 2.09
N HIS A 229 -21.07 10.04 1.07
CA HIS A 229 -20.94 9.51 -0.28
C HIS A 229 -20.35 10.57 -1.21
N VAL A 230 -19.81 10.11 -2.34
CA VAL A 230 -19.16 10.96 -3.33
C VAL A 230 -20.09 11.12 -4.52
N VAL A 231 -20.23 12.35 -4.99
CA VAL A 231 -21.12 12.67 -6.10
C VAL A 231 -20.37 13.51 -7.12
N ARG A 232 -20.69 13.29 -8.40
CA ARG A 232 -20.08 14.03 -9.50
C ARG A 232 -21.01 15.18 -9.86
N LYS A 233 -20.69 16.38 -9.37
CA LYS A 233 -21.55 17.54 -9.57
C LYS A 233 -21.27 18.26 -10.88
N TYR A 234 -20.22 19.08 -10.90
CA TYR A 234 -19.93 19.95 -12.02
C TYR A 234 -18.90 19.33 -12.96
N SER A 235 -19.14 19.46 -14.27
CA SER A 235 -18.22 18.94 -15.28
C SER A 235 -18.27 19.90 -16.46
N GLU A 236 -17.26 20.77 -16.57
CA GLU A 236 -17.25 21.74 -17.65
C GLU A 236 -16.18 21.39 -18.66
N PRO A 237 -16.50 21.36 -19.95
CA PRO A 237 -15.47 21.16 -20.98
C PRO A 237 -14.46 22.30 -20.96
N LEU A 238 -13.24 21.98 -21.39
CA LEU A 238 -12.17 22.96 -21.45
C LEU A 238 -11.83 23.27 -22.91
N GLU A 239 -11.32 24.48 -23.14
CA GLU A 239 -10.99 24.90 -24.49
C GLU A 239 -9.80 24.12 -25.04
N GLU A 240 -8.64 24.27 -24.41
CA GLU A 240 -7.45 23.51 -24.77
C GLU A 240 -7.08 22.55 -23.64
N HIS A 241 -6.34 21.51 -23.99
CA HIS A 241 -6.01 20.45 -23.05
C HIS A 241 -4.96 20.90 -22.05
N GLY A 242 -5.20 20.61 -20.77
CA GLY A 242 -4.28 20.98 -19.71
C GLY A 242 -3.54 19.77 -19.16
N ASN A 243 -2.31 20.00 -18.69
CA ASN A 243 -1.50 18.89 -18.21
C ASN A 243 -1.63 18.64 -16.72
N PHE A 244 -1.83 19.68 -15.90
CA PHE A 244 -2.05 19.45 -14.47
C PHE A 244 -2.80 20.63 -13.86
N LEU A 245 -3.10 20.48 -12.57
CA LEU A 245 -3.89 21.42 -11.79
C LEU A 245 -3.10 21.93 -10.61
N ILE A 246 -3.45 23.13 -10.15
CA ILE A 246 -2.89 23.71 -8.94
C ILE A 246 -4.04 24.12 -8.03
N THR A 247 -3.96 23.71 -6.76
CA THR A 247 -4.91 24.13 -5.75
C THR A 247 -4.59 25.56 -5.32
N VAL A 248 -5.55 26.46 -5.48
CA VAL A 248 -5.42 27.82 -4.97
C VAL A 248 -6.00 27.86 -3.56
N PRO A 249 -5.39 28.61 -2.64
CA PRO A 249 -5.91 28.64 -1.27
C PRO A 249 -7.32 29.20 -1.23
N GLY A 250 -8.14 28.62 -0.38
CA GLY A 250 -9.53 29.02 -0.25
C GLY A 250 -9.94 29.28 1.19
N GLY A 251 -11.24 29.31 1.44
CA GLY A 251 -11.72 29.54 2.80
C GLY A 251 -11.49 30.98 3.22
N SER A 252 -10.90 31.15 4.41
CA SER A 252 -10.70 32.49 4.96
C SER A 252 -9.52 33.22 4.33
N ASP A 253 -8.45 32.50 3.97
CA ASP A 253 -7.27 33.14 3.41
C ASP A 253 -7.04 32.85 1.93
N GLY A 254 -7.97 33.27 1.06
CA GLY A 254 -7.86 33.00 -0.35
C GLY A 254 -9.20 32.63 -0.97
N PRO A 255 -9.33 32.84 -2.28
CA PRO A 255 -10.54 32.39 -2.99
C PRO A 255 -10.43 30.98 -3.50
N SER A 256 -11.43 30.13 -3.22
CA SER A 256 -11.39 28.76 -3.70
C SER A 256 -11.41 28.72 -5.23
N GLY A 257 -10.82 27.67 -5.78
CA GLY A 257 -10.75 27.51 -7.22
C GLY A 257 -9.60 26.61 -7.60
N VAL A 258 -9.36 26.52 -8.91
CA VAL A 258 -8.29 25.71 -9.45
C VAL A 258 -7.59 26.46 -10.57
N LEU A 259 -6.30 26.14 -10.75
CA LEU A 259 -5.48 26.67 -11.84
C LEU A 259 -5.16 25.53 -12.80
N ILE A 260 -5.71 25.59 -14.00
CA ILE A 260 -5.43 24.62 -15.05
C ILE A 260 -4.20 25.10 -15.82
N CYS A 261 -3.14 24.30 -15.84
CA CYS A 261 -1.98 24.58 -16.66
C CYS A 261 -2.15 23.84 -17.99
N SER A 262 -2.11 24.56 -19.11
CA SER A 262 -2.32 23.96 -20.41
C SER A 262 -1.11 24.25 -21.30
N GLU A 263 -1.23 23.92 -22.57
CA GLU A 263 -0.21 24.27 -23.54
C GLU A 263 -0.41 25.72 -23.96
N ASN A 264 0.55 26.57 -23.64
CA ASN A 264 0.62 28.00 -23.96
C ASN A 264 -0.34 28.85 -23.13
N TYR A 265 -1.01 28.28 -22.13
CA TYR A 265 -1.97 29.05 -21.35
C TYR A 265 -2.02 28.55 -19.91
N ILE A 266 -2.50 29.42 -19.02
CA ILE A 266 -2.86 29.04 -17.66
C ILE A 266 -4.19 29.70 -17.32
N THR A 267 -5.15 28.91 -16.87
CA THR A 267 -6.49 29.38 -16.62
C THR A 267 -6.81 29.24 -15.13
N TYR A 268 -7.63 30.15 -14.62
CA TYR A 268 -8.24 30.05 -13.31
C TYR A 268 -9.73 29.81 -13.48
N LYS A 269 -10.27 28.83 -12.76
CA LYS A 269 -11.68 28.52 -12.86
C LYS A 269 -12.20 28.09 -11.49
N ASN A 270 -13.46 28.41 -11.23
CA ASN A 270 -14.13 28.05 -10.00
C ASN A 270 -15.61 27.84 -10.30
N PHE A 271 -16.25 27.01 -9.48
CA PHE A 271 -17.66 26.72 -9.67
C PHE A 271 -18.51 27.96 -9.38
N GLY A 272 -19.68 28.00 -10.00
CA GLY A 272 -20.59 29.11 -9.80
C GLY A 272 -20.39 30.21 -10.83
N ASP A 273 -20.79 31.42 -10.42
CA ASP A 273 -20.74 32.58 -11.31
C ASP A 273 -19.32 33.10 -11.54
N GLN A 274 -18.31 32.48 -10.95
CA GLN A 274 -16.93 32.89 -11.20
C GLN A 274 -16.59 32.81 -12.68
N PRO A 275 -16.23 33.92 -13.32
CA PRO A 275 -15.80 33.86 -14.72
C PRO A 275 -14.44 33.18 -14.85
N ASP A 276 -14.27 32.45 -15.94
CA ASP A 276 -13.00 31.82 -16.23
C ASP A 276 -11.99 32.87 -16.69
N ILE A 277 -10.80 32.85 -16.10
CA ILE A 277 -9.78 33.88 -16.37
C ILE A 277 -8.53 33.19 -16.88
N ARG A 278 -8.24 33.32 -18.17
CA ARG A 278 -7.06 32.70 -18.75
C ARG A 278 -6.01 33.76 -19.08
N CYS A 279 -4.74 33.32 -19.10
CA CYS A 279 -3.61 34.17 -19.40
C CYS A 279 -2.61 33.37 -20.22
N PRO A 280 -2.09 33.93 -21.31
CA PRO A 280 -1.09 33.20 -22.10
C PRO A 280 0.26 33.14 -21.41
N ILE A 281 0.97 32.06 -21.65
CA ILE A 281 2.28 31.86 -21.04
C ILE A 281 3.31 32.73 -21.76
N PRO A 282 4.09 33.53 -21.05
CA PRO A 282 5.09 34.41 -21.69
C PRO A 282 6.21 33.59 -22.32
N ARG A 283 6.31 33.67 -23.64
CA ARG A 283 7.39 32.99 -24.35
C ARG A 283 8.70 33.78 -24.22
N ARG A 284 9.80 33.12 -24.54
CA ARG A 284 11.11 33.73 -24.43
C ARG A 284 11.35 34.66 -25.62
N ARG A 285 11.96 35.82 -25.33
CA ARG A 285 12.28 36.76 -26.40
C ARG A 285 13.45 36.24 -27.21
N ASN A 286 13.32 36.28 -28.54
CA ASN A 286 14.30 35.70 -29.46
C ASN A 286 14.51 34.21 -29.16
N ASP A 287 13.41 33.49 -29.04
CA ASP A 287 13.47 32.06 -28.73
C ASP A 287 14.00 31.30 -29.93
N LEU A 288 15.10 30.57 -29.73
CA LEU A 288 15.74 29.84 -30.82
C LEU A 288 15.02 28.54 -31.14
N ASP A 289 13.98 28.19 -30.40
CA ASP A 289 13.28 26.93 -30.61
C ASP A 289 12.42 27.02 -31.87
N ASP A 290 11.61 25.99 -32.11
CA ASP A 290 10.73 25.91 -33.25
C ASP A 290 9.47 26.74 -32.99
N PRO A 291 9.04 27.56 -33.95
CA PRO A 291 7.82 28.35 -33.72
C PRO A 291 6.57 27.51 -33.56
N GLU A 292 6.55 26.31 -34.16
CA GLU A 292 5.41 25.41 -34.05
C GLU A 292 5.39 24.64 -32.74
N ARG A 293 6.40 24.79 -31.90
CA ARG A 293 6.48 24.07 -30.63
C ARG A 293 5.77 24.86 -29.53
N GLY A 294 4.84 24.19 -28.85
CA GLY A 294 4.16 24.80 -27.72
C GLY A 294 5.04 24.88 -26.48
N MET A 295 4.45 25.38 -25.40
CA MET A 295 5.15 25.55 -24.13
C MET A 295 4.20 25.22 -22.98
N ILE A 296 4.62 24.31 -22.10
CA ILE A 296 3.82 23.87 -20.97
C ILE A 296 4.62 24.00 -19.69
N PHE A 297 3.92 23.92 -18.57
CA PHE A 297 4.55 23.91 -17.24
C PHE A 297 4.85 22.48 -16.82
N VAL A 298 6.02 22.29 -16.22
CA VAL A 298 6.48 20.97 -15.83
C VAL A 298 6.21 20.64 -14.35
N CYS A 299 6.10 21.65 -13.49
CA CYS A 299 5.80 21.44 -12.09
C CYS A 299 5.36 22.78 -11.50
N SER A 300 4.97 22.74 -10.22
CA SER A 300 4.50 23.94 -9.55
C SER A 300 4.78 23.84 -8.05
N ALA A 301 4.68 24.98 -7.37
CA ALA A 301 4.83 25.02 -5.93
C ALA A 301 3.87 26.05 -5.37
N THR A 302 3.58 25.93 -4.07
CA THR A 302 2.67 26.86 -3.40
C THR A 302 3.26 27.22 -2.05
N HIS A 303 3.23 28.51 -1.72
CA HIS A 303 3.74 29.01 -0.45
C HIS A 303 2.71 29.97 0.13
N LYS A 304 2.17 29.62 1.30
CA LYS A 304 1.14 30.42 1.95
C LYS A 304 1.72 31.13 3.17
N THR A 305 1.40 32.41 3.30
CA THR A 305 1.74 33.22 4.46
C THR A 305 0.46 33.82 5.01
N LYS A 306 0.51 34.28 6.26
CA LYS A 306 -0.64 34.97 6.83
C LYS A 306 -0.99 36.22 6.04
N SER A 307 -0.01 36.80 5.35
CA SER A 307 -0.21 38.02 4.56
C SER A 307 -0.73 37.71 3.16
N MET A 308 0.03 36.94 2.37
CA MET A 308 -0.28 36.71 0.97
C MET A 308 -0.04 35.23 0.64
N PHE A 309 -0.07 34.93 -0.65
CA PHE A 309 0.31 33.63 -1.17
C PHE A 309 0.65 33.78 -2.65
N PHE A 310 1.61 32.98 -3.11
CA PHE A 310 2.03 33.01 -4.50
C PHE A 310 2.32 31.58 -4.97
N PHE A 311 2.42 31.42 -6.28
CA PHE A 311 2.77 30.15 -6.88
C PHE A 311 4.04 30.30 -7.70
N LEU A 312 4.80 29.22 -7.80
CA LEU A 312 5.99 29.17 -8.65
C LEU A 312 5.76 28.10 -9.70
N ALA A 313 5.80 28.50 -10.97
CA ALA A 313 5.54 27.59 -12.07
C ALA A 313 6.72 27.62 -13.04
N GLN A 314 7.26 26.44 -13.36
CA GLN A 314 8.43 26.34 -14.22
C GLN A 314 8.01 25.82 -15.60
N THR A 315 8.60 26.40 -16.63
CA THR A 315 8.30 26.02 -18.01
C THR A 315 9.26 24.92 -18.48
N GLU A 316 9.06 24.47 -19.72
CA GLU A 316 9.95 23.47 -20.29
C GLU A 316 11.38 23.99 -20.40
N GLN A 317 11.54 25.28 -20.70
CA GLN A 317 12.86 25.87 -20.84
C GLN A 317 13.51 26.17 -19.49
N GLY A 318 12.86 25.79 -18.39
CA GLY A 318 13.44 26.00 -17.07
C GLY A 318 13.14 27.33 -16.43
N ASP A 319 12.33 28.18 -17.07
CA ASP A 319 12.02 29.50 -16.53
C ASP A 319 10.96 29.37 -15.44
N ILE A 320 11.28 29.85 -14.24
CA ILE A 320 10.37 29.86 -13.12
C ILE A 320 9.71 31.24 -13.06
N PHE A 321 8.38 31.25 -13.10
CA PHE A 321 7.55 32.44 -12.98
C PHE A 321 6.83 32.43 -11.63
N LYS A 322 6.72 33.62 -11.03
CA LYS A 322 5.89 33.83 -9.86
C LYS A 322 4.49 34.27 -10.31
N ILE A 323 3.48 33.65 -9.72
CA ILE A 323 2.09 33.85 -10.11
C ILE A 323 1.30 34.30 -8.88
N THR A 324 0.62 35.43 -8.99
CA THR A 324 -0.24 35.95 -7.94
C THR A 324 -1.65 36.10 -8.48
N LEU A 325 -2.63 36.04 -7.57
CA LEU A 325 -4.03 36.15 -7.94
C LEU A 325 -4.62 37.39 -7.29
N GLU A 326 -5.15 38.30 -8.11
CA GLU A 326 -5.80 39.51 -7.63
C GLU A 326 -7.31 39.29 -7.61
N THR A 327 -7.93 39.60 -6.46
CA THR A 327 -9.32 39.25 -6.24
C THR A 327 -10.14 40.47 -5.84
N ASP A 328 -11.32 40.61 -6.43
CA ASP A 328 -12.30 41.62 -6.05
C ASP A 328 -13.37 40.94 -5.20
N GLU A 329 -13.30 41.13 -3.88
CA GLU A 329 -14.23 40.53 -2.91
C GLU A 329 -14.12 39.00 -3.04
N ASP A 330 -15.21 38.30 -3.35
CA ASP A 330 -15.19 36.85 -3.52
C ASP A 330 -14.55 36.42 -4.85
N MET A 331 -14.86 37.10 -5.96
CA MET A 331 -14.36 36.74 -7.28
C MET A 331 -12.90 37.17 -7.48
N VAL A 332 -12.28 36.61 -8.52
CA VAL A 332 -10.90 36.90 -8.89
C VAL A 332 -10.92 37.78 -10.12
N THR A 333 -10.16 38.88 -10.09
CA THR A 333 -10.14 39.83 -11.19
C THR A 333 -9.21 39.36 -12.30
N GLU A 334 -7.95 39.08 -11.96
CA GLU A 334 -6.92 38.89 -12.97
C GLU A 334 -5.83 37.99 -12.40
N ILE A 335 -5.02 37.44 -13.31
CA ILE A 335 -3.84 36.66 -12.95
C ILE A 335 -2.61 37.49 -13.31
N ARG A 336 -1.63 37.51 -12.41
CA ARG A 336 -0.41 38.28 -12.59
C ARG A 336 0.79 37.35 -12.55
N LEU A 337 1.69 37.51 -13.52
CA LEU A 337 2.83 36.64 -13.71
C LEU A 337 4.07 37.47 -14.01
N LYS A 338 5.18 37.12 -13.37
CA LYS A 338 6.44 37.82 -13.63
C LYS A 338 7.58 36.80 -13.55
N TYR A 339 8.62 37.07 -14.33
CA TYR A 339 9.77 36.18 -14.45
C TYR A 339 10.55 36.16 -13.13
N PHE A 340 10.56 35.00 -12.47
CA PHE A 340 11.33 34.86 -11.23
C PHE A 340 12.79 34.55 -11.52
N ASP A 341 13.06 33.38 -12.09
CA ASP A 341 14.45 32.98 -12.33
C ASP A 341 14.50 31.85 -13.35
N THR A 342 15.67 31.19 -13.45
CA THR A 342 15.88 30.09 -14.41
C THR A 342 16.74 29.03 -13.73
N VAL A 343 16.14 27.88 -13.46
CA VAL A 343 16.86 26.72 -12.94
C VAL A 343 16.61 25.56 -13.90
N PRO A 344 17.42 24.50 -13.82
CA PRO A 344 17.19 23.34 -14.69
C PRO A 344 15.79 22.75 -14.52
N VAL A 345 15.33 22.04 -15.55
CA VAL A 345 13.99 21.48 -15.56
C VAL A 345 13.85 20.53 -14.38
N ALA A 346 12.85 20.80 -13.52
CA ALA A 346 12.68 20.06 -12.28
C ALA A 346 11.41 19.22 -12.32
N ALA A 347 11.39 18.17 -11.51
CA ALA A 347 10.19 17.37 -11.34
C ALA A 347 9.34 17.83 -10.16
N ALA A 348 9.94 18.52 -9.20
CA ALA A 348 9.20 19.01 -8.03
C ALA A 348 9.96 20.19 -7.44
N MET A 349 9.20 21.17 -6.94
CA MET A 349 9.77 22.34 -6.27
C MET A 349 9.09 22.52 -4.92
N CYS A 350 9.88 22.87 -3.91
CA CYS A 350 9.38 23.06 -2.56
C CYS A 350 9.81 24.43 -2.06
N VAL A 351 8.85 25.28 -1.72
CA VAL A 351 9.13 26.60 -1.18
C VAL A 351 9.01 26.48 0.34
N LEU A 352 10.14 26.37 1.02
CA LEU A 352 10.14 26.23 2.47
C LEU A 352 9.92 27.57 3.14
N LYS A 353 9.40 27.52 4.36
CA LYS A 353 9.45 28.69 5.21
C LYS A 353 10.90 28.97 5.59
N THR A 354 11.11 30.11 6.26
CA THR A 354 12.44 30.59 6.62
C THR A 354 13.32 30.85 5.40
N GLY A 355 12.72 30.93 4.22
CA GLY A 355 13.39 31.43 3.04
C GLY A 355 14.39 30.51 2.36
N PHE A 356 13.90 29.42 1.77
CA PHE A 356 14.74 28.50 1.01
C PHE A 356 13.89 27.80 -0.04
N LEU A 357 14.50 27.55 -1.21
CA LEU A 357 13.83 26.85 -2.30
C LEU A 357 14.63 25.59 -2.63
N PHE A 358 13.93 24.47 -2.76
CA PHE A 358 14.56 23.20 -3.09
C PHE A 358 14.11 22.77 -4.48
N VAL A 359 15.08 22.54 -5.37
CA VAL A 359 14.81 22.16 -6.75
C VAL A 359 15.33 20.75 -6.95
N ALA A 360 14.41 19.82 -7.21
CA ALA A 360 14.72 18.43 -7.52
C ALA A 360 14.63 18.29 -9.03
N SER A 361 15.80 18.31 -9.69
CA SER A 361 15.87 18.24 -11.14
C SER A 361 15.36 16.90 -11.65
N GLU A 362 14.70 16.92 -12.81
CA GLU A 362 14.26 15.66 -13.41
C GLU A 362 15.45 14.79 -13.82
N PHE A 363 16.59 15.40 -14.12
CA PHE A 363 17.83 14.67 -14.36
C PHE A 363 18.98 15.52 -13.87
N GLY A 364 20.08 14.87 -13.53
CA GLY A 364 21.25 15.58 -13.08
C GLY A 364 21.19 15.92 -11.61
N ASN A 365 22.15 16.74 -11.18
CA ASN A 365 22.26 17.12 -9.78
C ASN A 365 21.04 17.91 -9.32
N HIS A 366 20.87 18.00 -8.01
CA HIS A 366 19.79 18.73 -7.39
C HIS A 366 20.33 19.96 -6.69
N TYR A 367 19.45 20.93 -6.42
CA TYR A 367 19.90 22.23 -5.95
C TYR A 367 19.05 22.72 -4.78
N LEU A 368 19.71 23.45 -3.87
CA LEU A 368 19.04 24.18 -2.80
C LEU A 368 19.51 25.63 -2.87
N TYR A 369 18.56 26.54 -3.10
CA TYR A 369 18.80 27.96 -3.24
C TYR A 369 18.25 28.69 -2.02
N GLN A 370 18.88 29.82 -1.69
CA GLN A 370 18.34 30.76 -0.72
C GLN A 370 17.61 31.87 -1.45
N ILE A 371 16.35 32.10 -1.10
CA ILE A 371 15.63 33.23 -1.66
C ILE A 371 16.15 34.51 -1.00
N ALA A 372 16.59 35.46 -1.83
CA ALA A 372 17.14 36.72 -1.36
C ALA A 372 16.18 37.88 -1.56
N HIS A 373 15.63 38.03 -2.76
CA HIS A 373 14.63 39.04 -3.05
C HIS A 373 13.47 38.37 -3.76
N LEU A 374 12.29 38.37 -3.13
CA LEU A 374 11.10 37.80 -3.77
C LEU A 374 10.79 38.52 -5.07
N GLY A 375 11.17 39.79 -5.18
CA GLY A 375 10.83 40.60 -6.32
C GLY A 375 10.27 41.94 -5.87
N ASP A 376 9.12 42.33 -6.45
CA ASP A 376 8.40 43.53 -6.02
C ASP A 376 9.22 44.79 -6.24
N ASP A 377 10.37 44.90 -5.59
CA ASP A 377 11.28 46.01 -5.85
C ASP A 377 12.13 45.74 -7.09
N ASP A 378 11.46 45.43 -8.20
CA ASP A 378 12.13 45.14 -9.47
C ASP A 378 11.53 46.00 -10.57
N GLU A 379 12.39 46.48 -11.47
CA GLU A 379 11.93 47.16 -12.67
C GLU A 379 11.47 46.20 -13.76
N GLU A 380 11.49 44.90 -13.47
CA GLU A 380 11.20 43.91 -14.49
C GLU A 380 9.70 43.90 -14.80
N PRO A 381 9.34 43.71 -16.07
CA PRO A 381 7.92 43.80 -16.45
C PRO A 381 7.08 42.69 -15.83
N GLU A 382 5.94 43.07 -15.25
CA GLU A 382 4.95 42.13 -14.76
C GLU A 382 3.79 42.06 -15.75
N PHE A 383 3.32 40.85 -16.02
CA PHE A 383 2.29 40.61 -17.01
C PHE A 383 0.98 40.24 -16.32
N SER A 384 -0.13 40.48 -17.00
CA SER A 384 -1.45 40.26 -16.42
C SER A 384 -2.38 39.69 -17.47
N SER A 385 -3.45 39.05 -17.00
CA SER A 385 -4.47 38.49 -17.88
C SER A 385 -5.39 39.55 -18.47
N ALA A 386 -5.31 40.79 -18.00
CA ALA A 386 -6.13 41.88 -18.51
C ALA A 386 -5.45 42.71 -19.58
N MET A 387 -4.13 42.61 -19.71
CA MET A 387 -3.39 43.37 -20.72
C MET A 387 -3.80 42.90 -22.11
N PRO A 388 -4.28 43.80 -22.98
CA PRO A 388 -4.80 43.37 -24.28
C PRO A 388 -3.69 42.82 -25.17
N LEU A 389 -4.08 41.89 -26.04
CA LEU A 389 -3.14 41.25 -26.95
C LEU A 389 -3.92 40.62 -28.09
N GLU A 390 -3.43 40.82 -29.32
CA GLU A 390 -4.07 40.23 -30.48
C GLU A 390 -4.04 38.71 -30.39
N GLU A 391 -4.91 38.07 -31.17
CA GLU A 391 -4.98 36.60 -31.14
C GLU A 391 -3.65 35.97 -31.54
N GLY A 392 -2.90 36.62 -32.42
CA GLY A 392 -1.66 36.04 -32.90
C GLY A 392 -0.48 36.26 -31.99
N ASP A 393 -0.45 37.38 -31.26
CA ASP A 393 0.71 37.77 -30.48
C ASP A 393 0.60 37.24 -29.04
N THR A 394 1.74 37.25 -28.36
CA THR A 394 1.85 36.84 -26.97
C THR A 394 2.83 37.78 -26.27
N PHE A 395 3.01 37.55 -24.97
CA PHE A 395 3.98 38.31 -24.18
C PHE A 395 5.40 37.82 -24.50
N PHE A 396 6.39 38.57 -24.01
CA PHE A 396 7.79 38.22 -24.23
C PHE A 396 8.63 38.73 -23.07
N PHE A 397 9.72 38.02 -22.79
CA PHE A 397 10.65 38.39 -21.73
C PHE A 397 12.04 37.90 -22.12
N GLN A 398 13.06 38.51 -21.52
CA GLN A 398 14.42 38.11 -21.83
C GLN A 398 15.05 37.42 -20.63
N PRO A 399 15.60 36.21 -20.82
CA PRO A 399 16.29 35.53 -19.72
C PRO A 399 17.57 36.26 -19.33
N ARG A 400 17.93 36.08 -18.07
CA ARG A 400 19.08 36.79 -17.50
C ARG A 400 19.67 35.92 -16.41
N PRO A 401 20.92 36.16 -16.01
CA PRO A 401 21.49 35.39 -14.91
C PRO A 401 20.67 35.53 -13.64
N LEU A 402 20.86 34.56 -12.73
CA LEU A 402 20.22 34.55 -11.43
C LEU A 402 20.24 35.91 -10.74
N LYS A 403 19.10 36.30 -10.19
CA LYS A 403 18.91 37.55 -9.45
C LYS A 403 18.24 37.34 -8.10
N ASN A 404 17.22 36.49 -8.02
CA ASN A 404 16.40 36.33 -6.83
C ASN A 404 16.79 35.15 -5.96
N LEU A 405 17.61 34.23 -6.46
CA LEU A 405 18.03 33.06 -5.73
C LEU A 405 19.56 33.02 -5.67
N VAL A 406 20.09 32.33 -4.66
CA VAL A 406 21.53 32.14 -4.54
C VAL A 406 21.80 30.69 -4.16
N LEU A 407 22.74 30.06 -4.87
CA LEU A 407 23.05 28.65 -4.66
C LEU A 407 23.70 28.46 -3.29
N VAL A 408 23.03 27.74 -2.41
CA VAL A 408 23.60 27.42 -1.11
C VAL A 408 23.99 25.94 -0.98
N ASP A 409 23.41 25.04 -1.77
CA ASP A 409 23.89 23.66 -1.75
C ASP A 409 23.58 22.98 -3.08
N GLU A 410 24.47 22.06 -3.46
CA GLU A 410 24.30 21.25 -4.66
C GLU A 410 24.48 19.78 -4.28
N LEU A 411 23.49 18.97 -4.63
CA LEU A 411 23.48 17.54 -4.30
C LEU A 411 23.83 16.73 -5.55
N ASP A 412 24.82 15.86 -5.43
CA ASP A 412 25.27 15.04 -6.55
C ASP A 412 24.25 13.96 -6.87
N SER A 413 23.93 13.82 -8.16
CA SER A 413 23.01 12.80 -8.64
C SER A 413 23.54 12.23 -9.95
N LEU A 414 23.66 10.91 -10.01
CA LEU A 414 24.21 10.23 -11.18
C LEU A 414 23.17 9.92 -12.24
N SER A 415 21.89 10.09 -11.94
CA SER A 415 20.86 9.84 -12.94
C SER A 415 20.92 10.91 -14.03
N PRO A 416 20.79 10.52 -15.31
CA PRO A 416 20.69 9.13 -15.73
C PRO A 416 22.01 8.55 -16.26
N ILE A 417 22.37 7.36 -15.82
CA ILE A 417 23.60 6.70 -16.27
C ILE A 417 23.33 5.95 -17.56
N LEU A 418 24.02 6.36 -18.63
CA LEU A 418 23.84 5.71 -19.92
C LEU A 418 24.96 4.75 -20.30
N PHE A 419 26.14 4.89 -19.70
CA PHE A 419 27.16 3.87 -19.93
C PHE A 419 28.13 3.87 -18.76
N CYS A 420 28.81 2.74 -18.56
CA CYS A 420 29.77 2.63 -17.47
C CYS A 420 30.86 1.63 -17.85
N GLN A 421 32.09 1.93 -17.44
CA GLN A 421 33.22 1.02 -17.58
C GLN A 421 34.02 1.01 -16.28
N ILE A 422 34.24 -0.16 -15.73
CA ILE A 422 34.98 -0.30 -14.48
C ILE A 422 36.39 -0.75 -14.85
N ALA A 423 37.38 0.11 -14.62
CA ALA A 423 38.75 -0.20 -14.99
C ALA A 423 39.69 0.74 -14.26
N ASP A 424 40.95 0.33 -14.17
CA ASP A 424 41.97 1.09 -13.47
C ASP A 424 42.80 1.88 -14.50
N LEU A 425 42.21 2.99 -14.97
CA LEU A 425 42.90 3.82 -15.95
C LEU A 425 44.01 4.66 -15.32
N ALA A 426 43.76 5.20 -14.14
CA ALA A 426 44.84 5.77 -13.35
C ALA A 426 45.74 4.65 -12.83
N ASN A 427 46.93 5.01 -12.38
CA ASN A 427 47.92 4.04 -11.90
C ASN A 427 47.68 3.62 -10.46
N GLU A 428 46.48 3.85 -9.92
CA GLU A 428 46.12 3.34 -8.61
C GLU A 428 45.98 1.82 -8.67
N ASP A 429 45.79 1.20 -7.51
CA ASP A 429 45.60 -0.24 -7.51
C ASP A 429 44.13 -0.61 -7.65
N THR A 430 43.26 0.12 -6.95
CA THR A 430 41.83 -0.18 -7.00
C THR A 430 41.23 0.37 -8.30
N PRO A 431 40.38 -0.41 -9.00
CA PRO A 431 39.78 0.11 -10.23
C PRO A 431 38.83 1.26 -9.94
N GLN A 432 38.64 2.10 -10.97
CA GLN A 432 37.75 3.25 -10.90
C GLN A 432 36.56 3.03 -11.82
N LEU A 433 35.42 3.61 -11.46
CA LEU A 433 34.21 3.50 -12.27
C LEU A 433 34.07 4.76 -13.11
N TYR A 434 34.16 4.61 -14.43
CA TYR A 434 34.00 5.72 -15.35
C TYR A 434 32.57 5.66 -15.89
N VAL A 435 31.76 6.65 -15.52
CA VAL A 435 30.32 6.65 -15.73
C VAL A 435 29.97 7.80 -16.65
N ALA A 436 29.49 7.48 -17.86
CA ALA A 436 28.94 8.46 -18.76
C ALA A 436 27.46 8.60 -18.45
N CYS A 437 27.08 9.74 -17.86
CA CYS A 437 25.71 9.96 -17.41
C CYS A 437 25.33 11.40 -17.73
N GLY A 438 24.22 11.85 -17.17
CA GLY A 438 23.70 13.18 -17.42
C GLY A 438 22.90 13.24 -18.71
N ARG A 439 22.26 14.39 -18.92
CA ARG A 439 21.39 14.57 -20.07
C ARG A 439 21.56 15.98 -20.64
N GLY A 440 21.64 16.05 -21.98
CA GLY A 440 21.74 17.32 -22.67
C GLY A 440 22.97 18.10 -22.29
N PRO A 441 22.82 19.43 -22.16
CA PRO A 441 23.97 20.26 -21.77
C PRO A 441 24.47 19.95 -20.37
N ARG A 442 23.68 19.26 -19.55
CA ARG A 442 24.05 18.89 -18.20
C ARG A 442 24.61 17.48 -18.11
N SER A 443 25.00 16.89 -19.23
CA SER A 443 25.65 15.59 -19.24
C SER A 443 27.06 15.69 -18.65
N SER A 444 27.61 14.55 -18.27
CA SER A 444 28.95 14.55 -17.67
C SER A 444 29.50 13.14 -17.67
N LEU A 445 30.83 13.05 -17.75
CA LEU A 445 31.55 11.83 -17.46
C LEU A 445 32.14 11.96 -16.06
N ARG A 446 31.80 11.03 -15.18
CA ARG A 446 32.23 11.10 -13.79
C ARG A 446 33.10 9.90 -13.44
N VAL A 447 34.22 10.18 -12.80
CA VAL A 447 35.13 9.17 -12.26
C VAL A 447 34.78 8.95 -10.80
N LEU A 448 34.35 7.74 -10.46
CA LEU A 448 33.95 7.38 -9.11
C LEU A 448 34.96 6.42 -8.50
N ARG A 449 35.34 6.69 -7.25
CA ARG A 449 36.34 5.93 -6.53
C ARG A 449 35.76 5.54 -5.17
N HIS A 450 36.42 4.59 -4.52
CA HIS A 450 35.98 4.08 -3.22
C HIS A 450 35.77 5.20 -2.20
N VAL A 465 29.36 7.08 -0.02
CA VAL A 465 29.83 5.71 -0.24
C VAL A 465 30.88 5.72 -1.36
N PHE A 466 30.67 6.60 -2.34
CA PHE A 466 31.58 6.78 -3.46
C PHE A 466 32.02 8.25 -3.52
N ASN A 467 33.19 8.47 -4.09
CA ASN A 467 33.71 9.82 -4.32
C ASN A 467 33.72 10.07 -5.83
N GLN A 468 33.08 11.17 -6.24
CA GLN A 468 32.87 11.45 -7.66
C GLN A 468 33.61 12.71 -8.09
N VAL A 469 34.20 12.64 -9.28
CA VAL A 469 34.77 13.80 -9.97
C VAL A 469 34.09 13.91 -11.32
N ALA A 470 33.61 15.11 -11.65
CA ALA A 470 32.74 15.31 -12.79
C ALA A 470 33.44 16.14 -13.86
N PHE A 471 33.39 15.67 -15.11
CA PHE A 471 33.86 16.42 -16.27
C PHE A 471 32.67 16.69 -17.17
N PRO A 472 32.34 17.95 -17.47
CA PRO A 472 31.13 18.24 -18.25
C PRO A 472 31.26 17.83 -19.71
N LEU A 473 30.14 17.40 -20.28
CA LEU A 473 30.03 17.04 -21.69
C LEU A 473 29.05 17.98 -22.38
N GLN A 474 28.98 17.86 -23.70
CA GLN A 474 28.18 18.76 -24.53
C GLN A 474 26.78 18.22 -24.82
N TYR A 475 26.66 16.94 -25.15
CA TYR A 475 25.37 16.31 -25.40
C TYR A 475 25.29 15.02 -24.59
N THR A 476 24.18 14.31 -24.76
CA THR A 476 23.95 13.10 -23.98
C THR A 476 24.86 11.97 -24.47
N PRO A 477 25.73 11.43 -23.62
CA PRO A 477 26.62 10.34 -24.08
C PRO A 477 25.84 9.05 -24.29
N ARG A 478 26.20 8.34 -25.35
CA ARG A 478 25.55 7.08 -25.70
C ARG A 478 26.41 5.87 -25.38
N LYS A 479 27.68 5.90 -25.77
CA LYS A 479 28.61 4.82 -25.46
C LYS A 479 30.01 5.37 -25.61
N PHE A 480 30.91 4.92 -24.75
CA PHE A 480 32.32 5.29 -24.87
C PHE A 480 33.18 4.03 -24.79
N VAL A 481 34.31 4.08 -25.48
CA VAL A 481 35.28 2.98 -25.51
C VAL A 481 36.64 3.52 -25.07
N ILE A 482 37.47 2.62 -24.55
CA ILE A 482 38.78 2.96 -24.01
C ILE A 482 39.86 2.49 -24.98
N HIS A 483 40.82 3.36 -25.25
CA HIS A 483 41.94 3.02 -26.12
C HIS A 483 43.00 2.27 -25.31
N PRO A 484 43.30 1.02 -25.66
CA PRO A 484 44.16 0.21 -24.78
C PRO A 484 45.57 0.77 -24.62
N GLU A 485 46.13 1.35 -25.67
CA GLU A 485 47.54 1.76 -25.62
C GLU A 485 47.69 3.09 -24.89
N SER A 486 46.75 4.01 -25.06
CA SER A 486 46.87 5.34 -24.47
C SER A 486 45.98 5.55 -23.25
N ASN A 487 45.10 4.60 -22.95
CA ASN A 487 44.18 4.66 -21.81
C ASN A 487 43.23 5.86 -21.89
N ASN A 488 43.05 6.45 -23.07
CA ASN A 488 42.14 7.58 -23.23
C ASN A 488 40.74 7.09 -23.59
N LEU A 489 39.78 8.01 -23.50
CA LEU A 489 38.37 7.69 -23.70
C LEU A 489 37.87 8.30 -25.01
N ILE A 490 37.12 7.49 -25.78
CA ILE A 490 36.51 7.93 -27.03
C ILE A 490 35.00 7.91 -26.82
N ILE A 491 34.41 9.08 -26.59
CA ILE A 491 33.00 9.19 -26.25
C ILE A 491 32.22 9.69 -27.46
N ILE A 492 30.98 9.23 -27.59
CA ILE A 492 30.04 9.78 -28.56
C ILE A 492 28.84 10.34 -27.81
N GLU A 493 28.46 11.56 -28.14
CA GLU A 493 27.34 12.24 -27.51
C GLU A 493 26.32 12.57 -28.59
N THR A 494 25.06 12.23 -28.33
CA THR A 494 24.01 12.40 -29.33
C THR A 494 22.72 12.77 -28.64
N ASP A 495 22.00 13.74 -29.22
CA ASP A 495 20.72 14.17 -28.69
C ASP A 495 19.75 14.41 -29.83
N HIS A 496 18.47 14.14 -29.55
CA HIS A 496 17.38 14.33 -30.48
C HIS A 496 16.90 15.78 -30.45
N ASN A 497 16.20 16.16 -31.52
CA ASN A 497 15.62 17.49 -31.75
C ASN A 497 16.52 18.63 -31.32
N ALA A 498 17.83 18.48 -31.49
CA ALA A 498 18.79 19.48 -31.08
C ALA A 498 19.52 20.06 -32.28
N TYR A 499 19.98 21.29 -32.13
CA TYR A 499 20.78 21.97 -33.14
C TYR A 499 22.26 21.73 -32.91
N THR A 500 23.02 21.60 -33.99
CA THR A 500 24.46 21.58 -33.88
C THR A 500 24.98 22.99 -33.63
N GLU A 501 26.28 23.07 -33.30
CA GLU A 501 26.91 24.37 -33.07
C GLU A 501 26.82 25.24 -34.31
N ALA A 502 27.17 24.68 -35.47
CA ALA A 502 27.11 25.43 -36.73
C ALA A 502 25.67 25.84 -37.06
N THR A 503 24.72 24.92 -36.92
CA THR A 503 23.33 25.25 -37.19
C THR A 503 22.80 26.28 -36.19
N LYS A 504 23.26 26.23 -34.94
CA LYS A 504 22.86 27.24 -33.96
C LYS A 504 23.34 28.62 -34.39
N ALA A 505 24.61 28.72 -34.78
CA ALA A 505 25.14 30.00 -35.25
C ALA A 505 24.40 30.47 -36.50
N GLN A 506 24.07 29.55 -37.40
CA GLN A 506 23.36 29.92 -38.63
C GLN A 506 21.95 30.43 -38.32
N ARG A 507 21.25 29.78 -37.40
CA ARG A 507 19.92 30.26 -37.01
C ARG A 507 20.02 31.63 -36.35
N LYS A 508 21.02 31.84 -35.50
CA LYS A 508 21.22 33.16 -34.91
C LYS A 508 21.45 34.22 -35.98
N GLN A 509 22.28 33.92 -36.99
CA GLN A 509 22.55 34.90 -38.03
C GLN A 509 21.32 35.19 -38.87
N GLN A 510 20.55 34.16 -39.23
CA GLN A 510 19.33 34.40 -40.01
C GLN A 510 18.30 35.17 -39.21
N MET A 511 18.21 34.91 -37.90
CA MET A 511 17.31 35.68 -37.05
C MET A 511 17.74 37.15 -36.99
N ALA A 512 19.05 37.40 -36.90
CA ALA A 512 19.54 38.77 -36.87
C ALA A 512 19.28 39.49 -38.19
N GLU A 513 19.46 38.79 -39.31
CA GLU A 513 19.17 39.39 -40.61
C GLU A 513 17.68 39.71 -40.76
N GLU A 514 16.82 38.80 -40.28
CA GLU A 514 15.37 39.06 -40.31
C GLU A 514 15.00 40.19 -39.37
N MET A 515 15.80 40.41 -38.32
CA MET A 515 15.50 41.44 -37.34
C MET A 515 15.65 42.84 -37.93
N VAL A 516 16.78 43.10 -38.58
CA VAL A 516 17.04 44.42 -39.16
C VAL A 516 16.03 44.73 -40.27
N GLU A 517 15.85 43.79 -41.20
CA GLU A 517 14.89 43.98 -42.28
C GLU A 517 13.47 43.91 -41.73
N ALA A 518 12.52 44.40 -42.54
CA ALA A 518 11.10 44.46 -42.19
C ALA A 518 10.86 45.21 -40.88
N ALA A 519 11.78 46.09 -40.51
CA ALA A 519 11.63 46.98 -39.37
C ALA A 519 11.47 48.42 -39.86
N GLY A 520 10.95 49.27 -38.99
CA GLY A 520 10.70 50.64 -39.38
C GLY A 520 11.98 51.39 -39.69
N GLU A 521 11.93 52.20 -40.75
CA GLU A 521 13.08 53.03 -41.10
C GLU A 521 13.26 54.15 -40.09
N ASP A 522 14.52 54.52 -39.84
CA ASP A 522 14.96 55.45 -38.80
C ASP A 522 14.96 54.81 -37.42
N GLU A 523 14.23 53.72 -37.23
CA GLU A 523 14.41 52.83 -36.09
C GLU A 523 15.09 51.53 -36.48
N ARG A 524 15.47 51.36 -37.75
CA ARG A 524 16.30 50.23 -38.15
C ARG A 524 17.71 50.36 -37.57
N GLU A 525 18.14 51.59 -37.27
CA GLU A 525 19.37 51.78 -36.52
C GLU A 525 19.30 51.08 -35.17
N LEU A 526 18.12 51.12 -34.52
CA LEU A 526 17.96 50.46 -33.23
C LEU A 526 17.90 48.94 -33.39
N ALA A 527 17.26 48.47 -34.46
CA ALA A 527 17.21 47.03 -34.72
C ALA A 527 18.61 46.46 -34.89
N ALA A 528 19.50 47.22 -35.55
CA ALA A 528 20.86 46.73 -35.79
C ALA A 528 21.65 46.57 -34.50
N GLU A 529 21.57 47.57 -33.60
CA GLU A 529 22.30 47.45 -32.35
C GLU A 529 21.73 46.35 -31.47
N MET A 530 20.40 46.22 -31.45
CA MET A 530 19.79 45.12 -30.67
C MET A 530 20.21 43.75 -31.22
N ALA A 531 20.24 43.60 -32.55
CA ALA A 531 20.65 42.33 -33.14
C ALA A 531 22.14 42.05 -32.92
N ALA A 532 22.98 43.10 -32.91
CA ALA A 532 24.38 42.89 -32.58
C ALA A 532 24.54 42.39 -31.15
N ALA A 533 23.80 43.00 -30.22
CA ALA A 533 23.80 42.51 -28.85
C ALA A 533 23.32 41.06 -28.77
N PHE A 534 22.28 40.74 -29.54
CA PHE A 534 21.76 39.37 -29.55
C PHE A 534 22.80 38.37 -30.04
N LEU A 535 23.52 38.71 -31.11
CA LEU A 535 24.57 37.82 -31.61
C LEU A 535 25.72 37.69 -30.63
N ASN A 536 26.03 38.76 -29.88
CA ASN A 536 27.14 38.67 -28.93
C ASN A 536 26.79 37.80 -27.73
N GLU A 537 25.52 37.78 -27.31
CA GLU A 537 25.12 37.03 -26.12
C GLU A 537 25.02 35.55 -26.44
N ASN A 538 25.87 34.75 -25.80
CA ASN A 538 25.76 33.29 -25.82
C ASN A 538 25.33 32.86 -24.42
N LEU A 539 24.06 32.53 -24.28
CA LEU A 539 23.50 32.15 -22.99
C LEU A 539 23.95 30.74 -22.62
N PRO A 540 24.42 30.51 -21.39
CA PRO A 540 24.92 29.18 -21.02
C PRO A 540 23.82 28.13 -21.10
N GLU A 541 24.02 27.14 -21.97
CA GLU A 541 23.07 26.04 -22.09
C GLU A 541 23.02 25.19 -20.83
N SER A 542 24.06 25.24 -20.00
CA SER A 542 24.08 24.48 -18.76
C SER A 542 22.92 24.90 -17.85
N ILE A 543 22.73 26.20 -17.68
CA ILE A 543 21.72 26.73 -16.78
C ILE A 543 20.42 27.07 -17.51
N PHE A 544 20.52 27.61 -18.72
CA PHE A 544 19.35 28.06 -19.46
C PHE A 544 18.78 27.00 -20.39
N GLY A 545 19.33 25.79 -20.38
CA GLY A 545 18.90 24.75 -21.30
C GLY A 545 19.43 24.95 -22.71
N ALA A 546 19.26 23.93 -23.54
CA ALA A 546 19.77 24.17 -24.89
C ALA A 546 18.63 24.46 -25.86
N PRO A 547 18.85 25.38 -26.81
CA PRO A 547 17.83 25.65 -27.83
C PRO A 547 17.66 24.46 -28.75
N LYS A 548 16.59 23.70 -28.54
CA LYS A 548 16.41 22.43 -29.23
C LYS A 548 15.05 22.42 -29.89
N ALA A 549 15.02 22.01 -31.16
CA ALA A 549 13.79 22.09 -31.94
C ALA A 549 13.90 21.19 -33.16
N GLY A 550 12.77 20.98 -33.82
CA GLY A 550 12.68 20.14 -34.99
C GLY A 550 12.37 18.70 -34.63
N ASN A 551 11.61 18.03 -35.51
CA ASN A 551 11.23 16.66 -35.23
C ASN A 551 12.39 15.71 -35.47
N GLY A 552 12.96 15.72 -36.68
CA GLY A 552 13.99 14.76 -37.02
C GLY A 552 15.40 15.29 -36.93
N GLN A 553 15.60 16.34 -36.14
CA GLN A 553 16.93 16.92 -36.00
C GLN A 553 17.74 16.15 -34.97
N TRP A 554 19.05 16.13 -35.16
CA TRP A 554 19.95 15.35 -34.30
C TRP A 554 21.27 16.08 -34.18
N ALA A 555 21.79 16.17 -32.96
CA ALA A 555 23.08 16.80 -32.70
C ALA A 555 24.03 15.74 -32.15
N SER A 556 25.17 15.57 -32.80
CA SER A 556 26.11 14.52 -32.42
C SER A 556 27.53 15.07 -32.39
N VAL A 557 28.34 14.52 -31.51
CA VAL A 557 29.70 14.98 -31.27
C VAL A 557 30.56 13.79 -30.85
N ILE A 558 31.74 13.67 -31.45
CA ILE A 558 32.73 12.67 -31.06
C ILE A 558 33.82 13.38 -30.25
N ARG A 559 34.18 12.81 -29.11
CA ARG A 559 35.10 13.46 -28.19
C ARG A 559 36.20 12.48 -27.76
N VAL A 560 37.39 13.01 -27.54
CA VAL A 560 38.51 12.26 -26.95
C VAL A 560 38.87 12.93 -25.64
N MET A 561 38.89 12.16 -24.56
CA MET A 561 39.06 12.71 -23.22
C MET A 561 40.14 11.94 -22.45
N ASN A 562 40.97 12.69 -21.74
CA ASN A 562 41.91 12.12 -20.80
C ASN A 562 41.18 11.74 -19.51
N PRO A 563 41.34 10.52 -19.01
CA PRO A 563 40.65 10.16 -17.76
C PRO A 563 41.24 10.82 -16.51
N ILE A 564 42.43 11.42 -16.59
CA ILE A 564 43.06 12.03 -15.43
C ILE A 564 42.57 13.47 -15.28
N GLN A 565 42.80 14.29 -16.30
CA GLN A 565 42.34 15.66 -16.30
C GLN A 565 40.96 15.75 -16.97
N GLY A 566 40.31 16.89 -16.80
CA GLY A 566 39.05 17.07 -17.49
C GLY A 566 39.17 17.54 -18.92
N ASN A 567 40.39 17.60 -19.44
CA ASN A 567 40.64 18.20 -20.75
C ASN A 567 40.09 17.31 -21.86
N THR A 568 39.53 17.96 -22.88
CA THR A 568 39.17 17.28 -24.12
C THR A 568 40.35 17.35 -25.09
N LEU A 569 40.73 16.20 -25.64
CA LEU A 569 41.92 16.10 -26.49
C LEU A 569 41.61 16.37 -27.96
N ASP A 570 40.42 15.99 -28.43
CA ASP A 570 40.00 16.28 -29.79
C ASP A 570 38.49 16.17 -29.84
N LEU A 571 37.88 16.90 -30.77
CA LEU A 571 36.44 16.96 -30.87
C LEU A 571 36.03 17.08 -32.33
N VAL A 572 34.94 16.39 -32.69
CA VAL A 572 34.43 16.36 -34.06
C VAL A 572 32.93 16.58 -34.00
N GLN A 573 32.46 17.72 -34.51
CA GLN A 573 31.05 17.94 -34.74
C GLN A 573 30.61 17.18 -35.99
N LEU A 574 29.31 16.89 -36.06
CA LEU A 574 28.75 16.11 -37.15
C LEU A 574 27.61 16.87 -37.80
N GLU A 575 26.97 16.23 -38.78
CA GLU A 575 25.92 16.85 -39.57
C GLU A 575 24.67 17.11 -38.71
N GLN A 576 23.80 17.97 -39.23
CA GLN A 576 22.58 18.36 -38.52
C GLN A 576 21.58 17.21 -38.41
N ASN A 577 21.73 16.15 -39.20
CA ASN A 577 20.84 15.00 -39.11
C ASN A 577 21.60 13.70 -38.91
N GLU A 578 22.89 13.75 -38.58
CA GLU A 578 23.70 12.57 -38.33
C GLU A 578 23.77 12.34 -36.82
N ALA A 579 23.31 11.16 -36.38
CA ALA A 579 23.23 10.83 -34.97
C ALA A 579 24.07 9.60 -34.70
N ALA A 580 25.08 9.72 -33.83
CA ALA A 580 25.95 8.60 -33.52
C ALA A 580 25.30 7.67 -32.50
N PHE A 581 25.43 6.37 -32.74
CA PHE A 581 24.86 5.38 -31.84
C PHE A 581 25.84 4.27 -31.44
N SER A 582 26.96 4.10 -32.14
CA SER A 582 27.92 3.06 -31.85
C SER A 582 29.32 3.59 -32.07
N VAL A 583 30.28 3.07 -31.31
CA VAL A 583 31.67 3.47 -31.42
C VAL A 583 32.53 2.31 -30.96
N ALA A 584 33.69 2.15 -31.60
CA ALA A 584 34.67 1.16 -31.16
C ALA A 584 36.04 1.57 -31.66
N VAL A 585 37.06 1.20 -30.88
CA VAL A 585 38.46 1.42 -31.24
C VAL A 585 39.13 0.05 -31.38
N CYS A 586 39.91 -0.11 -32.45
CA CYS A 586 40.44 -1.43 -32.77
C CYS A 586 41.63 -1.31 -33.70
N ARG A 587 42.48 -2.32 -33.66
CA ARG A 587 43.51 -2.51 -34.67
C ARG A 587 42.98 -3.40 -35.79
N PHE A 588 43.57 -3.27 -36.97
CA PHE A 588 43.15 -4.03 -38.13
C PHE A 588 44.30 -4.90 -38.62
N SER A 589 43.95 -6.09 -39.13
CA SER A 589 44.99 -7.02 -39.58
C SER A 589 45.63 -6.55 -40.88
N ASN A 590 44.85 -5.92 -41.76
CA ASN A 590 45.40 -5.40 -43.02
C ASN A 590 46.47 -4.36 -42.76
N THR A 591 46.21 -3.42 -41.85
CA THR A 591 47.11 -2.32 -41.56
C THR A 591 47.67 -2.52 -40.15
N GLY A 592 48.89 -3.06 -40.08
CA GLY A 592 49.68 -3.30 -38.88
C GLY A 592 49.06 -3.07 -37.51
N GLU A 593 49.74 -2.27 -36.69
CA GLU A 593 49.31 -1.99 -35.32
C GLU A 593 48.78 -0.57 -35.14
N ASP A 594 48.65 0.19 -36.23
CA ASP A 594 48.04 1.51 -36.12
C ASP A 594 46.56 1.37 -35.82
N TRP A 595 46.08 2.17 -34.86
CA TRP A 595 44.71 2.05 -34.38
C TRP A 595 43.73 2.71 -35.35
N TYR A 596 42.45 2.49 -35.08
CA TYR A 596 41.36 3.09 -35.85
C TYR A 596 40.17 3.30 -34.93
N VAL A 597 39.25 4.15 -35.39
CA VAL A 597 38.03 4.44 -34.63
C VAL A 597 36.85 4.42 -35.59
N LEU A 598 35.88 3.54 -35.33
CA LEU A 598 34.67 3.44 -36.14
C LEU A 598 33.49 4.00 -35.37
N VAL A 599 32.66 4.78 -36.05
CA VAL A 599 31.49 5.42 -35.45
C VAL A 599 30.28 5.23 -36.34
N GLY A 600 29.27 4.53 -35.83
CA GLY A 600 28.04 4.31 -36.57
C GLY A 600 27.06 5.44 -36.36
N VAL A 601 26.40 5.84 -37.44
CA VAL A 601 25.59 7.05 -37.45
C VAL A 601 24.34 6.82 -38.29
N ALA A 602 23.20 7.26 -37.78
CA ALA A 602 21.94 7.26 -38.52
C ALA A 602 21.68 8.64 -39.11
N LYS A 603 20.89 8.66 -40.19
CA LYS A 603 20.55 9.91 -40.86
C LYS A 603 19.04 10.02 -41.01
N ASP A 604 18.51 11.19 -40.63
CA ASP A 604 17.08 11.49 -40.75
C ASP A 604 16.24 10.46 -40.00
N LEU A 605 16.59 10.25 -38.73
CA LEU A 605 15.92 9.26 -37.90
C LEU A 605 14.70 9.92 -37.25
N ILE A 606 13.52 9.37 -37.50
CA ILE A 606 12.29 9.77 -36.83
C ILE A 606 11.93 8.67 -35.85
N LEU A 607 11.71 9.05 -34.58
CA LEU A 607 11.40 8.04 -33.57
C LEU A 607 9.98 7.51 -33.72
N ASN A 608 9.01 8.40 -33.89
CA ASN A 608 7.62 7.98 -33.92
C ASN A 608 6.83 8.70 -35.01
N PRO A 609 6.38 7.99 -36.06
CA PRO A 609 6.69 6.59 -36.36
C PRO A 609 8.11 6.41 -36.88
N ARG A 610 8.71 5.23 -36.71
CA ARG A 610 10.10 5.04 -37.06
C ARG A 610 10.29 5.12 -38.57
N SER A 611 11.24 5.97 -39.00
CA SER A 611 11.63 6.08 -40.40
C SER A 611 13.05 6.64 -40.44
N VAL A 612 13.91 6.01 -41.24
CA VAL A 612 15.30 6.42 -41.36
C VAL A 612 15.68 6.40 -42.84
N ALA A 613 16.50 7.37 -43.24
CA ALA A 613 16.96 7.42 -44.62
C ALA A 613 18.10 6.43 -44.85
N GLY A 614 19.12 6.48 -44.00
CA GLY A 614 20.22 5.56 -44.13
C GLY A 614 21.17 5.70 -42.95
N GLY A 615 22.35 5.12 -43.12
CA GLY A 615 23.37 5.20 -42.11
C GLY A 615 24.75 5.34 -42.73
N PHE A 616 25.68 5.76 -41.90
CA PHE A 616 27.08 5.87 -42.29
C PHE A 616 27.94 5.31 -41.17
N VAL A 617 29.17 4.94 -41.54
CA VAL A 617 30.18 4.48 -40.60
C VAL A 617 31.43 5.32 -40.86
N TYR A 618 31.79 6.15 -39.89
CA TYR A 618 33.01 6.95 -39.98
C TYR A 618 34.20 6.12 -39.54
N THR A 619 35.23 6.08 -40.38
CA THR A 619 36.50 5.47 -40.04
C THR A 619 37.53 6.57 -39.89
N TYR A 620 38.08 6.69 -38.68
CA TYR A 620 39.13 7.63 -38.30
C TYR A 620 40.41 6.87 -37.99
N LYS A 621 41.54 7.59 -38.07
CA LYS A 621 42.86 7.00 -37.95
C LYS A 621 43.42 6.98 -36.54
N LEU A 622 43.07 7.96 -35.70
CA LEU A 622 43.67 8.11 -34.36
C LEU A 622 45.19 8.25 -34.48
N VAL A 623 45.59 9.41 -35.01
CA VAL A 623 46.95 9.60 -35.51
C VAL A 623 47.94 9.83 -34.36
N ASN A 624 47.65 10.77 -33.47
CA ASN A 624 48.59 11.12 -32.42
C ASN A 624 48.59 10.04 -31.34
N ASN A 625 49.31 10.28 -30.25
CA ASN A 625 49.38 9.34 -29.14
C ASN A 625 48.04 9.25 -28.42
N GLY A 626 47.03 8.73 -29.12
CA GLY A 626 45.68 8.69 -28.59
C GLY A 626 45.10 10.06 -28.28
N GLU A 627 45.30 11.02 -29.19
CA GLU A 627 44.91 12.40 -28.93
C GLU A 627 44.20 13.08 -30.09
N LYS A 628 44.33 12.62 -31.33
CA LYS A 628 43.72 13.29 -32.47
C LYS A 628 43.07 12.28 -33.39
N LEU A 629 41.91 12.65 -33.95
CA LEU A 629 41.18 11.82 -34.88
C LEU A 629 41.38 12.33 -36.30
N GLU A 630 41.87 11.46 -37.18
CA GLU A 630 42.12 11.79 -38.58
C GLU A 630 41.12 11.05 -39.44
N PHE A 631 40.21 11.79 -40.07
CA PHE A 631 39.15 11.24 -40.89
C PHE A 631 39.72 10.42 -42.04
N LEU A 632 39.49 9.10 -42.03
CA LEU A 632 39.88 8.27 -43.17
C LEU A 632 38.75 8.26 -44.21
N HIS A 633 37.59 7.70 -43.87
CA HIS A 633 36.51 7.67 -44.86
C HIS A 633 35.15 7.45 -44.19
N LYS A 634 34.12 7.39 -45.03
CA LYS A 634 32.72 7.42 -44.61
C LYS A 634 31.95 6.41 -45.46
N THR A 635 31.57 5.28 -44.86
CA THR A 635 30.93 4.20 -45.59
C THR A 635 29.42 4.28 -45.45
N PRO A 636 28.66 4.37 -46.54
CA PRO A 636 27.20 4.36 -46.42
C PRO A 636 26.65 2.95 -46.25
N VAL A 637 25.42 2.88 -45.73
CA VAL A 637 24.79 1.62 -45.41
C VAL A 637 23.28 1.83 -45.29
N GLU A 638 22.52 0.73 -45.40
CA GLU A 638 21.07 0.80 -45.54
C GLU A 638 20.41 1.45 -44.31
N GLU A 639 20.52 0.81 -43.15
CA GLU A 639 19.89 1.31 -41.94
C GLU A 639 20.94 1.74 -40.93
N VAL A 640 20.51 1.97 -39.70
CA VAL A 640 21.39 2.58 -38.70
C VAL A 640 22.38 1.53 -38.18
N PRO A 641 23.68 1.81 -38.18
CA PRO A 641 24.64 0.90 -37.55
C PRO A 641 24.59 1.02 -36.04
N ALA A 642 23.99 0.04 -35.38
CA ALA A 642 23.74 0.18 -33.95
C ALA A 642 24.84 -0.45 -33.08
N ALA A 643 25.64 -1.34 -33.63
CA ALA A 643 26.66 -2.06 -32.86
C ALA A 643 27.90 -2.27 -33.71
N ILE A 644 29.06 -2.03 -33.11
CA ILE A 644 30.35 -2.22 -33.78
C ILE A 644 31.31 -2.81 -32.75
N ALA A 645 31.87 -3.98 -33.07
CA ALA A 645 32.76 -4.68 -32.16
C ALA A 645 33.93 -5.27 -32.94
N PRO A 646 35.14 -5.17 -32.40
CA PRO A 646 36.29 -5.79 -33.05
C PRO A 646 36.18 -7.30 -33.07
N PHE A 647 36.81 -7.92 -34.06
CA PHE A 647 36.69 -9.37 -34.24
C PHE A 647 37.91 -9.86 -35.05
N GLN A 648 38.97 -10.23 -34.32
CA GLN A 648 40.15 -10.88 -34.90
C GLN A 648 40.64 -10.16 -36.16
N GLY A 649 41.06 -8.92 -35.99
CA GLY A 649 41.62 -8.15 -37.07
C GLY A 649 40.61 -7.55 -38.04
N ARG A 650 39.33 -7.85 -37.88
CA ARG A 650 38.27 -7.22 -38.64
C ARG A 650 37.18 -6.77 -37.68
N VAL A 651 36.08 -6.25 -38.21
CA VAL A 651 35.05 -5.69 -37.35
C VAL A 651 33.72 -6.35 -37.67
N LEU A 652 32.90 -6.54 -36.63
CA LEU A 652 31.51 -6.97 -36.78
C LEU A 652 30.59 -5.78 -36.59
N ILE A 653 29.70 -5.55 -37.55
CA ILE A 653 28.81 -4.40 -37.55
C ILE A 653 27.37 -4.88 -37.71
N GLY A 654 26.48 -4.39 -36.85
CA GLY A 654 25.07 -4.64 -36.99
C GLY A 654 24.39 -3.42 -37.58
N VAL A 655 23.75 -3.62 -38.74
CA VAL A 655 22.98 -2.59 -39.41
C VAL A 655 21.55 -3.10 -39.55
N GLY A 656 20.63 -2.46 -38.84
CA GLY A 656 19.26 -2.95 -38.81
C GLY A 656 19.23 -4.35 -38.23
N LYS A 657 18.59 -5.26 -38.95
CA LYS A 657 18.55 -6.67 -38.57
C LYS A 657 19.60 -7.49 -39.32
N LEU A 658 20.62 -6.84 -39.87
CA LEU A 658 21.66 -7.51 -40.63
C LEU A 658 22.98 -7.48 -39.86
N LEU A 659 23.66 -8.62 -39.82
CA LEU A 659 24.93 -8.73 -39.10
C LEU A 659 26.04 -9.01 -40.11
N ARG A 660 26.97 -8.08 -40.27
CA ARG A 660 27.99 -8.18 -41.30
C ARG A 660 29.38 -8.15 -40.69
N VAL A 661 30.34 -8.73 -41.43
CA VAL A 661 31.76 -8.60 -41.11
C VAL A 661 32.38 -7.65 -42.12
N TYR A 662 33.02 -6.60 -41.63
CA TYR A 662 33.68 -5.61 -42.45
C TYR A 662 35.18 -5.66 -42.23
N ASP A 663 35.91 -5.36 -43.31
CA ASP A 663 37.36 -5.24 -43.28
C ASP A 663 37.73 -3.88 -43.87
N LEU A 664 38.88 -3.37 -43.44
CA LEU A 664 39.32 -2.04 -43.85
C LEU A 664 39.72 -2.03 -45.32
N GLY A 665 39.16 -1.08 -46.07
CA GLY A 665 39.55 -0.85 -47.45
C GLY A 665 40.08 0.56 -47.63
N LYS A 666 40.66 0.81 -48.81
CA LYS A 666 41.27 2.10 -49.07
C LYS A 666 40.25 3.23 -49.04
N LYS A 667 39.07 3.02 -49.63
CA LYS A 667 38.07 4.06 -49.77
C LYS A 667 36.72 3.71 -49.12
N LYS A 668 36.57 2.51 -48.58
CA LYS A 668 35.31 2.07 -47.99
C LYS A 668 35.60 1.03 -46.92
N LEU A 669 34.55 0.66 -46.19
CA LEU A 669 34.54 -0.56 -45.40
C LEU A 669 33.82 -1.63 -46.21
N LEU A 670 34.49 -2.74 -46.47
CA LEU A 670 34.07 -3.71 -47.46
C LEU A 670 33.36 -4.88 -46.79
N ARG A 671 32.14 -5.15 -47.23
CA ARG A 671 31.39 -6.29 -46.71
C ARG A 671 31.99 -7.60 -47.23
N LYS A 672 32.14 -8.57 -46.33
CA LYS A 672 32.68 -9.87 -46.68
C LYS A 672 31.76 -11.04 -46.36
N CYS A 673 30.81 -10.87 -45.45
CA CYS A 673 29.86 -11.91 -45.10
C CYS A 673 28.75 -11.27 -44.26
N GLU A 674 27.52 -11.71 -44.48
CA GLU A 674 26.37 -11.15 -43.78
C GLU A 674 25.42 -12.26 -43.37
N ASN A 675 24.64 -11.96 -42.33
CA ASN A 675 23.56 -12.80 -41.86
C ASN A 675 22.29 -11.96 -41.82
N LYS A 676 21.21 -12.54 -42.36
CA LYS A 676 19.96 -11.85 -42.61
C LYS A 676 18.84 -12.24 -41.66
N HIS A 677 18.93 -13.42 -41.03
CA HIS A 677 17.82 -14.00 -40.29
C HIS A 677 17.73 -13.54 -38.84
N ILE A 678 18.30 -12.37 -38.51
CA ILE A 678 18.08 -11.80 -37.19
C ILE A 678 16.65 -11.27 -37.10
N ALA A 679 16.00 -11.53 -35.97
CA ALA A 679 14.57 -11.32 -35.81
C ALA A 679 14.11 -9.91 -36.18
N ASN A 680 14.54 -8.92 -35.40
CA ASN A 680 13.98 -7.58 -35.55
C ASN A 680 15.06 -6.54 -35.83
N TYR A 681 16.01 -6.34 -34.91
CA TYR A 681 16.93 -5.23 -35.02
C TYR A 681 18.04 -5.44 -34.01
N ILE A 682 19.27 -5.28 -34.46
CA ILE A 682 20.44 -5.53 -33.63
C ILE A 682 20.78 -4.29 -32.83
N SER A 683 20.90 -4.43 -31.52
CA SER A 683 21.14 -3.32 -30.61
C SER A 683 22.48 -3.42 -29.90
N GLY A 684 23.21 -4.50 -30.10
CA GLY A 684 24.49 -4.71 -29.43
C GLY A 684 24.99 -6.10 -29.68
N ILE A 685 26.30 -6.25 -29.90
CA ILE A 685 26.90 -7.54 -30.20
C ILE A 685 28.21 -7.67 -29.44
N GLN A 686 28.43 -8.85 -28.87
CA GLN A 686 29.66 -9.15 -28.13
C GLN A 686 30.13 -10.54 -28.54
N THR A 687 31.44 -10.69 -28.72
CA THR A 687 32.02 -11.94 -29.21
C THR A 687 33.02 -12.51 -28.22
N ILE A 688 33.05 -13.84 -28.14
CA ILE A 688 34.08 -14.58 -27.42
C ILE A 688 34.42 -15.80 -28.25
N GLY A 689 35.69 -15.91 -28.65
CA GLY A 689 36.07 -16.94 -29.60
C GLY A 689 35.51 -16.62 -30.97
N HIS A 690 34.99 -17.65 -31.64
CA HIS A 690 34.29 -17.47 -32.91
C HIS A 690 32.78 -17.49 -32.72
N ARG A 691 32.31 -17.25 -31.49
CA ARG A 691 30.90 -17.13 -31.18
C ARG A 691 30.54 -15.66 -31.05
N VAL A 692 29.46 -15.25 -31.70
CA VAL A 692 28.95 -13.89 -31.60
C VAL A 692 27.58 -13.94 -30.95
N ILE A 693 27.37 -13.04 -29.98
CA ILE A 693 26.14 -12.96 -29.21
C ILE A 693 25.45 -11.68 -29.65
N VAL A 694 24.33 -11.80 -30.37
CA VAL A 694 23.59 -10.64 -30.86
C VAL A 694 22.46 -10.35 -29.90
N SER A 695 22.30 -9.07 -29.52
CA SER A 695 21.15 -8.62 -28.75
C SER A 695 20.12 -8.03 -29.70
N ASP A 696 18.91 -8.57 -29.66
CA ASP A 696 17.79 -8.00 -30.41
C ASP A 696 17.03 -7.01 -29.53
N VAL A 697 16.34 -6.09 -30.20
CA VAL A 697 15.59 -5.06 -29.48
C VAL A 697 14.49 -5.71 -28.63
N GLN A 698 13.90 -6.79 -29.12
CA GLN A 698 12.81 -7.46 -28.40
C GLN A 698 13.01 -8.95 -28.22
N GLU A 699 13.60 -9.64 -29.21
CA GLU A 699 13.69 -11.09 -29.18
C GLU A 699 14.97 -11.60 -28.49
N SER A 700 15.48 -10.87 -27.51
CA SER A 700 16.52 -11.33 -26.58
C SER A 700 17.78 -11.72 -27.35
N PHE A 701 18.55 -12.66 -26.79
CA PHE A 701 19.86 -13.01 -27.34
C PHE A 701 19.75 -14.03 -28.46
N ILE A 702 20.72 -13.98 -29.38
CA ILE A 702 20.84 -14.92 -30.49
C ILE A 702 22.31 -15.29 -30.64
N TRP A 703 22.60 -16.58 -30.52
CA TRP A 703 23.96 -17.10 -30.64
C TRP A 703 24.20 -17.46 -32.11
N VAL A 704 25.14 -16.75 -32.75
CA VAL A 704 25.53 -16.99 -34.13
C VAL A 704 27.00 -17.41 -34.13
N ARG A 705 27.37 -18.23 -35.11
CA ARG A 705 28.72 -18.76 -35.21
C ARG A 705 29.35 -18.39 -36.54
N TYR A 706 30.58 -17.91 -36.49
CA TYR A 706 31.36 -17.56 -37.67
C TYR A 706 32.28 -18.72 -38.02
N LYS A 707 32.16 -19.23 -39.24
CA LYS A 707 33.03 -20.27 -39.76
C LYS A 707 34.11 -19.62 -40.61
N ARG A 708 35.35 -19.59 -40.10
CA ARG A 708 36.45 -19.02 -40.85
C ARG A 708 36.54 -19.61 -42.25
N ASN A 709 36.60 -20.94 -42.33
CA ASN A 709 36.43 -21.61 -43.60
C ASN A 709 35.00 -21.41 -44.10
N GLU A 710 34.85 -21.21 -45.41
CA GLU A 710 33.56 -21.04 -46.09
C GLU A 710 32.95 -19.67 -45.89
N ASN A 711 33.39 -18.93 -44.86
CA ASN A 711 32.98 -17.55 -44.64
C ASN A 711 31.46 -17.40 -44.58
N GLN A 712 30.87 -18.01 -43.55
CA GLN A 712 29.43 -17.95 -43.36
C GLN A 712 29.10 -17.69 -41.90
N LEU A 713 28.04 -16.92 -41.67
CA LEU A 713 27.56 -16.61 -40.33
C LEU A 713 26.23 -17.32 -40.14
N ILE A 714 26.23 -18.40 -39.37
CA ILE A 714 25.07 -19.28 -39.22
C ILE A 714 24.53 -19.15 -37.81
N ILE A 715 23.22 -18.95 -37.70
CA ILE A 715 22.54 -18.90 -36.41
C ILE A 715 22.40 -20.31 -35.87
N PHE A 716 22.92 -20.54 -34.65
CA PHE A 716 22.81 -21.85 -34.04
C PHE A 716 22.08 -21.87 -32.70
N ALA A 717 21.74 -20.72 -32.11
CA ALA A 717 20.97 -20.76 -30.87
C ALA A 717 20.20 -19.47 -30.68
N ASP A 718 19.12 -19.55 -29.91
CA ASP A 718 18.36 -18.38 -29.53
C ASP A 718 17.76 -18.63 -28.15
N ASP A 719 16.78 -17.82 -27.76
CA ASP A 719 16.16 -17.91 -26.45
C ASP A 719 14.68 -18.25 -26.59
N THR A 720 14.08 -18.69 -25.49
CA THR A 720 12.67 -19.08 -25.46
C THR A 720 11.75 -17.98 -24.95
N TYR A 721 12.29 -16.89 -24.42
CA TYR A 721 11.51 -15.77 -23.95
C TYR A 721 11.91 -14.50 -24.69
N PRO A 722 10.96 -13.57 -24.87
CA PRO A 722 11.32 -12.25 -25.42
C PRO A 722 11.90 -11.35 -24.33
N ARG A 723 12.99 -10.65 -24.67
CA ARG A 723 13.66 -9.75 -23.76
C ARG A 723 14.03 -8.46 -24.47
N TRP A 724 13.58 -7.33 -23.91
CA TRP A 724 13.94 -6.00 -24.43
C TRP A 724 15.33 -5.65 -23.90
N VAL A 725 16.34 -6.25 -24.53
CA VAL A 725 17.70 -6.22 -24.00
C VAL A 725 18.26 -4.81 -24.10
N THR A 726 18.86 -4.33 -23.01
CA THR A 726 19.57 -3.07 -22.95
C THR A 726 21.07 -3.24 -23.05
N THR A 727 21.66 -4.07 -22.18
CA THR A 727 23.08 -4.34 -22.18
C THR A 727 23.29 -5.84 -21.97
N ALA A 728 24.53 -6.28 -22.07
CA ALA A 728 24.86 -7.69 -21.86
C ALA A 728 26.32 -7.82 -21.47
N SER A 729 26.66 -8.97 -20.89
CA SER A 729 28.03 -9.28 -20.50
C SER A 729 28.22 -10.78 -20.48
N LEU A 730 29.20 -11.28 -21.24
CA LEU A 730 29.47 -12.72 -21.29
C LEU A 730 30.21 -13.15 -20.04
N LEU A 731 29.60 -14.04 -19.26
CA LEU A 731 30.26 -14.56 -18.07
C LEU A 731 31.30 -15.62 -18.43
N ASP A 732 30.89 -16.62 -19.20
CA ASP A 732 31.80 -17.65 -19.70
C ASP A 732 31.44 -17.92 -21.16
N TYR A 733 31.94 -19.05 -21.68
CA TYR A 733 31.74 -19.36 -23.10
C TYR A 733 30.29 -19.69 -23.43
N ASP A 734 29.54 -20.23 -22.47
CA ASP A 734 28.16 -20.64 -22.70
C ASP A 734 27.15 -19.81 -21.92
N THR A 735 27.60 -18.84 -21.14
CA THR A 735 26.73 -18.10 -20.24
C THR A 735 26.77 -16.62 -20.57
N VAL A 736 25.60 -15.98 -20.60
CA VAL A 736 25.46 -14.56 -20.90
C VAL A 736 24.57 -13.93 -19.83
N ALA A 737 24.98 -12.77 -19.33
CA ALA A 737 24.16 -11.97 -18.43
C ALA A 737 23.59 -10.79 -19.19
N GLY A 738 22.29 -10.54 -19.04
CA GLY A 738 21.64 -9.47 -19.76
C GLY A 738 20.70 -8.69 -18.88
N ALA A 739 20.30 -7.50 -19.37
CA ALA A 739 19.43 -6.59 -18.65
C ALA A 739 18.28 -6.16 -19.56
N ASP A 740 17.14 -5.86 -18.93
CA ASP A 740 15.89 -5.49 -19.58
C ASP A 740 15.70 -3.98 -19.62
N LYS A 741 14.82 -3.53 -20.51
CA LYS A 741 14.28 -2.17 -20.39
C LYS A 741 13.35 -2.06 -19.18
N PHE A 742 12.70 -3.17 -18.83
CA PHE A 742 11.77 -3.23 -17.70
C PHE A 742 12.46 -3.52 -16.38
N GLY A 743 13.75 -3.22 -16.28
CA GLY A 743 14.46 -3.28 -15.01
C GLY A 743 14.74 -4.68 -14.49
N ASN A 744 14.95 -5.63 -15.39
CA ASN A 744 15.26 -7.01 -15.02
C ASN A 744 16.70 -7.33 -15.36
N ILE A 745 17.22 -8.36 -14.69
CA ILE A 745 18.50 -8.96 -15.02
C ILE A 745 18.27 -10.46 -15.15
N CYS A 746 18.78 -11.03 -16.24
CA CYS A 746 18.72 -12.47 -16.44
C CYS A 746 20.11 -13.00 -16.70
N VAL A 747 20.28 -14.28 -16.43
CA VAL A 747 21.48 -15.03 -16.81
C VAL A 747 21.01 -16.26 -17.56
N VAL A 748 21.45 -16.39 -18.81
CA VAL A 748 21.02 -17.42 -19.74
C VAL A 748 22.22 -18.25 -20.15
N ARG A 749 22.09 -19.57 -20.11
CA ARG A 749 23.20 -20.47 -20.39
C ARG A 749 22.80 -21.49 -21.44
N LEU A 750 23.70 -21.73 -22.40
CA LEU A 750 23.47 -22.70 -23.45
C LEU A 750 23.64 -24.13 -22.92
N PRO A 751 22.93 -25.10 -23.49
CA PRO A 751 23.20 -26.50 -23.17
C PRO A 751 24.66 -26.84 -23.39
N PRO A 752 25.22 -27.72 -22.56
CA PRO A 752 26.69 -27.92 -22.61
C PRO A 752 27.18 -28.57 -23.89
N ASN A 753 26.44 -29.56 -24.41
CA ASN A 753 26.86 -30.28 -25.61
C ASN A 753 26.35 -29.63 -26.89
N THR A 754 25.92 -28.38 -26.84
CA THR A 754 25.45 -27.69 -28.03
C THR A 754 26.55 -27.64 -29.08
N ASN A 755 26.22 -28.06 -30.30
CA ASN A 755 27.13 -27.97 -31.43
C ASN A 755 26.78 -26.75 -32.26
N ASP A 756 27.80 -25.96 -32.60
CA ASP A 756 27.63 -24.83 -33.51
C ASP A 756 27.20 -25.25 -34.90
N GLU A 757 27.20 -26.57 -35.17
CA GLU A 757 26.72 -27.11 -36.44
C GLU A 757 25.20 -27.23 -36.48
N VAL A 758 24.59 -27.62 -35.35
CA VAL A 758 23.15 -27.88 -35.29
C VAL A 758 22.43 -26.57 -35.03
N ASP A 759 21.43 -26.27 -35.86
CA ASP A 759 20.79 -24.96 -35.80
C ASP A 759 19.81 -24.86 -34.65
N SER A 760 18.97 -25.88 -34.47
CA SER A 760 17.84 -25.80 -33.52
C SER A 760 18.34 -26.14 -32.12
N GLN A 761 18.90 -25.11 -31.46
CA GLN A 761 19.32 -25.20 -30.08
C GLN A 761 18.72 -24.01 -29.31
N LYS A 762 18.17 -24.27 -28.14
CA LYS A 762 17.50 -23.25 -27.35
C LYS A 762 18.19 -23.12 -26.00
N ALA A 763 18.37 -21.87 -25.55
CA ALA A 763 19.11 -21.63 -24.33
C ALA A 763 18.20 -21.69 -23.11
N GLU A 764 18.81 -22.00 -21.96
CA GLU A 764 18.09 -22.16 -20.70
C GLU A 764 18.37 -20.96 -19.81
N VAL A 765 17.32 -20.39 -19.24
CA VAL A 765 17.44 -19.24 -18.34
C VAL A 765 17.75 -19.77 -16.94
N ILE A 766 18.95 -19.48 -16.44
CA ILE A 766 19.35 -19.98 -15.13
C ILE A 766 19.21 -18.92 -14.04
N MET A 767 18.92 -17.66 -14.39
CA MET A 767 18.73 -16.62 -13.39
C MET A 767 17.77 -15.55 -13.91
N ASN A 768 16.90 -15.08 -13.01
CA ASN A 768 15.93 -14.01 -13.26
C ASN A 768 15.79 -13.19 -11.98
N TYR A 769 15.73 -11.87 -12.13
CA TYR A 769 15.65 -11.00 -10.96
C TYR A 769 15.26 -9.60 -11.39
N HIS A 770 14.25 -9.03 -10.73
CA HIS A 770 13.81 -7.68 -11.01
C HIS A 770 14.49 -6.70 -10.05
N VAL A 771 15.31 -5.80 -10.61
CA VAL A 771 16.02 -4.82 -9.79
C VAL A 771 15.10 -3.69 -9.34
N GLY A 772 14.03 -3.41 -10.08
CA GLY A 772 13.20 -2.26 -9.80
C GLY A 772 13.67 -0.98 -10.46
N GLU A 773 14.77 -1.01 -11.19
CA GLU A 773 15.31 0.13 -11.91
C GLU A 773 15.97 -0.39 -13.18
N THR A 774 15.93 0.42 -14.23
CA THR A 774 16.44 -0.01 -15.52
C THR A 774 17.97 0.02 -15.55
N VAL A 775 18.56 -1.11 -15.95
CA VAL A 775 20.01 -1.29 -15.97
C VAL A 775 20.52 -1.09 -17.39
N LEU A 776 21.62 -0.34 -17.51
CA LEU A 776 22.21 -0.06 -18.81
C LEU A 776 23.66 -0.48 -18.93
N SER A 777 24.25 -1.06 -17.89
CA SER A 777 25.61 -1.58 -18.00
C SER A 777 25.79 -2.70 -17.00
N LEU A 778 26.20 -3.86 -17.49
CA LEU A 778 26.66 -4.99 -16.68
C LEU A 778 28.14 -5.23 -16.96
N GLN A 779 28.90 -5.49 -15.89
CA GLN A 779 30.31 -5.78 -16.06
C GLN A 779 30.78 -6.73 -14.98
N LYS A 780 31.42 -7.83 -15.37
CA LYS A 780 31.98 -8.77 -14.42
C LYS A 780 33.40 -8.30 -14.06
N THR A 781 33.61 -7.90 -12.82
CA THR A 781 34.89 -7.35 -12.42
C THR A 781 35.12 -7.60 -10.94
N THR A 782 36.29 -7.16 -10.46
CA THR A 782 36.67 -7.25 -9.05
C THR A 782 36.93 -5.84 -8.55
N LEU A 783 36.02 -5.33 -7.70
CA LEU A 783 36.08 -3.92 -7.33
C LEU A 783 37.27 -3.63 -6.41
N ILE A 784 37.63 -4.57 -5.56
CA ILE A 784 38.78 -4.44 -4.67
C ILE A 784 39.78 -5.54 -5.01
N PRO A 785 41.02 -5.22 -5.36
CA PRO A 785 42.00 -6.28 -5.65
C PRO A 785 42.20 -7.19 -4.45
N GLY A 786 42.38 -8.48 -4.73
CA GLY A 786 42.37 -9.48 -3.68
C GLY A 786 41.01 -9.84 -3.18
N GLY A 787 39.95 -9.57 -3.96
CA GLY A 787 38.60 -9.96 -3.62
C GLY A 787 38.03 -10.88 -4.70
N SER A 788 36.83 -11.37 -4.44
CA SER A 788 36.19 -12.28 -5.39
C SER A 788 35.63 -11.48 -6.57
N GLU A 789 35.23 -12.21 -7.60
CA GLU A 789 34.60 -11.57 -8.75
C GLU A 789 33.14 -11.29 -8.46
N SER A 790 32.63 -10.23 -9.07
CA SER A 790 31.24 -9.83 -8.89
C SER A 790 30.71 -9.29 -10.21
N LEU A 791 29.39 -9.18 -10.29
CA LEU A 791 28.73 -8.65 -11.48
C LEU A 791 28.15 -7.28 -11.08
N VAL A 792 28.82 -6.22 -11.51
CA VAL A 792 28.41 -4.85 -11.16
C VAL A 792 27.48 -4.32 -12.24
N TYR A 793 26.31 -3.85 -11.83
CA TYR A 793 25.32 -3.25 -12.72
C TYR A 793 25.10 -1.79 -12.36
N THR A 794 24.77 -0.99 -13.38
CA THR A 794 24.46 0.42 -13.20
C THR A 794 22.97 0.63 -13.46
N THR A 795 22.46 1.78 -13.05
CA THR A 795 21.03 2.06 -13.07
C THR A 795 20.71 3.37 -13.77
N LEU A 796 19.66 3.34 -14.59
CA LEU A 796 19.23 4.54 -15.30
C LEU A 796 18.75 5.64 -14.35
N SER A 797 18.33 5.27 -13.16
CA SER A 797 17.94 6.21 -12.12
C SER A 797 19.10 6.58 -11.20
N GLY A 798 20.32 6.18 -11.54
CA GLY A 798 21.52 6.64 -10.85
C GLY A 798 22.09 5.73 -9.79
N GLY A 799 21.67 4.46 -9.74
CA GLY A 799 22.14 3.54 -8.73
C GLY A 799 23.25 2.63 -9.23
N ILE A 800 23.97 2.04 -8.29
CA ILE A 800 25.04 1.10 -8.57
C ILE A 800 24.87 -0.12 -7.68
N GLY A 801 24.82 -1.31 -8.30
CA GLY A 801 24.62 -2.53 -7.54
C GLY A 801 25.60 -3.61 -7.97
N ILE A 802 25.67 -4.65 -7.15
CA ILE A 802 26.54 -5.79 -7.40
C ILE A 802 25.80 -7.08 -7.08
N LEU A 803 26.07 -8.11 -7.87
CA LEU A 803 25.63 -9.47 -7.63
C LEU A 803 26.85 -10.34 -7.33
N VAL A 804 26.81 -11.02 -6.19
CA VAL A 804 27.92 -11.80 -5.67
C VAL A 804 27.58 -13.27 -5.73
N PRO A 805 28.44 -14.12 -6.28
CA PRO A 805 28.16 -15.56 -6.24
C PRO A 805 28.46 -16.12 -4.86
N PHE A 806 27.68 -17.12 -4.48
CA PHE A 806 27.84 -17.77 -3.17
C PHE A 806 28.97 -18.80 -3.22
N THR A 807 29.62 -18.98 -2.08
CA THR A 807 30.77 -19.88 -2.00
C THR A 807 30.39 -21.27 -1.52
N SER A 808 29.43 -21.37 -0.61
CA SER A 808 29.02 -22.65 -0.04
C SER A 808 27.51 -22.71 0.05
N HIS A 809 26.99 -23.93 0.20
CA HIS A 809 25.56 -24.14 0.39
C HIS A 809 25.08 -23.74 1.77
N GLU A 810 25.97 -23.77 2.78
CA GLU A 810 25.58 -23.35 4.12
C GLU A 810 25.22 -21.87 4.15
N ASP A 811 26.09 -21.03 3.58
CA ASP A 811 25.78 -19.61 3.47
C ASP A 811 24.52 -19.38 2.66
N HIS A 812 24.34 -20.14 1.58
CA HIS A 812 23.16 -19.99 0.75
C HIS A 812 21.89 -20.25 1.55
N ASP A 813 21.85 -21.38 2.27
CA ASP A 813 20.69 -21.70 3.08
C ASP A 813 20.46 -20.64 4.16
N PHE A 814 21.54 -20.15 4.77
CA PHE A 814 21.41 -19.15 5.81
C PHE A 814 20.77 -17.88 5.28
N PHE A 815 21.32 -17.34 4.18
CA PHE A 815 20.79 -16.10 3.64
C PHE A 815 19.40 -16.30 3.05
N GLN A 816 19.09 -17.50 2.57
CA GLN A 816 17.74 -17.74 2.06
C GLN A 816 16.73 -17.73 3.20
N HIS A 817 17.06 -18.36 4.33
CA HIS A 817 16.18 -18.29 5.49
C HIS A 817 16.08 -16.87 6.03
N VAL A 818 17.15 -16.08 5.92
CA VAL A 818 17.09 -14.68 6.33
C VAL A 818 16.12 -13.91 5.45
N GLU A 819 16.21 -14.12 4.13
CA GLU A 819 15.24 -13.52 3.20
C GLU A 819 13.82 -13.90 3.57
N MET A 820 13.58 -15.18 3.84
CA MET A 820 12.23 -15.63 4.18
C MET A 820 11.72 -14.95 5.44
N HIS A 821 12.53 -14.95 6.49
CA HIS A 821 12.09 -14.38 7.76
C HIS A 821 11.89 -12.88 7.66
N LEU A 822 12.69 -12.18 6.87
CA LEU A 822 12.46 -10.74 6.73
C LEU A 822 11.28 -10.43 5.82
N ARG A 823 11.03 -11.29 4.82
CA ARG A 823 9.80 -11.16 4.05
C ARG A 823 8.58 -11.25 4.95
N SER A 824 8.60 -12.18 5.91
CA SER A 824 7.43 -12.33 6.77
C SER A 824 7.35 -11.23 7.83
N GLU A 825 8.44 -11.00 8.56
CA GLU A 825 8.42 -10.17 9.77
C GLU A 825 8.70 -8.70 9.52
N HIS A 826 9.13 -8.31 8.32
CA HIS A 826 9.51 -6.92 8.03
C HIS A 826 9.08 -6.59 6.61
N PRO A 827 7.77 -6.61 6.33
CA PRO A 827 7.30 -6.50 4.95
C PRO A 827 7.62 -5.14 4.36
N PRO A 828 7.63 -5.03 3.03
CA PRO A 828 7.89 -3.73 2.40
C PRO A 828 6.97 -2.64 2.93
N LEU A 829 7.45 -1.39 2.85
CA LEU A 829 6.81 -0.30 3.57
C LEU A 829 5.51 0.15 2.91
N CYS A 830 5.37 -0.03 1.61
CA CYS A 830 4.22 0.49 0.86
C CYS A 830 3.31 -0.63 0.36
N GLY A 831 3.10 -1.65 1.19
CA GLY A 831 2.12 -2.69 0.91
C GLY A 831 2.54 -3.72 -0.11
N ARG A 832 3.68 -3.56 -0.78
CA ARG A 832 4.08 -4.53 -1.77
C ARG A 832 4.50 -5.84 -1.11
N ASP A 833 4.40 -6.93 -1.87
CA ASP A 833 4.93 -8.23 -1.46
C ASP A 833 6.30 -8.42 -2.09
N HIS A 834 7.30 -8.68 -1.25
CA HIS A 834 8.69 -8.68 -1.73
C HIS A 834 8.91 -9.74 -2.80
N LEU A 835 8.43 -10.96 -2.55
CA LEU A 835 8.61 -12.04 -3.51
C LEU A 835 7.87 -11.74 -4.80
N SER A 836 6.68 -11.14 -4.71
CA SER A 836 5.99 -10.69 -5.91
C SER A 836 6.78 -9.59 -6.61
N PHE A 837 7.35 -8.66 -5.83
CA PHE A 837 8.05 -7.53 -6.43
C PHE A 837 9.26 -7.98 -7.23
N ARG A 838 10.13 -8.77 -6.62
CA ARG A 838 11.28 -9.30 -7.36
C ARG A 838 10.86 -10.28 -8.46
N SER A 839 9.60 -10.69 -8.49
CA SER A 839 9.04 -11.47 -9.60
C SER A 839 8.16 -10.62 -10.49
N TYR A 840 8.56 -9.38 -10.78
CA TYR A 840 7.66 -8.46 -11.47
C TYR A 840 7.29 -8.98 -12.85
N TYR A 841 8.27 -9.39 -13.64
CA TYR A 841 8.02 -9.85 -15.01
C TYR A 841 8.36 -11.31 -15.24
N PHE A 842 9.24 -11.88 -14.43
CA PHE A 842 9.62 -13.28 -14.42
C PHE A 842 9.81 -13.70 -12.97
N PRO A 843 9.45 -14.93 -12.62
CA PRO A 843 9.66 -15.38 -11.24
C PRO A 843 11.14 -15.44 -10.90
N VAL A 844 11.46 -15.13 -9.64
CA VAL A 844 12.84 -15.06 -9.21
C VAL A 844 13.50 -16.42 -9.36
N LYS A 845 14.76 -16.42 -9.79
CA LYS A 845 15.53 -17.66 -9.94
C LYS A 845 16.93 -17.40 -9.41
N ASN A 846 17.21 -17.93 -8.22
CA ASN A 846 18.56 -18.03 -7.68
C ASN A 846 19.17 -16.66 -7.39
N VAL A 847 18.38 -15.75 -6.82
CA VAL A 847 18.92 -14.49 -6.33
C VAL A 847 18.35 -14.22 -4.94
N ILE A 848 19.21 -13.77 -4.03
CA ILE A 848 18.81 -13.34 -2.69
C ILE A 848 18.92 -11.83 -2.63
N ASP A 849 17.91 -11.19 -2.04
CA ASP A 849 17.88 -9.72 -1.95
C ASP A 849 18.60 -9.31 -0.68
N GLY A 850 19.85 -8.86 -0.84
CA GLY A 850 20.60 -8.39 0.31
C GLY A 850 20.13 -7.04 0.82
N ASP A 851 19.60 -6.20 -0.08
CA ASP A 851 19.02 -4.94 0.37
C ASP A 851 17.90 -5.18 1.37
N LEU A 852 17.19 -6.31 1.25
CA LEU A 852 16.23 -6.69 2.28
C LEU A 852 16.93 -7.29 3.50
N CYS A 853 17.89 -8.18 3.28
CA CYS A 853 18.55 -8.87 4.40
C CYS A 853 19.19 -7.89 5.37
N GLU A 854 19.81 -6.83 4.85
CA GLU A 854 20.47 -5.85 5.72
C GLU A 854 19.47 -4.99 6.49
N GLN A 855 18.18 -5.10 6.22
CA GLN A 855 17.17 -4.47 7.06
C GLN A 855 16.97 -5.20 8.37
N PHE A 856 17.66 -6.32 8.59
CA PHE A 856 17.64 -6.96 9.89
C PHE A 856 18.08 -6.01 10.99
N ASN A 857 19.02 -5.10 10.68
CA ASN A 857 19.52 -4.13 11.65
C ASN A 857 18.53 -2.99 11.92
N SER A 858 17.44 -2.89 11.15
CA SER A 858 16.46 -1.83 11.33
C SER A 858 15.20 -2.29 12.06
N MET A 859 15.10 -3.57 12.40
CA MET A 859 13.92 -4.08 13.08
C MET A 859 13.98 -3.67 14.55
N GLU A 860 13.04 -4.18 15.34
CA GLU A 860 12.99 -3.95 16.77
C GLU A 860 13.69 -5.08 17.50
N PRO A 861 14.16 -4.84 18.74
CA PRO A 861 14.89 -5.88 19.47
C PRO A 861 14.20 -7.23 19.54
N ASN A 862 12.88 -7.26 19.74
CA ASN A 862 12.18 -8.54 19.87
C ASN A 862 12.16 -9.30 18.55
N LYS A 863 11.91 -8.60 17.44
CA LYS A 863 11.93 -9.25 16.13
C LYS A 863 13.32 -9.79 15.81
N GLN A 864 14.36 -9.01 16.11
CA GLN A 864 15.72 -9.45 15.87
C GLN A 864 16.06 -10.68 16.71
N LYS A 865 15.65 -10.67 17.98
CA LYS A 865 15.90 -11.83 18.85
C LYS A 865 15.20 -13.07 18.31
N ASN A 866 13.94 -12.94 17.91
CA ASN A 866 13.20 -14.09 17.40
C ASN A 866 13.81 -14.63 16.12
N VAL A 867 14.17 -13.75 15.19
CA VAL A 867 14.77 -14.20 13.94
C VAL A 867 16.11 -14.87 14.18
N SER A 868 16.93 -14.29 15.07
CA SER A 868 18.23 -14.89 15.35
C SER A 868 18.08 -16.24 16.06
N GLU A 869 17.10 -16.35 16.97
CA GLU A 869 16.87 -17.62 17.64
C GLU A 869 16.39 -18.69 16.67
N GLU A 870 15.54 -18.30 15.71
CA GLU A 870 15.11 -19.26 14.69
C GLU A 870 16.28 -19.70 13.82
N LEU A 871 17.22 -18.79 13.56
CA LEU A 871 18.43 -19.13 12.81
C LEU A 871 19.46 -19.86 13.67
N ASP A 872 19.14 -20.13 14.94
CA ASP A 872 20.06 -20.78 15.87
C ASP A 872 21.34 -19.98 16.04
N ARG A 873 21.21 -18.64 16.05
CA ARG A 873 22.34 -17.74 16.16
C ARG A 873 21.97 -16.59 17.09
N THR A 874 22.91 -15.65 17.26
CA THR A 874 22.70 -14.43 18.02
C THR A 874 22.62 -13.23 17.07
N PRO A 875 21.93 -12.17 17.46
CA PRO A 875 21.72 -11.02 16.55
C PRO A 875 23.03 -10.40 16.09
N PRO A 876 23.99 -10.13 17.00
CA PRO A 876 25.28 -9.59 16.53
C PRO A 876 25.97 -10.51 15.54
N GLU A 877 25.79 -11.82 15.66
CA GLU A 877 26.40 -12.76 14.73
C GLU A 877 25.82 -12.58 13.32
N VAL A 878 24.50 -12.39 13.22
CA VAL A 878 23.85 -12.17 11.93
C VAL A 878 24.32 -10.87 11.31
N SER A 879 24.34 -9.79 12.12
CA SER A 879 24.85 -8.52 11.62
C SER A 879 26.30 -8.67 11.14
N LYS A 880 27.10 -9.43 11.88
CA LYS A 880 28.49 -9.65 11.48
C LYS A 880 28.57 -10.36 10.14
N LYS A 881 27.73 -11.38 9.93
CA LYS A 881 27.76 -12.11 8.66
C LYS A 881 27.43 -11.20 7.48
N LEU A 882 26.37 -10.41 7.62
CA LEU A 882 25.99 -9.49 6.55
C LEU A 882 27.09 -8.47 6.27
N GLU A 883 27.63 -7.87 7.34
CA GLU A 883 28.73 -6.92 7.19
C GLU A 883 29.94 -7.56 6.52
N ASP A 884 30.20 -8.84 6.80
CA ASP A 884 31.33 -9.53 6.19
C ASP A 884 31.13 -9.71 4.70
N ILE A 885 29.92 -10.10 4.29
CA ILE A 885 29.63 -10.16 2.86
C ILE A 885 29.87 -8.80 2.21
N ARG A 886 29.55 -7.72 2.91
CA ARG A 886 29.86 -6.40 2.35
C ARG A 886 31.36 -6.11 2.34
N THR A 887 32.10 -6.56 3.36
CA THR A 887 33.55 -6.32 3.39
C THR A 887 34.23 -7.01 2.22
N ARG A 888 33.79 -8.23 1.87
CA ARG A 888 34.31 -8.86 0.66
C ARG A 888 34.06 -8.00 -0.58
N TYR A 889 32.98 -7.21 -0.58
CA TYR A 889 32.45 -6.56 -1.78
C TYR A 889 32.29 -7.57 -2.91
N ALA A 890 32.15 -8.84 -2.53
CA ALA A 890 32.34 -9.99 -3.42
C ALA A 890 32.22 -11.29 -2.62
N GLN B 15 -15.95 -10.94 -14.54
CA GLN B 15 -14.73 -10.70 -15.32
C GLN B 15 -14.97 -9.68 -16.43
N SER B 16 -16.26 -9.45 -16.74
CA SER B 16 -16.62 -8.48 -17.76
C SER B 16 -16.29 -7.05 -17.33
N LYS B 17 -16.32 -6.78 -16.02
CA LYS B 17 -16.09 -5.42 -15.53
C LYS B 17 -14.63 -5.01 -15.67
N TYR B 18 -13.69 -5.95 -15.52
CA TYR B 18 -12.28 -5.63 -15.65
C TYR B 18 -11.96 -5.29 -17.11
N ILE B 19 -11.52 -4.05 -17.34
CA ILE B 19 -11.21 -3.61 -18.69
C ILE B 19 -9.98 -4.35 -19.20
N GLY B 20 -10.00 -4.73 -20.47
CA GLY B 20 -8.92 -5.45 -21.09
C GLY B 20 -9.21 -6.92 -21.34
N THR B 21 -10.09 -7.52 -20.53
CA THR B 21 -10.52 -8.88 -20.77
C THR B 21 -11.26 -8.97 -22.11
N GLY B 22 -11.35 -10.19 -22.63
CA GLY B 22 -11.93 -10.42 -23.94
C GLY B 22 -12.84 -11.62 -23.96
N HIS B 23 -13.36 -11.90 -25.16
CA HIS B 23 -14.27 -13.00 -25.41
C HIS B 23 -13.99 -13.53 -26.80
N ALA B 24 -14.80 -14.49 -27.26
CA ALA B 24 -14.58 -15.09 -28.56
C ALA B 24 -14.79 -14.11 -29.71
N ASP B 25 -15.52 -13.01 -29.48
CA ASP B 25 -15.81 -12.02 -30.51
C ASP B 25 -14.93 -10.77 -30.38
N THR B 26 -13.87 -10.84 -29.60
CA THR B 26 -12.94 -9.72 -29.47
C THR B 26 -12.18 -9.53 -30.78
N THR B 27 -12.20 -8.32 -31.31
CA THR B 27 -11.53 -8.01 -32.54
C THR B 27 -10.06 -7.69 -32.30
N LYS B 28 -9.27 -7.75 -33.37
CA LYS B 28 -7.86 -7.38 -33.30
C LYS B 28 -7.68 -5.97 -32.77
N TRP B 29 -8.49 -5.03 -33.27
CA TRP B 29 -8.36 -3.64 -32.88
C TRP B 29 -8.62 -3.44 -31.39
N GLU B 30 -9.64 -4.10 -30.87
CA GLU B 30 -9.96 -3.96 -29.44
C GLU B 30 -8.81 -4.46 -28.57
N TRP B 31 -8.33 -5.67 -28.85
CA TRP B 31 -7.21 -6.22 -28.10
C TRP B 31 -5.99 -5.32 -28.14
N LEU B 32 -5.67 -4.78 -29.33
CA LEU B 32 -4.46 -4.00 -29.44
C LEU B 32 -4.59 -2.62 -28.82
N VAL B 33 -5.76 -1.97 -28.91
CA VAL B 33 -5.94 -0.70 -28.21
C VAL B 33 -5.90 -0.94 -26.71
N ASN B 34 -6.44 -2.08 -26.24
CA ASN B 34 -6.35 -2.42 -24.83
C ASN B 34 -4.90 -2.52 -24.39
N GLN B 35 -4.09 -3.27 -25.14
CA GLN B 35 -2.71 -3.43 -24.71
C GLN B 35 -1.90 -2.15 -24.91
N HIS B 36 -2.29 -1.30 -25.84
CA HIS B 36 -1.60 -0.02 -26.00
C HIS B 36 -1.88 0.91 -24.82
N ARG B 37 -3.13 0.99 -24.38
CA ARG B 37 -3.44 1.81 -23.21
C ARG B 37 -2.80 1.23 -21.95
N ASP B 38 -2.78 -0.10 -21.83
CA ASP B 38 -2.04 -0.75 -20.76
C ASP B 38 -0.57 -0.33 -20.78
N SER B 39 0.05 -0.38 -21.96
CA SER B 39 1.45 0.00 -22.07
C SER B 39 1.67 1.45 -21.66
N TYR B 40 0.80 2.36 -22.13
CA TYR B 40 0.99 3.76 -21.79
C TYR B 40 0.85 4.00 -20.29
N CYS B 41 -0.11 3.34 -19.65
CA CYS B 41 -0.23 3.47 -18.20
C CYS B 41 0.98 2.87 -17.49
N SER B 42 1.54 1.79 -18.04
CA SER B 42 2.72 1.20 -17.44
C SER B 42 3.93 2.12 -17.58
N TYR B 43 4.03 2.83 -18.71
CA TYR B 43 5.07 3.84 -18.85
C TYR B 43 4.89 4.95 -17.83
N MET B 44 3.65 5.38 -17.62
CA MET B 44 3.38 6.43 -16.63
C MET B 44 3.72 5.96 -15.22
N GLY B 45 3.52 4.67 -14.92
CA GLY B 45 3.77 4.15 -13.60
C GLY B 45 5.24 3.90 -13.29
N HIS B 46 5.94 3.22 -14.20
CA HIS B 46 7.34 2.88 -13.98
C HIS B 46 8.24 4.06 -14.30
N PHE B 47 8.98 4.54 -13.31
CA PHE B 47 9.71 5.78 -13.47
C PHE B 47 10.85 5.66 -14.48
N ASP B 48 11.60 4.56 -14.44
CA ASP B 48 12.76 4.45 -15.32
C ASP B 48 12.37 4.21 -16.77
N LEU B 49 11.20 3.63 -17.02
CA LEU B 49 10.70 3.51 -18.38
C LEU B 49 10.45 4.89 -18.98
N LEU B 50 9.73 5.74 -18.23
CA LEU B 50 9.53 7.13 -18.66
C LEU B 50 10.86 7.85 -18.81
N ASN B 51 11.82 7.58 -17.93
CA ASN B 51 13.14 8.20 -18.04
C ASN B 51 13.81 7.82 -19.36
N TYR B 52 13.82 6.52 -19.67
CA TYR B 52 14.37 6.05 -20.94
C TYR B 52 13.71 6.74 -22.12
N PHE B 53 12.38 6.87 -22.07
CA PHE B 53 11.64 7.50 -23.16
C PHE B 53 12.02 8.97 -23.29
N ALA B 54 12.12 9.69 -22.17
CA ALA B 54 12.45 11.11 -22.22
C ALA B 54 13.88 11.35 -22.63
N ILE B 55 14.77 10.40 -22.36
CA ILE B 55 16.14 10.54 -22.82
C ILE B 55 16.24 10.30 -24.32
N ALA B 56 15.51 9.30 -24.82
CA ALA B 56 15.49 9.03 -26.26
C ALA B 56 15.05 10.26 -27.04
N GLU B 57 13.75 10.55 -27.01
CA GLU B 57 13.21 11.80 -27.56
C GLU B 57 13.43 12.90 -26.54
N ASN B 58 14.28 13.87 -26.87
CA ASN B 58 14.73 14.87 -25.92
C ASN B 58 13.56 15.80 -25.59
N GLU B 59 12.77 15.38 -24.60
CA GLU B 59 11.64 16.15 -24.11
C GLU B 59 11.60 16.02 -22.60
N SER B 60 11.00 17.02 -21.96
CA SER B 60 10.84 16.98 -20.52
C SER B 60 9.91 15.84 -20.13
N LYS B 61 10.08 15.35 -18.90
CA LYS B 61 9.23 14.26 -18.43
C LYS B 61 7.76 14.64 -18.49
N ALA B 62 7.43 15.86 -18.08
CA ALA B 62 6.04 16.31 -18.13
C ALA B 62 5.51 16.31 -19.55
N ARG B 63 6.36 16.69 -20.52
CA ARG B 63 5.91 16.71 -21.91
C ARG B 63 5.67 15.28 -22.41
N VAL B 64 6.50 14.34 -21.99
CA VAL B 64 6.29 12.95 -22.41
C VAL B 64 5.01 12.40 -21.80
N ARG B 65 4.76 12.69 -20.51
CA ARG B 65 3.51 12.27 -19.89
C ARG B 65 2.31 12.87 -20.60
N PHE B 66 2.39 14.16 -20.97
CA PHE B 66 1.28 14.80 -21.66
C PHE B 66 1.05 14.19 -23.03
N ASN B 67 2.13 13.89 -23.76
CA ASN B 67 1.98 13.26 -25.08
C ASN B 67 1.38 11.87 -24.95
N LEU B 68 1.77 11.13 -23.92
CA LEU B 68 1.19 9.80 -23.70
C LEU B 68 -0.31 9.90 -23.41
N MET B 69 -0.68 10.80 -22.47
CA MET B 69 -2.09 10.99 -22.17
C MET B 69 -2.87 11.45 -23.40
N GLU B 70 -2.24 12.23 -24.28
CA GLU B 70 -2.90 12.62 -25.52
C GLU B 70 -3.09 11.40 -26.43
N LYS B 71 -2.10 10.51 -26.45
CA LYS B 71 -2.20 9.29 -27.26
C LYS B 71 -3.21 8.29 -26.70
N MET B 72 -3.65 8.47 -25.45
CA MET B 72 -4.61 7.53 -24.89
C MET B 72 -5.96 7.50 -25.62
N LEU B 73 -6.32 8.57 -26.35
CA LEU B 73 -7.61 8.63 -27.05
C LEU B 73 -7.75 7.55 -28.13
N GLN B 74 -7.00 7.69 -29.21
CA GLN B 74 -6.90 6.66 -30.25
C GLN B 74 -5.43 6.34 -30.43
N PRO B 75 -4.90 5.42 -29.61
CA PRO B 75 -3.48 5.05 -29.75
C PRO B 75 -3.19 4.32 -31.05
N CYS B 76 -4.20 3.71 -31.67
CA CYS B 76 -4.02 2.94 -32.89
C CYS B 76 -4.78 3.49 -34.08
N GLY B 77 -5.81 4.30 -33.87
CA GLY B 77 -6.61 4.83 -34.96
C GLY B 77 -8.05 4.36 -34.87
N PRO B 78 -8.88 4.82 -35.80
CA PRO B 78 -10.31 4.48 -35.75
C PRO B 78 -10.56 3.10 -36.33
N PRO B 79 -11.61 2.41 -35.88
CA PRO B 79 -11.98 1.09 -36.40
C PRO B 79 -12.62 1.14 -37.78
N ASN C 11 -44.49 -12.88 -9.74
CA ASN C 11 -45.33 -13.35 -8.63
C ASN C 11 -45.28 -12.37 -7.45
N LEU C 12 -45.88 -12.79 -6.32
CA LEU C 12 -45.98 -11.95 -5.15
C LEU C 12 -45.28 -12.60 -3.97
N PRO C 13 -44.57 -11.82 -3.15
CA PRO C 13 -43.81 -12.41 -2.04
C PRO C 13 -44.73 -13.00 -0.97
N PHE C 14 -44.13 -13.82 -0.12
CA PHE C 14 -44.86 -14.38 1.01
C PHE C 14 -45.22 -13.30 2.01
N LEU C 15 -46.41 -13.42 2.60
CA LEU C 15 -46.94 -12.42 3.51
C LEU C 15 -47.09 -13.04 4.89
N LYS C 16 -46.39 -12.50 5.88
CA LYS C 16 -46.53 -12.91 7.26
C LYS C 16 -47.89 -12.45 7.79
N PRO C 17 -48.32 -12.95 8.96
CA PRO C 17 -49.55 -12.42 9.56
C PRO C 17 -49.56 -10.91 9.72
N ASP C 18 -48.46 -10.33 10.20
CA ASP C 18 -48.42 -8.89 10.45
C ASP C 18 -48.48 -8.08 9.15
N ASP C 19 -48.01 -8.65 8.04
CA ASP C 19 -48.01 -7.92 6.77
C ASP C 19 -49.40 -7.81 6.17
N ILE C 20 -50.36 -8.61 6.66
CA ILE C 20 -51.70 -8.61 6.09
C ILE C 20 -52.33 -7.23 6.23
N GLN C 21 -52.22 -6.63 7.41
CA GLN C 21 -52.81 -5.32 7.65
C GLN C 21 -52.37 -4.31 6.59
N TYR C 22 -51.07 -4.29 6.28
CA TYR C 22 -50.53 -3.24 5.43
C TYR C 22 -50.65 -3.57 3.94
N PHE C 23 -50.75 -4.86 3.58
CA PHE C 23 -50.78 -5.23 2.16
C PHE C 23 -52.01 -6.05 1.79
N ASP C 24 -53.13 -5.88 2.53
CA ASP C 24 -54.32 -6.64 2.20
C ASP C 24 -54.82 -6.36 0.78
N LYS C 25 -54.78 -5.09 0.36
CA LYS C 25 -55.32 -4.72 -0.95
C LYS C 25 -54.63 -5.46 -2.08
N LEU C 26 -53.38 -5.88 -1.89
CA LEU C 26 -52.65 -6.60 -2.94
C LEU C 26 -53.16 -8.03 -3.11
N LEU C 27 -53.92 -8.55 -2.15
CA LEU C 27 -54.37 -9.93 -2.23
C LEU C 27 -55.50 -10.10 -3.25
N VAL C 28 -56.44 -9.15 -3.28
CA VAL C 28 -57.55 -9.24 -4.24
C VAL C 28 -57.03 -8.99 -5.64
N ASP C 29 -57.62 -9.69 -6.62
CA ASP C 29 -57.21 -9.57 -8.02
C ASP C 29 -58.22 -8.68 -8.73
N VAL C 30 -57.80 -7.46 -9.06
CA VAL C 30 -58.65 -6.47 -9.70
C VAL C 30 -57.95 -5.97 -10.96
N ASP C 31 -58.68 -5.90 -12.06
CA ASP C 31 -58.15 -5.31 -13.28
C ASP C 31 -57.73 -3.87 -13.02
N GLU C 32 -56.45 -3.57 -13.29
CA GLU C 32 -55.90 -2.25 -13.00
C GLU C 32 -56.32 -1.19 -14.01
N SER C 33 -57.30 -1.48 -14.87
CA SER C 33 -57.91 -0.45 -15.71
C SER C 33 -58.99 0.33 -14.97
N THR C 34 -59.70 -0.33 -14.05
CA THR C 34 -60.80 0.30 -13.30
C THR C 34 -60.33 0.84 -11.96
N LEU C 35 -59.29 1.67 -12.00
CA LEU C 35 -58.68 2.21 -10.78
C LEU C 35 -58.64 3.73 -10.78
N SER C 36 -58.97 4.29 -9.62
CA SER C 36 -58.84 5.72 -9.41
C SER C 36 -57.38 6.12 -9.53
N PRO C 37 -57.09 7.34 -9.99
CA PRO C 37 -55.69 7.75 -10.15
C PRO C 37 -54.89 7.69 -8.86
N GLU C 38 -55.48 8.13 -7.74
CA GLU C 38 -54.79 8.02 -6.45
C GLU C 38 -54.59 6.58 -6.05
N GLU C 39 -55.66 5.77 -6.10
CA GLU C 39 -55.58 4.38 -5.71
C GLU C 39 -54.65 3.58 -6.63
N GLN C 40 -54.55 3.97 -7.90
CA GLN C 40 -53.59 3.36 -8.79
C GLN C 40 -52.17 3.50 -8.25
N LYS C 41 -51.82 4.71 -7.80
CA LYS C 41 -50.49 4.93 -7.22
C LYS C 41 -50.34 4.18 -5.91
N GLU C 42 -51.38 4.18 -5.06
CA GLU C 42 -51.32 3.46 -3.80
C GLU C 42 -51.00 1.98 -4.02
N ARG C 43 -51.64 1.36 -5.02
CA ARG C 43 -51.40 -0.05 -5.29
C ARG C 43 -49.97 -0.31 -5.73
N LYS C 44 -49.43 0.55 -6.60
CA LYS C 44 -48.06 0.34 -7.06
C LYS C 44 -47.05 0.56 -5.94
N ILE C 45 -47.29 1.57 -5.10
CA ILE C 45 -46.41 1.77 -3.95
C ILE C 45 -46.47 0.59 -3.00
N MET C 46 -47.67 0.03 -2.80
CA MET C 46 -47.81 -1.16 -1.98
C MET C 46 -47.00 -2.31 -2.55
N LYS C 47 -47.15 -2.57 -3.86
CA LYS C 47 -46.44 -3.68 -4.47
C LYS C 47 -44.93 -3.48 -4.40
N LEU C 48 -44.47 -2.25 -4.65
CA LEU C 48 -43.05 -1.96 -4.60
C LEU C 48 -42.50 -2.15 -3.20
N LEU C 49 -43.20 -1.63 -2.19
CA LEU C 49 -42.75 -1.78 -0.82
C LEU C 49 -42.77 -3.23 -0.38
N LEU C 50 -43.74 -4.02 -0.86
CA LEU C 50 -43.78 -5.43 -0.49
C LEU C 50 -42.63 -6.19 -1.14
N LYS C 51 -42.30 -5.87 -2.38
CA LYS C 51 -41.17 -6.50 -3.04
C LYS C 51 -39.85 -6.08 -2.39
N ILE C 52 -39.78 -4.85 -1.87
CA ILE C 52 -38.58 -4.40 -1.18
C ILE C 52 -38.43 -5.12 0.16
N LYS C 53 -39.49 -5.13 0.97
CA LYS C 53 -39.41 -5.65 2.33
C LYS C 53 -39.21 -7.16 2.34
N ASN C 54 -40.06 -7.91 1.62
CA ASN C 54 -39.93 -9.35 1.51
C ASN C 54 -39.61 -9.68 0.06
N GLY C 55 -38.38 -10.15 -0.19
CA GLY C 55 -38.00 -10.49 -1.54
C GLY C 55 -36.53 -10.79 -1.72
N THR C 56 -36.21 -11.55 -2.77
CA THR C 56 -34.83 -11.88 -3.08
C THR C 56 -34.06 -10.61 -3.43
N PRO C 57 -32.73 -10.65 -3.29
CA PRO C 57 -31.91 -9.46 -3.60
C PRO C 57 -32.14 -8.93 -5.01
N PRO C 58 -32.36 -9.79 -6.01
CA PRO C 58 -32.75 -9.22 -7.32
C PRO C 58 -34.06 -8.44 -7.27
N MET C 59 -35.08 -8.99 -6.59
CA MET C 59 -36.32 -8.25 -6.40
C MET C 59 -36.09 -6.93 -5.68
N ARG C 60 -35.27 -6.96 -4.63
CA ARG C 60 -34.98 -5.75 -3.87
C ARG C 60 -34.31 -4.69 -4.75
N LYS C 61 -33.31 -5.09 -5.53
CA LYS C 61 -32.59 -4.13 -6.37
C LYS C 61 -33.50 -3.55 -7.45
N ALA C 62 -34.27 -4.42 -8.12
CA ALA C 62 -35.17 -3.94 -9.17
C ALA C 62 -36.23 -3.01 -8.59
N ALA C 63 -36.80 -3.37 -7.44
CA ALA C 63 -37.83 -2.54 -6.83
C ALA C 63 -37.24 -1.23 -6.32
N LEU C 64 -35.98 -1.23 -5.86
CA LEU C 64 -35.34 0.03 -5.48
C LEU C 64 -35.17 0.94 -6.67
N ARG C 65 -34.66 0.40 -7.79
CA ARG C 65 -34.55 1.21 -9.00
C ARG C 65 -35.91 1.78 -9.40
N GLN C 66 -36.95 0.96 -9.35
CA GLN C 66 -38.27 1.41 -9.79
C GLN C 66 -38.85 2.46 -8.85
N ILE C 67 -38.68 2.30 -7.53
CA ILE C 67 -39.26 3.24 -6.59
C ILE C 67 -38.49 4.55 -6.58
N THR C 68 -37.19 4.52 -6.89
CA THR C 68 -36.43 5.77 -6.90
C THR C 68 -36.58 6.51 -8.22
N ASP C 69 -36.66 5.79 -9.34
CA ASP C 69 -36.78 6.45 -10.63
C ASP C 69 -38.13 7.15 -10.78
N LYS C 70 -39.18 6.56 -10.22
CA LYS C 70 -40.53 7.10 -10.33
C LYS C 70 -40.97 7.85 -9.09
N ALA C 71 -40.04 8.17 -8.18
CA ALA C 71 -40.41 8.81 -6.92
C ALA C 71 -41.00 10.19 -7.16
N ARG C 72 -40.41 10.96 -8.09
CA ARG C 72 -40.92 12.30 -8.36
C ARG C 72 -42.32 12.23 -8.97
N GLU C 73 -42.52 11.32 -9.93
CA GLU C 73 -43.85 11.10 -10.47
C GLU C 73 -44.82 10.61 -9.40
N PHE C 74 -44.33 9.77 -8.49
CA PHE C 74 -45.16 9.26 -7.40
C PHE C 74 -45.55 10.35 -6.41
N GLY C 75 -44.72 11.36 -6.24
CA GLY C 75 -44.94 12.36 -5.21
C GLY C 75 -44.45 11.88 -3.85
N ALA C 76 -44.43 12.81 -2.89
CA ALA C 76 -43.90 12.51 -1.56
C ALA C 76 -44.99 12.06 -0.60
N GLY C 77 -46.18 12.63 -0.71
CA GLY C 77 -47.28 12.35 0.19
C GLY C 77 -47.64 10.88 0.29
N PRO C 78 -48.06 10.27 -0.82
CA PRO C 78 -48.44 8.84 -0.77
C PRO C 78 -47.31 7.93 -0.34
N LEU C 79 -46.10 8.17 -0.84
CA LEU C 79 -44.95 7.35 -0.46
C LEU C 79 -44.72 7.40 1.05
N PHE C 80 -44.61 8.60 1.61
CA PHE C 80 -44.34 8.68 3.04
C PHE C 80 -45.51 8.17 3.87
N ASN C 81 -46.75 8.30 3.35
CA ASN C 81 -47.91 7.75 4.04
C ASN C 81 -47.84 6.24 4.12
N GLN C 82 -47.47 5.58 3.03
CA GLN C 82 -47.32 4.12 3.10
C GLN C 82 -46.09 3.68 3.87
N ILE C 83 -45.07 4.53 3.96
CA ILE C 83 -43.83 4.12 4.61
C ILE C 83 -43.92 4.26 6.13
N LEU C 84 -44.57 5.32 6.63
CA LEU C 84 -44.50 5.59 8.08
C LEU C 84 -45.23 4.52 8.90
N PRO C 85 -46.49 4.16 8.61
CA PRO C 85 -47.08 3.03 9.35
C PRO C 85 -46.29 1.75 9.24
N LEU C 86 -45.71 1.46 8.07
CA LEU C 86 -44.87 0.28 7.94
C LEU C 86 -43.70 0.34 8.91
N LEU C 87 -43.14 1.55 9.09
CA LEU C 87 -42.00 1.70 10.01
C LEU C 87 -42.44 1.64 11.46
N MET C 88 -43.61 2.20 11.78
CA MET C 88 -44.12 2.22 13.15
C MET C 88 -44.69 0.88 13.60
N SER C 89 -44.61 -0.17 12.77
CA SER C 89 -45.15 -1.45 13.18
C SER C 89 -44.35 -2.01 14.35
N PRO C 90 -45.00 -2.38 15.46
CA PRO C 90 -44.26 -3.02 16.55
C PRO C 90 -43.64 -4.35 16.17
N THR C 91 -44.12 -4.99 15.11
CA THR C 91 -43.62 -6.29 14.67
C THR C 91 -42.47 -6.16 13.67
N LEU C 92 -42.00 -4.95 13.39
CA LEU C 92 -40.96 -4.75 12.40
C LEU C 92 -39.65 -5.37 12.88
N GLU C 93 -39.10 -6.29 12.09
CA GLU C 93 -37.80 -6.85 12.41
C GLU C 93 -36.71 -5.83 12.10
N ASP C 94 -35.54 -6.04 12.71
CA ASP C 94 -34.48 -5.02 12.69
C ASP C 94 -33.95 -4.77 11.28
N GLN C 95 -33.90 -5.80 10.42
CA GLN C 95 -33.35 -5.62 9.08
C GLN C 95 -34.35 -4.93 8.16
N GLU C 96 -35.64 -5.19 8.36
CA GLU C 96 -36.67 -4.52 7.59
C GLU C 96 -36.62 -3.01 7.80
N ARG C 97 -36.34 -2.58 9.02
CA ARG C 97 -36.16 -1.16 9.30
C ARG C 97 -35.03 -0.57 8.49
N HIS C 98 -33.90 -1.30 8.39
CA HIS C 98 -32.79 -0.82 7.60
C HIS C 98 -33.16 -0.69 6.14
N LEU C 99 -33.90 -1.68 5.60
CA LEU C 99 -34.36 -1.58 4.22
C LEU C 99 -35.24 -0.35 4.02
N LEU C 100 -36.15 -0.10 4.96
CA LEU C 100 -37.02 1.07 4.85
C LEU C 100 -36.21 2.37 4.93
N VAL C 101 -35.17 2.40 5.77
CA VAL C 101 -34.35 3.60 5.87
C VAL C 101 -33.60 3.85 4.57
N LYS C 102 -33.13 2.77 3.93
CA LYS C 102 -32.44 2.95 2.64
C LYS C 102 -33.38 3.46 1.56
N VAL C 103 -34.62 2.92 1.52
CA VAL C 103 -35.56 3.44 0.53
C VAL C 103 -35.92 4.89 0.84
N ILE C 104 -35.97 5.26 2.12
CA ILE C 104 -36.24 6.64 2.50
C ILE C 104 -35.13 7.55 1.99
N ASP C 105 -33.87 7.15 2.18
CA ASP C 105 -32.76 7.98 1.69
C ASP C 105 -32.81 8.12 0.18
N ARG C 106 -33.02 7.02 -0.53
CA ARG C 106 -32.97 7.07 -1.99
C ARG C 106 -34.17 7.80 -2.59
N ILE C 107 -35.29 7.89 -1.88
CA ILE C 107 -36.40 8.70 -2.39
C ILE C 107 -36.31 10.15 -1.90
N LEU C 108 -35.66 10.39 -0.75
CA LEU C 108 -35.48 11.75 -0.27
C LEU C 108 -34.48 12.51 -1.12
N TYR C 109 -33.49 11.81 -1.69
CA TYR C 109 -32.57 12.46 -2.62
C TYR C 109 -33.30 12.98 -3.85
N LYS C 110 -34.33 12.25 -4.30
CA LYS C 110 -35.07 12.67 -5.49
C LYS C 110 -36.05 13.81 -5.18
N LEU C 111 -36.77 13.71 -4.07
CA LEU C 111 -37.76 14.73 -3.70
C LEU C 111 -37.09 15.79 -2.84
N ASP C 112 -36.31 16.65 -3.51
CA ASP C 112 -35.56 17.68 -2.79
C ASP C 112 -36.50 18.63 -2.07
N ASP C 113 -37.33 19.37 -2.82
CA ASP C 113 -38.27 20.30 -2.22
C ASP C 113 -39.65 19.71 -1.99
N LEU C 114 -39.92 18.53 -2.55
CA LEU C 114 -41.28 17.99 -2.49
C LEU C 114 -41.67 17.61 -1.07
N VAL C 115 -40.70 17.28 -0.21
CA VAL C 115 -41.04 16.82 1.14
C VAL C 115 -41.19 17.97 2.12
N ARG C 116 -41.00 19.22 1.68
CA ARG C 116 -41.09 20.34 2.60
C ARG C 116 -42.45 20.45 3.29
N PRO C 117 -43.59 20.14 2.65
CA PRO C 117 -44.86 20.14 3.39
C PRO C 117 -44.91 19.10 4.51
N TYR C 118 -44.41 17.90 4.27
CA TYR C 118 -44.63 16.76 5.17
C TYR C 118 -43.57 16.62 6.26
N VAL C 119 -42.54 17.47 6.26
CA VAL C 119 -41.43 17.39 7.21
C VAL C 119 -41.93 17.08 8.61
N HIS C 120 -42.71 18.01 9.17
CA HIS C 120 -43.27 17.86 10.51
C HIS C 120 -43.83 16.47 10.76
N LYS C 121 -44.74 16.02 9.89
CA LYS C 121 -45.35 14.71 10.08
C LYS C 121 -44.27 13.65 10.20
N ILE C 122 -43.36 13.59 9.22
CA ILE C 122 -42.27 12.61 9.26
C ILE C 122 -41.57 12.66 10.61
N LEU C 123 -41.23 13.87 11.07
CA LEU C 123 -40.43 13.98 12.28
C LEU C 123 -41.15 13.35 13.47
N VAL C 124 -42.46 13.56 13.58
CA VAL C 124 -43.12 13.07 14.80
C VAL C 124 -43.16 11.55 14.79
N VAL C 125 -43.01 10.94 13.62
CA VAL C 125 -42.92 9.48 13.55
C VAL C 125 -41.48 9.03 13.81
N ILE C 126 -40.52 9.83 13.39
CA ILE C 126 -39.12 9.39 13.36
C ILE C 126 -38.39 9.68 14.68
N GLU C 127 -38.74 10.78 15.35
CA GLU C 127 -37.95 11.21 16.50
C GLU C 127 -37.87 10.18 17.63
N PRO C 128 -38.91 9.39 17.95
CA PRO C 128 -38.73 8.35 18.97
C PRO C 128 -37.56 7.41 18.70
N LEU C 129 -37.25 7.12 17.44
CA LEU C 129 -36.11 6.29 17.11
C LEU C 129 -34.81 6.85 17.67
N LEU C 130 -34.73 8.18 17.84
CA LEU C 130 -33.53 8.80 18.36
C LEU C 130 -33.28 8.45 19.82
N ILE C 131 -34.29 7.99 20.55
CA ILE C 131 -34.13 7.64 21.95
C ILE C 131 -34.37 6.16 22.22
N ASP C 132 -34.42 5.34 21.17
CA ASP C 132 -34.56 3.92 21.36
C ASP C 132 -33.29 3.31 21.94
N GLU C 133 -33.44 2.16 22.59
CA GLU C 133 -32.30 1.50 23.22
C GLU C 133 -31.37 0.89 22.18
N ASP C 134 -31.91 0.48 21.03
CA ASP C 134 -31.08 -0.09 19.98
C ASP C 134 -30.17 0.96 19.37
N TYR C 135 -28.87 0.67 19.36
CA TYR C 135 -27.89 1.60 18.80
C TYR C 135 -28.15 1.84 17.32
N TYR C 136 -28.42 0.78 16.56
CA TYR C 136 -28.64 0.92 15.13
C TYR C 136 -29.95 1.64 14.84
N ALA C 137 -30.92 1.56 15.74
CA ALA C 137 -32.15 2.33 15.57
C ALA C 137 -31.87 3.82 15.63
N ARG C 138 -31.06 4.25 16.60
CA ARG C 138 -30.66 5.65 16.66
C ARG C 138 -29.84 6.04 15.44
N VAL C 139 -28.96 5.14 14.98
CA VAL C 139 -28.19 5.42 13.77
C VAL C 139 -29.11 5.67 12.58
N GLU C 140 -30.12 4.82 12.42
CA GLU C 140 -31.04 4.95 11.29
C GLU C 140 -31.90 6.21 11.40
N GLY C 141 -32.37 6.53 12.61
CA GLY C 141 -33.09 7.78 12.80
C GLY C 141 -32.26 8.99 12.44
N ARG C 142 -31.01 9.02 12.91
CA ARG C 142 -30.13 10.12 12.55
C ARG C 142 -29.91 10.18 11.04
N GLU C 143 -29.77 9.01 10.40
CA GLU C 143 -29.55 8.98 8.95
C GLU C 143 -30.73 9.60 8.21
N ILE C 144 -31.95 9.23 8.59
CA ILE C 144 -33.11 9.73 7.84
C ILE C 144 -33.37 11.19 8.16
N ILE C 145 -33.11 11.64 9.39
CA ILE C 145 -33.25 13.06 9.68
C ILE C 145 -32.21 13.87 8.93
N SER C 146 -30.99 13.33 8.76
CA SER C 146 -29.96 14.02 7.99
C SER C 146 -30.37 14.15 6.53
N ASN C 147 -30.88 13.06 5.94
CA ASN C 147 -31.34 13.12 4.56
C ASN C 147 -32.51 14.08 4.41
N LEU C 148 -33.40 14.12 5.41
CA LEU C 148 -34.52 15.04 5.39
C LEU C 148 -34.03 16.48 5.40
N ALA C 149 -33.10 16.81 6.30
CA ALA C 149 -32.57 18.16 6.38
C ALA C 149 -31.84 18.54 5.09
N LYS C 150 -31.13 17.59 4.48
CA LYS C 150 -30.48 17.88 3.20
C LYS C 150 -31.51 18.19 2.12
N ALA C 151 -32.60 17.43 2.07
CA ALA C 151 -33.62 17.69 1.07
C ALA C 151 -34.43 18.94 1.39
N ALA C 152 -35.04 18.97 2.59
CA ALA C 152 -35.98 20.05 2.91
C ALA C 152 -35.29 21.41 2.99
N GLY C 153 -34.02 21.44 3.40
CA GLY C 153 -33.31 22.69 3.54
C GLY C 153 -33.32 23.20 4.97
N LEU C 154 -32.35 24.08 5.25
CA LEU C 154 -32.17 24.58 6.62
C LEU C 154 -33.40 25.31 7.12
N ALA C 155 -33.95 26.23 6.32
CA ALA C 155 -35.04 27.08 6.78
C ALA C 155 -36.29 26.26 7.09
N THR C 156 -36.60 25.27 6.25
CA THR C 156 -37.78 24.45 6.50
C THR C 156 -37.68 23.70 7.82
N MET C 157 -36.51 23.10 8.09
CA MET C 157 -36.33 22.37 9.34
C MET C 157 -36.39 23.33 10.54
N ILE C 158 -35.76 24.49 10.42
CA ILE C 158 -35.77 25.46 11.51
C ILE C 158 -37.20 25.89 11.83
N SER C 159 -37.98 26.19 10.79
CA SER C 159 -39.36 26.61 11.01
C SER C 159 -40.21 25.47 11.56
N THR C 160 -39.93 24.24 11.13
CA THR C 160 -40.73 23.11 11.60
C THR C 160 -40.48 22.84 13.08
N MET C 161 -39.22 22.91 13.52
CA MET C 161 -38.89 22.50 14.88
C MET C 161 -38.78 23.66 15.87
N ARG C 162 -38.84 24.92 15.41
CA ARG C 162 -38.69 26.05 16.31
C ARG C 162 -39.75 26.13 17.41
N PRO C 163 -41.04 25.83 17.17
CA PRO C 163 -42.02 26.00 18.26
C PRO C 163 -41.72 25.21 19.52
N ASP C 164 -41.35 23.93 19.41
CA ASP C 164 -41.17 23.11 20.61
C ASP C 164 -39.91 23.46 21.42
N ILE C 165 -39.17 24.51 21.06
CA ILE C 165 -37.98 24.87 21.83
C ILE C 165 -38.35 25.39 23.21
N ASP C 166 -39.50 26.06 23.34
CA ASP C 166 -39.91 26.66 24.60
C ASP C 166 -40.99 25.85 25.33
N ASN C 167 -41.33 24.66 24.83
CA ASN C 167 -42.36 23.86 25.47
C ASN C 167 -41.93 23.47 26.88
N MET C 168 -42.91 23.41 27.79
CA MET C 168 -42.61 23.21 29.20
C MET C 168 -42.07 21.80 29.47
N ASP C 169 -42.56 20.80 28.74
CA ASP C 169 -42.11 19.42 28.93
C ASP C 169 -40.63 19.31 28.56
N GLU C 170 -39.81 18.94 29.54
CA GLU C 170 -38.37 18.82 29.29
C GLU C 170 -38.07 17.78 28.21
N TYR C 171 -38.87 16.73 28.12
CA TYR C 171 -38.53 15.61 27.26
C TYR C 171 -38.74 15.94 25.78
N VAL C 172 -39.79 16.70 25.47
CA VAL C 172 -39.94 17.16 24.09
C VAL C 172 -38.81 18.11 23.73
N ARG C 173 -38.32 18.90 24.70
CA ARG C 173 -37.18 19.77 24.44
C ARG C 173 -35.93 18.94 24.15
N ASN C 174 -35.73 17.84 24.89
CA ASN C 174 -34.59 16.97 24.63
C ASN C 174 -34.66 16.37 23.23
N THR C 175 -35.84 15.87 22.84
CA THR C 175 -35.98 15.32 21.49
C THR C 175 -35.70 16.39 20.42
N THR C 176 -36.21 17.61 20.64
CA THR C 176 -35.97 18.69 19.68
C THR C 176 -34.49 19.03 19.58
N ALA C 177 -33.80 19.08 20.73
CA ALA C 177 -32.37 19.40 20.72
C ALA C 177 -31.57 18.32 20.00
N ARG C 178 -31.93 17.05 20.20
CA ARG C 178 -31.24 15.99 19.48
C ARG C 178 -31.47 16.10 17.98
N ALA C 179 -32.71 16.38 17.56
CA ALA C 179 -32.98 16.57 16.14
C ALA C 179 -32.18 17.73 15.57
N PHE C 180 -32.04 18.81 16.34
CA PHE C 180 -31.26 19.95 15.86
C PHE C 180 -29.77 19.61 15.74
N ALA C 181 -29.25 18.84 16.69
CA ALA C 181 -27.86 18.39 16.56
C ALA C 181 -27.69 17.53 15.31
N VAL C 182 -28.68 16.70 15.00
CA VAL C 182 -28.59 15.89 13.78
C VAL C 182 -28.57 16.78 12.54
N VAL C 183 -29.45 17.78 12.50
CA VAL C 183 -29.45 18.64 11.31
C VAL C 183 -28.18 19.47 11.24
N ALA C 184 -27.56 19.77 12.38
CA ALA C 184 -26.28 20.47 12.37
C ALA C 184 -25.18 19.60 11.80
N SER C 185 -25.16 18.32 12.16
CA SER C 185 -24.21 17.40 11.55
C SER C 185 -24.52 17.18 10.07
N ALA C 186 -25.77 17.38 9.66
CA ALA C 186 -26.16 17.15 8.27
C ALA C 186 -25.81 18.33 7.37
N LEU C 187 -26.00 19.56 7.86
CA LEU C 187 -25.76 20.75 7.05
C LEU C 187 -24.50 21.52 7.44
N GLY C 188 -23.84 21.12 8.51
CA GLY C 188 -22.63 21.81 8.92
C GLY C 188 -22.87 22.75 10.08
N ILE C 189 -21.83 22.92 10.91
CA ILE C 189 -21.94 23.83 12.05
C ILE C 189 -22.20 25.28 11.60
N PRO C 190 -21.46 25.84 10.64
CA PRO C 190 -21.70 27.26 10.30
C PRO C 190 -23.09 27.52 9.77
N SER C 191 -23.74 26.54 9.13
CA SER C 191 -25.07 26.77 8.58
C SER C 191 -26.09 27.00 9.68
N LEU C 192 -25.83 26.51 10.89
CA LEU C 192 -26.74 26.67 12.02
C LEU C 192 -26.17 27.60 13.09
N LEU C 193 -24.93 28.06 12.93
CA LEU C 193 -24.31 28.96 13.91
C LEU C 193 -25.14 30.21 14.20
N PRO C 194 -25.68 30.94 13.23
CA PRO C 194 -26.45 32.15 13.59
C PRO C 194 -27.73 31.83 14.34
N PHE C 195 -28.46 30.79 13.94
CA PHE C 195 -29.65 30.37 14.67
C PHE C 195 -29.31 30.04 16.12
N LEU C 196 -28.21 29.31 16.34
CA LEU C 196 -27.83 28.96 17.70
C LEU C 196 -27.41 30.20 18.50
N LYS C 197 -26.66 31.11 17.86
CA LYS C 197 -26.28 32.35 18.54
C LYS C 197 -27.52 33.12 18.99
N ALA C 198 -28.56 33.12 18.15
CA ALA C 198 -29.80 33.80 18.49
C ALA C 198 -30.53 33.09 19.63
N VAL C 199 -30.66 31.76 19.54
CA VAL C 199 -31.49 31.04 20.50
C VAL C 199 -30.82 30.95 21.87
N CYS C 200 -29.48 30.89 21.92
CA CYS C 200 -28.80 30.78 23.21
C CYS C 200 -28.92 32.04 24.05
N LYS C 201 -29.28 33.17 23.45
CA LYS C 201 -29.49 34.43 24.17
C LYS C 201 -30.92 34.92 24.05
N SER C 202 -31.87 33.99 23.87
CA SER C 202 -33.26 34.36 23.69
C SER C 202 -33.81 34.98 24.96
N LYS C 203 -34.33 36.21 24.85
CA LYS C 203 -34.89 36.93 25.99
C LYS C 203 -36.30 36.47 26.34
N LYS C 204 -36.92 35.62 25.51
CA LYS C 204 -38.30 35.19 25.74
C LYS C 204 -38.39 34.32 27.00
N SER C 205 -37.92 33.09 26.93
CA SER C 205 -37.97 32.17 28.06
C SER C 205 -36.60 31.55 28.28
N TRP C 206 -36.44 30.91 29.44
CA TRP C 206 -35.21 30.20 29.74
C TRP C 206 -35.16 28.82 29.10
N GLN C 207 -36.34 28.24 28.79
CA GLN C 207 -36.36 26.95 28.11
C GLN C 207 -35.72 27.03 26.73
N ALA C 208 -35.86 28.17 26.05
CA ALA C 208 -35.26 28.31 24.73
C ALA C 208 -33.74 28.25 24.80
N ARG C 209 -33.15 28.99 25.74
CA ARG C 209 -31.70 28.98 25.88
C ARG C 209 -31.20 27.65 26.42
N HIS C 210 -31.96 27.04 27.34
CA HIS C 210 -31.61 25.70 27.80
C HIS C 210 -31.59 24.71 26.64
N THR C 211 -32.57 24.79 25.74
CA THR C 211 -32.62 23.88 24.62
C THR C 211 -31.50 24.17 23.62
N GLY C 212 -31.14 25.44 23.43
CA GLY C 212 -30.01 25.76 22.56
C GLY C 212 -28.69 25.22 23.10
N ILE C 213 -28.49 25.35 24.42
CA ILE C 213 -27.29 24.79 25.03
C ILE C 213 -27.30 23.27 24.95
N LYS C 214 -28.47 22.65 25.13
CA LYS C 214 -28.59 21.21 24.94
C LYS C 214 -28.25 20.81 23.51
N ILE C 215 -28.64 21.64 22.54
CA ILE C 215 -28.27 21.40 21.15
C ILE C 215 -26.75 21.40 21.00
N VAL C 216 -26.08 22.36 21.62
CA VAL C 216 -24.62 22.40 21.55
C VAL C 216 -24.01 21.16 22.20
N GLN C 217 -24.58 20.74 23.34
CA GLN C 217 -24.08 19.55 24.03
C GLN C 217 -24.21 18.32 23.16
N GLN C 218 -25.38 18.15 22.53
CA GLN C 218 -25.58 16.99 21.67
C GLN C 218 -24.76 17.07 20.39
N ILE C 219 -24.47 18.28 19.90
CA ILE C 219 -23.57 18.45 18.77
C ILE C 219 -22.19 17.94 19.13
N ALA C 220 -21.68 18.33 20.30
CA ALA C 220 -20.43 17.78 20.78
C ALA C 220 -20.48 16.26 20.85
N ILE C 221 -21.48 15.72 21.57
CA ILE C 221 -21.59 14.28 21.77
C ILE C 221 -21.62 13.53 20.45
N LEU C 222 -22.28 14.10 19.43
CA LEU C 222 -22.46 13.41 18.17
C LEU C 222 -21.24 13.53 17.26
N MET C 223 -20.62 14.72 17.19
CA MET C 223 -19.62 14.98 16.17
C MET C 223 -18.19 14.84 16.65
N GLY C 224 -17.95 14.80 17.97
CA GLY C 224 -16.60 14.49 18.44
C GLY C 224 -15.58 15.49 17.93
N CYS C 225 -14.47 14.97 17.40
CA CYS C 225 -13.35 15.81 16.99
C CYS C 225 -13.67 16.74 15.83
N ALA C 226 -14.83 16.56 15.18
CA ALA C 226 -15.15 17.36 14.02
C ALA C 226 -15.53 18.79 14.37
N ILE C 227 -15.82 19.07 15.64
CA ILE C 227 -16.19 20.44 16.05
C ILE C 227 -14.97 21.29 16.40
N LEU C 228 -13.76 20.73 16.33
CA LEU C 228 -12.57 21.53 16.62
C LEU C 228 -12.44 22.78 15.75
N PRO C 229 -12.81 22.76 14.45
CA PRO C 229 -12.78 24.03 13.68
C PRO C 229 -13.66 25.13 14.27
N HIS C 230 -14.88 24.79 14.66
CA HIS C 230 -15.84 25.77 15.16
C HIS C 230 -15.96 25.74 16.69
N LEU C 231 -14.93 25.23 17.37
CA LEU C 231 -14.98 25.15 18.84
C LEU C 231 -15.04 26.54 19.46
N ARG C 232 -14.25 27.49 18.95
CA ARG C 232 -14.28 28.84 19.49
C ARG C 232 -15.65 29.49 19.27
N SER C 233 -16.25 29.25 18.10
CA SER C 233 -17.57 29.80 17.81
C SER C 233 -18.62 29.24 18.77
N LEU C 234 -18.61 27.92 18.98
CA LEU C 234 -19.57 27.32 19.89
C LEU C 234 -19.38 27.81 21.33
N VAL C 235 -18.12 27.90 21.77
CA VAL C 235 -17.85 28.34 23.13
C VAL C 235 -18.29 29.79 23.32
N GLU C 236 -18.02 30.65 22.33
CA GLU C 236 -18.43 32.05 22.45
C GLU C 236 -19.95 32.20 22.40
N ILE C 237 -20.64 31.35 21.65
CA ILE C 237 -22.09 31.40 21.63
C ILE C 237 -22.68 30.92 22.96
N ILE C 238 -22.00 29.98 23.64
CA ILE C 238 -22.58 29.33 24.80
C ILE C 238 -22.10 29.89 26.14
N GLU C 239 -21.02 30.70 26.15
CA GLU C 239 -20.36 31.02 27.41
C GLU C 239 -21.25 31.78 28.38
N HIS C 240 -22.17 32.59 27.87
CA HIS C 240 -22.98 33.44 28.75
C HIS C 240 -23.86 32.64 29.69
N GLY C 241 -24.18 31.39 29.35
CA GLY C 241 -25.11 30.61 30.15
C GLY C 241 -24.60 30.22 31.52
N LEU C 242 -23.30 30.37 31.78
CA LEU C 242 -22.76 29.97 33.07
C LEU C 242 -23.15 30.92 34.20
N VAL C 243 -23.46 32.17 33.88
CA VAL C 243 -23.79 33.16 34.90
C VAL C 243 -25.26 33.59 34.79
N ASP C 244 -26.10 32.76 34.19
CA ASP C 244 -27.50 33.10 34.07
C ASP C 244 -28.21 32.94 35.42
N GLU C 245 -29.40 33.52 35.50
CA GLU C 245 -30.19 33.43 36.73
C GLU C 245 -30.79 32.04 36.90
N GLN C 246 -31.22 31.41 35.81
CA GLN C 246 -31.77 30.07 35.87
C GLN C 246 -30.67 29.07 36.23
N GLN C 247 -31.00 28.15 37.15
CA GLN C 247 -30.00 27.18 37.59
C GLN C 247 -29.86 26.04 36.58
N LYS C 248 -30.96 25.58 36.01
CA LYS C 248 -30.91 24.47 35.06
C LYS C 248 -30.10 24.84 33.82
N VAL C 249 -30.20 26.10 33.38
CA VAL C 249 -29.42 26.50 32.22
C VAL C 249 -27.93 26.57 32.56
N ARG C 250 -27.58 26.93 33.79
CA ARG C 250 -26.18 26.89 34.20
C ARG C 250 -25.65 25.46 34.23
N THR C 251 -26.43 24.55 34.82
CA THR C 251 -26.03 23.14 34.82
C THR C 251 -25.83 22.63 33.40
N ILE C 252 -26.77 22.93 32.50
CA ILE C 252 -26.67 22.40 31.15
C ILE C 252 -25.55 23.08 30.36
N SER C 253 -25.22 24.33 30.69
CA SER C 253 -24.08 24.97 30.03
C SER C 253 -22.77 24.36 30.48
N ALA C 254 -22.67 24.03 31.78
CA ALA C 254 -21.49 23.34 32.26
C ALA C 254 -21.37 21.96 31.62
N LEU C 255 -22.49 21.24 31.49
CA LEU C 255 -22.45 19.91 30.87
C LEU C 255 -22.07 20.00 29.39
N ALA C 256 -22.54 21.05 28.70
CA ALA C 256 -22.16 21.22 27.31
C ALA C 256 -20.68 21.58 27.18
N ILE C 257 -20.16 22.39 28.10
CA ILE C 257 -18.73 22.67 28.10
C ILE C 257 -17.95 21.38 28.32
N ALA C 258 -18.43 20.52 29.23
CA ALA C 258 -17.78 19.24 29.47
C ALA C 258 -17.79 18.38 28.22
N ALA C 259 -18.93 18.31 27.51
CA ALA C 259 -19.00 17.52 26.29
C ALA C 259 -18.08 18.08 25.21
N LEU C 260 -17.97 19.40 25.13
CA LEU C 260 -17.07 20.02 24.16
C LEU C 260 -15.62 19.70 24.46
N ALA C 261 -15.23 19.78 25.73
CA ALA C 261 -13.87 19.43 26.11
C ALA C 261 -13.58 17.96 25.85
N GLU C 262 -14.58 17.10 26.09
CA GLU C 262 -14.39 15.67 25.80
C GLU C 262 -14.25 15.43 24.31
N ALA C 263 -14.91 16.24 23.47
CA ALA C 263 -14.82 16.04 22.04
C ALA C 263 -13.51 16.58 21.47
N ALA C 264 -12.98 17.65 22.03
CA ALA C 264 -11.80 18.29 21.48
C ALA C 264 -10.49 17.69 21.98
N THR C 265 -10.54 16.67 22.83
CA THR C 265 -9.33 16.08 23.41
C THR C 265 -8.39 15.61 22.30
N PRO C 266 -7.09 15.96 22.34
CA PRO C 266 -6.48 16.79 23.38
C PRO C 266 -6.18 18.23 22.97
N TYR C 267 -6.78 18.69 21.87
CA TYR C 267 -6.44 20.00 21.32
C TYR C 267 -7.50 21.04 21.69
N GLY C 268 -7.12 22.31 21.55
CA GLY C 268 -8.07 23.40 21.65
C GLY C 268 -8.35 23.95 23.03
N ILE C 269 -7.33 24.03 23.89
CA ILE C 269 -7.54 24.65 25.19
C ILE C 269 -7.76 26.15 25.05
N GLU C 270 -7.07 26.79 24.10
CA GLU C 270 -7.19 28.23 23.90
C GLU C 270 -8.62 28.66 23.57
N SER C 271 -9.44 27.74 23.07
CA SER C 271 -10.83 28.05 22.76
C SER C 271 -11.70 28.17 24.01
N PHE C 272 -11.24 27.66 25.15
CA PHE C 272 -11.97 27.76 26.40
C PHE C 272 -11.42 28.85 27.31
N ASP C 273 -10.67 29.80 26.75
CA ASP C 273 -9.98 30.80 27.56
C ASP C 273 -10.95 31.66 28.36
N SER C 274 -12.12 31.95 27.79
CA SER C 274 -13.12 32.80 28.44
C SER C 274 -14.05 32.02 29.35
N VAL C 275 -13.71 30.79 29.71
CA VAL C 275 -14.57 29.94 30.52
C VAL C 275 -13.93 29.55 31.84
N LEU C 276 -12.62 29.74 31.99
CA LEU C 276 -11.91 29.21 33.16
C LEU C 276 -12.32 29.95 34.44
N LYS C 277 -12.36 31.28 34.38
CA LYS C 277 -12.67 32.04 35.58
C LYS C 277 -14.13 31.92 36.00
N PRO C 278 -15.12 31.93 35.07
CA PRO C 278 -16.50 31.67 35.51
C PRO C 278 -16.66 30.33 36.21
N LEU C 279 -16.09 29.26 35.66
CA LEU C 279 -16.13 27.97 36.33
C LEU C 279 -15.43 28.02 37.67
N TRP C 280 -14.26 28.67 37.73
CA TRP C 280 -13.49 28.75 38.96
C TRP C 280 -14.28 29.46 40.06
N LYS C 281 -15.04 30.50 39.70
CA LYS C 281 -15.86 31.21 40.68
C LYS C 281 -17.07 30.36 41.07
N GLY C 282 -17.72 29.73 40.09
CA GLY C 282 -18.87 28.90 40.40
C GLY C 282 -18.54 27.73 41.30
N ILE C 283 -17.28 27.25 41.26
CA ILE C 283 -16.86 26.20 42.18
C ILE C 283 -17.11 26.61 43.62
N ARG C 284 -16.69 27.81 43.98
CA ARG C 284 -16.93 28.31 45.33
C ARG C 284 -18.35 28.82 45.53
N GLN C 285 -19.04 29.16 44.44
CA GLN C 285 -20.40 29.68 44.58
C GLN C 285 -21.44 28.56 44.72
N HIS C 286 -21.58 27.75 43.68
CA HIS C 286 -22.73 26.85 43.57
C HIS C 286 -22.59 25.62 44.45
N ARG C 287 -23.68 24.87 44.56
CA ARG C 287 -23.72 23.59 45.24
C ARG C 287 -24.66 22.67 44.46
N GLY C 288 -24.64 21.41 44.84
CA GLY C 288 -25.64 20.49 44.27
C GLY C 288 -25.30 20.08 42.87
N LYS C 289 -26.35 19.91 42.05
CA LYS C 289 -26.14 19.42 40.70
C LYS C 289 -25.32 20.38 39.85
N GLY C 290 -25.52 21.69 40.03
CA GLY C 290 -24.74 22.66 39.29
C GLY C 290 -23.27 22.60 39.64
N LEU C 291 -22.96 22.37 40.91
CA LEU C 291 -21.57 22.17 41.30
C LEU C 291 -20.99 20.92 40.66
N ALA C 292 -21.77 19.85 40.59
CA ALA C 292 -21.30 18.63 39.93
C ALA C 292 -21.03 18.88 38.45
N ALA C 293 -21.89 19.64 37.78
CA ALA C 293 -21.67 19.95 36.37
C ALA C 293 -20.42 20.80 36.18
N PHE C 294 -20.22 21.80 37.05
CA PHE C 294 -19.00 22.61 36.99
C PHE C 294 -17.75 21.74 37.17
N LEU C 295 -17.78 20.83 38.15
CA LEU C 295 -16.62 19.98 38.39
C LEU C 295 -16.37 19.04 37.21
N LYS C 296 -17.44 18.50 36.61
CA LYS C 296 -17.27 17.65 35.44
C LYS C 296 -16.63 18.42 34.29
N ALA C 297 -17.08 19.65 34.08
CA ALA C 297 -16.47 20.49 33.04
C ALA C 297 -14.99 20.72 33.31
N ILE C 298 -14.64 21.02 34.56
CA ILE C 298 -13.24 21.29 34.88
C ILE C 298 -12.40 20.02 34.72
N GLY C 299 -12.96 18.88 35.10
CA GLY C 299 -12.23 17.63 34.97
C GLY C 299 -11.96 17.25 33.53
N TYR C 300 -12.92 17.53 32.64
CA TYR C 300 -12.67 17.31 31.22
C TYR C 300 -11.85 18.43 30.56
N LEU C 301 -11.70 19.57 31.24
CA LEU C 301 -10.93 20.69 30.67
C LEU C 301 -9.45 20.64 31.06
N ILE C 302 -9.12 20.12 32.24
CA ILE C 302 -7.73 20.15 32.68
C ILE C 302 -6.77 19.43 31.74
N PRO C 303 -7.08 18.20 31.23
CA PRO C 303 -6.09 17.49 30.41
C PRO C 303 -5.74 18.18 29.10
N LEU C 304 -6.35 19.34 28.83
CA LEU C 304 -6.05 20.11 27.64
C LEU C 304 -5.03 21.22 27.89
N MET C 305 -4.63 21.44 29.14
CA MET C 305 -3.85 22.61 29.51
C MET C 305 -2.35 22.30 29.51
N ASP C 306 -1.56 23.36 29.68
CA ASP C 306 -0.12 23.24 29.83
C ASP C 306 0.22 22.75 31.24
N ALA C 307 1.44 22.23 31.39
CA ALA C 307 1.85 21.63 32.66
C ALA C 307 1.77 22.62 33.81
N GLU C 308 2.37 23.80 33.64
CA GLU C 308 2.38 24.81 34.70
C GLU C 308 0.98 25.33 34.98
N TYR C 309 0.20 25.62 33.93
CA TYR C 309 -1.16 26.08 34.15
C TYR C 309 -2.03 24.97 34.71
N ALA C 310 -1.77 23.71 34.33
CA ALA C 310 -2.49 22.61 34.96
C ALA C 310 -2.20 22.57 36.46
N ASN C 311 -0.93 22.72 36.83
CA ASN C 311 -0.56 22.77 38.25
C ASN C 311 -1.32 23.88 38.95
N TYR C 312 -1.32 25.09 38.37
CA TYR C 312 -1.97 26.22 39.00
C TYR C 312 -3.47 25.98 39.17
N TYR C 313 -4.16 25.64 38.09
CA TYR C 313 -5.61 25.46 38.14
C TYR C 313 -6.00 24.31 39.06
N THR C 314 -5.24 23.21 39.04
CA THR C 314 -5.58 22.07 39.87
C THR C 314 -5.36 22.41 41.35
N ARG C 315 -4.28 23.12 41.68
CA ARG C 315 -4.10 23.59 43.05
C ARG C 315 -5.22 24.55 43.43
N GLU C 316 -5.79 25.26 42.46
CA GLU C 316 -6.86 26.20 42.75
C GLU C 316 -8.16 25.46 43.09
N VAL C 317 -8.48 24.40 42.34
CA VAL C 317 -9.75 23.69 42.52
C VAL C 317 -9.68 22.56 43.54
N MET C 318 -8.48 22.17 43.96
CA MET C 318 -8.33 20.98 44.79
C MET C 318 -9.04 21.10 46.13
N LEU C 319 -9.19 22.33 46.66
CA LEU C 319 -9.85 22.50 47.95
C LEU C 319 -11.29 21.99 47.89
N ILE C 320 -12.08 22.51 46.95
CA ILE C 320 -13.47 22.07 46.82
C ILE C 320 -13.53 20.63 46.32
N LEU C 321 -12.57 20.21 45.50
CA LEU C 321 -12.56 18.82 45.06
C LEU C 321 -12.41 17.87 46.24
N ILE C 322 -11.51 18.19 47.18
CA ILE C 322 -11.36 17.38 48.38
C ILE C 322 -12.60 17.47 49.24
N ARG C 323 -13.17 18.68 49.37
CA ARG C 323 -14.37 18.85 50.19
C ARG C 323 -15.50 17.95 49.72
N GLU C 324 -15.70 17.85 48.41
CA GLU C 324 -16.81 17.10 47.87
C GLU C 324 -16.57 15.59 47.86
N PHE C 325 -15.46 15.11 48.46
CA PHE C 325 -15.26 13.67 48.58
C PHE C 325 -16.35 13.05 49.45
N GLN C 326 -16.68 13.68 50.57
CA GLN C 326 -17.67 13.18 51.51
C GLN C 326 -19.09 13.63 51.16
N SER C 327 -19.40 13.77 49.87
CA SER C 327 -20.72 14.21 49.49
C SER C 327 -21.70 13.04 49.57
N PRO C 328 -22.95 13.28 49.98
CA PRO C 328 -23.93 12.19 50.04
C PRO C 328 -24.42 11.73 48.68
N ASP C 329 -24.25 12.53 47.64
CA ASP C 329 -24.80 12.21 46.33
C ASP C 329 -23.88 11.23 45.60
N GLU C 330 -24.46 10.13 45.12
CA GLU C 330 -23.69 9.13 44.41
C GLU C 330 -23.18 9.66 43.07
N GLU C 331 -24.03 10.39 42.34
CA GLU C 331 -23.60 10.99 41.09
C GLU C 331 -22.46 11.98 41.32
N MET C 332 -22.53 12.75 42.41
CA MET C 332 -21.42 13.65 42.75
C MET C 332 -20.15 12.87 43.03
N LYS C 333 -20.28 11.73 43.73
CA LYS C 333 -19.11 10.89 43.99
C LYS C 333 -18.48 10.41 42.70
N LYS C 334 -19.30 9.91 41.77
CA LYS C 334 -18.78 9.44 40.49
C LYS C 334 -18.10 10.56 39.72
N ILE C 335 -18.72 11.75 39.73
CA ILE C 335 -18.16 12.90 39.01
C ILE C 335 -16.80 13.28 39.59
N VAL C 336 -16.72 13.41 40.91
CA VAL C 336 -15.45 13.81 41.52
C VAL C 336 -14.39 12.72 41.37
N LEU C 337 -14.82 11.45 41.31
CA LEU C 337 -13.86 10.37 41.11
C LEU C 337 -13.26 10.43 39.70
N LYS C 338 -14.12 10.60 38.69
CA LYS C 338 -13.60 10.78 37.33
C LYS C 338 -12.75 12.04 37.23
N VAL C 339 -13.09 13.08 37.99
CA VAL C 339 -12.29 14.31 37.94
C VAL C 339 -10.91 14.07 38.54
N VAL C 340 -10.84 13.32 39.64
CA VAL C 340 -9.54 12.97 40.22
C VAL C 340 -8.73 12.14 39.22
N LYS C 341 -9.38 11.17 38.58
CA LYS C 341 -8.68 10.34 37.59
C LYS C 341 -8.13 11.20 36.45
N GLN C 342 -8.89 12.19 36.01
CA GLN C 342 -8.43 13.06 34.93
C GLN C 342 -7.29 13.97 35.39
N CYS C 343 -7.39 14.53 36.59
CA CYS C 343 -6.35 15.42 37.09
C CYS C 343 -5.03 14.69 37.26
N CYS C 344 -5.04 13.57 37.96
CA CYS C 344 -3.78 12.87 38.23
C CYS C 344 -3.21 12.16 37.02
N GLY C 345 -3.89 12.17 35.89
CA GLY C 345 -3.38 11.59 34.67
C GLY C 345 -2.78 12.59 33.70
N THR C 346 -2.53 13.81 34.13
CA THR C 346 -2.00 14.87 33.28
C THR C 346 -0.57 15.21 33.67
N ASP C 347 0.14 15.80 32.71
CA ASP C 347 1.48 16.30 32.98
C ASP C 347 1.37 17.69 33.60
N GLY C 348 2.02 17.87 34.76
CA GLY C 348 1.94 19.12 35.47
C GLY C 348 1.57 18.91 36.92
N VAL C 349 0.62 18.01 37.17
CA VAL C 349 0.26 17.63 38.53
C VAL C 349 1.35 16.72 39.08
N GLU C 350 2.10 17.21 40.05
CA GLU C 350 3.29 16.50 40.53
C GLU C 350 2.90 15.35 41.44
N ALA C 351 3.76 14.32 41.46
CA ALA C 351 3.46 13.11 42.21
C ALA C 351 3.52 13.36 43.71
N ASN C 352 4.49 14.14 44.17
CA ASN C 352 4.57 14.45 45.59
C ASN C 352 3.36 15.28 46.03
N TYR C 353 2.86 16.15 45.15
CA TYR C 353 1.66 16.91 45.46
C TYR C 353 0.46 15.99 45.65
N ILE C 354 0.32 14.99 44.79
CA ILE C 354 -0.78 14.03 44.93
C ILE C 354 -0.61 13.21 46.20
N LYS C 355 0.62 12.77 46.49
CA LYS C 355 0.86 11.98 47.70
C LYS C 355 0.59 12.78 48.96
N THR C 356 0.80 14.09 48.90
CA THR C 356 0.61 14.93 50.08
C THR C 356 -0.85 15.31 50.28
N GLU C 357 -1.50 15.83 49.24
CA GLU C 357 -2.79 16.49 49.39
C GLU C 357 -3.99 15.63 49.02
N ILE C 358 -3.83 14.69 48.09
CA ILE C 358 -4.97 13.97 47.52
C ILE C 358 -5.12 12.57 48.10
N LEU C 359 -4.00 11.87 48.32
CA LEU C 359 -4.08 10.45 48.66
C LEU C 359 -4.72 10.19 50.02
N PRO C 360 -4.38 10.89 51.10
CA PRO C 360 -4.98 10.58 52.40
C PRO C 360 -6.50 10.71 52.38
N PRO C 361 -7.08 11.83 51.90
CA PRO C 361 -8.55 11.88 51.86
C PRO C 361 -9.14 10.89 50.89
N PHE C 362 -8.46 10.63 49.77
CA PHE C 362 -8.92 9.63 48.81
C PHE C 362 -9.11 8.28 49.48
N PHE C 363 -8.06 7.76 50.13
CA PHE C 363 -8.14 6.46 50.78
C PHE C 363 -8.91 6.50 52.09
N LYS C 364 -9.21 7.68 52.62
CA LYS C 364 -10.06 7.76 53.81
C LYS C 364 -11.53 7.64 53.46
N HIS C 365 -12.00 8.42 52.48
CA HIS C 365 -13.42 8.50 52.19
C HIS C 365 -13.88 7.51 51.13
N PHE C 366 -13.03 7.22 50.14
CA PHE C 366 -13.47 6.39 49.02
C PHE C 366 -13.35 4.90 49.33
N TRP C 367 -12.20 4.47 49.86
CA TRP C 367 -11.96 3.04 50.06
C TRP C 367 -12.69 2.57 51.31
N GLN C 368 -13.97 2.24 51.12
CA GLN C 368 -14.81 1.65 52.15
C GLN C 368 -15.62 0.51 51.53
N HIS C 369 -16.13 -0.36 52.40
CA HIS C 369 -16.84 -1.55 51.93
C HIS C 369 -18.04 -1.17 51.08
N ARG C 370 -18.71 -0.07 51.42
CA ARG C 370 -19.91 0.36 50.71
C ARG C 370 -19.67 0.48 49.20
N MET C 371 -18.53 1.08 48.81
CA MET C 371 -18.25 1.27 47.40
C MET C 371 -18.06 -0.04 46.66
N ALA C 372 -17.65 -1.10 47.37
CA ALA C 372 -17.46 -2.39 46.71
C ALA C 372 -18.78 -3.02 46.30
N LEU C 373 -19.90 -2.58 46.89
CA LEU C 373 -21.19 -3.21 46.64
C LEU C 373 -21.78 -2.78 45.30
N ASP C 374 -21.66 -1.50 44.95
CA ASP C 374 -22.16 -1.01 43.68
C ASP C 374 -21.16 -1.33 42.57
N ARG C 375 -21.66 -1.95 41.49
CA ARG C 375 -20.77 -2.37 40.40
C ARG C 375 -20.15 -1.19 39.68
N ARG C 376 -20.94 -0.15 39.39
CA ARG C 376 -20.43 1.01 38.68
C ARG C 376 -19.34 1.71 39.50
N ASN C 377 -19.59 1.93 40.79
CA ASN C 377 -18.60 2.53 41.67
C ASN C 377 -17.40 1.60 41.86
N TYR C 378 -17.65 0.28 41.92
CA TYR C 378 -16.56 -0.69 41.98
C TYR C 378 -15.59 -0.48 40.83
N ARG C 379 -16.09 -0.56 39.59
CA ARG C 379 -15.23 -0.42 38.42
C ARG C 379 -14.57 0.95 38.38
N GLN C 380 -15.34 2.01 38.65
CA GLN C 380 -14.80 3.36 38.62
C GLN C 380 -13.62 3.51 39.57
N LEU C 381 -13.81 3.10 40.82
CA LEU C 381 -12.76 3.27 41.83
C LEU C 381 -11.54 2.41 41.53
N VAL C 382 -11.77 1.17 41.07
CA VAL C 382 -10.64 0.31 40.73
C VAL C 382 -9.79 0.94 39.63
N ASP C 383 -10.44 1.35 38.53
CA ASP C 383 -9.69 1.93 37.41
C ASP C 383 -9.01 3.23 37.81
N THR C 384 -9.67 4.05 38.62
CA THR C 384 -9.09 5.31 39.06
C THR C 384 -7.86 5.08 39.93
N THR C 385 -7.94 4.12 40.85
CA THR C 385 -6.80 3.85 41.72
C THR C 385 -5.62 3.29 40.93
N VAL C 386 -5.89 2.44 39.94
CA VAL C 386 -4.80 1.94 39.10
C VAL C 386 -4.14 3.08 38.33
N GLU C 387 -4.96 4.00 37.80
CA GLU C 387 -4.40 5.15 37.10
C GLU C 387 -3.59 6.03 38.03
N LEU C 388 -4.03 6.17 39.29
CA LEU C 388 -3.25 6.89 40.29
C LEU C 388 -1.89 6.24 40.49
N ALA C 389 -1.88 4.91 40.65
CA ALA C 389 -0.63 4.18 40.80
C ALA C 389 0.30 4.41 39.62
N ASN C 390 -0.27 4.59 38.41
CA ASN C 390 0.59 4.85 37.26
C ASN C 390 1.37 6.16 37.36
N LYS C 391 1.13 7.01 38.35
CA LYS C 391 1.89 8.23 38.54
C LYS C 391 2.53 8.37 39.91
N VAL C 392 1.85 7.93 40.98
CA VAL C 392 2.38 8.12 42.33
C VAL C 392 3.26 6.97 42.79
N GLY C 393 3.31 5.88 42.04
CA GLY C 393 4.12 4.73 42.44
C GLY C 393 3.26 3.58 42.91
N ALA C 394 3.76 2.36 42.68
CA ALA C 394 2.97 1.17 42.98
C ALA C 394 2.83 0.98 44.49
N ALA C 395 3.94 1.10 45.23
CA ALA C 395 3.90 0.85 46.66
C ALA C 395 3.04 1.88 47.38
N GLU C 396 3.14 3.15 46.97
CA GLU C 396 2.38 4.22 47.62
C GLU C 396 0.89 3.97 47.57
N ILE C 397 0.41 3.19 46.60
CA ILE C 397 -0.99 2.84 46.51
C ILE C 397 -1.29 1.51 47.18
N ILE C 398 -0.43 0.51 46.96
CA ILE C 398 -0.72 -0.84 47.45
C ILE C 398 -0.67 -0.88 48.97
N SER C 399 0.30 -0.20 49.57
CA SER C 399 0.47 -0.25 51.03
C SER C 399 -0.72 0.29 51.78
N ARG C 400 -1.54 1.13 51.14
CA ARG C 400 -2.68 1.74 51.83
C ARG C 400 -3.91 0.84 51.86
N ILE C 401 -3.91 -0.28 51.13
CA ILE C 401 -5.08 -1.14 51.07
C ILE C 401 -4.66 -2.60 51.14
N VAL C 402 -3.36 -2.85 51.31
CA VAL C 402 -2.87 -4.22 51.37
C VAL C 402 -3.35 -4.90 52.64
N ASP C 403 -3.42 -4.15 53.75
CA ASP C 403 -3.89 -4.72 55.01
C ASP C 403 -5.36 -5.10 54.95
N ASP C 404 -6.12 -4.50 54.03
CA ASP C 404 -7.54 -4.81 53.88
C ASP C 404 -7.78 -6.16 53.22
N LEU C 405 -6.72 -6.82 52.75
CA LEU C 405 -6.87 -8.16 52.18
C LEU C 405 -7.37 -9.16 53.21
N LYS C 406 -7.23 -8.86 54.49
CA LYS C 406 -7.77 -9.71 55.57
C LYS C 406 -8.99 -9.03 56.16
N ASP C 407 -10.07 -9.03 55.38
CA ASP C 407 -11.32 -8.39 55.75
C ASP C 407 -12.44 -9.43 55.81
N GLU C 408 -13.47 -9.12 56.59
CA GLU C 408 -14.60 -10.04 56.71
C GLU C 408 -15.45 -10.05 55.45
N ALA C 409 -15.68 -8.88 54.86
CA ALA C 409 -16.47 -8.79 53.64
C ALA C 409 -15.67 -9.30 52.45
N GLU C 410 -16.25 -10.22 51.69
CA GLU C 410 -15.53 -10.82 50.58
C GLU C 410 -15.42 -9.88 49.38
N GLN C 411 -16.44 -9.06 49.12
CA GLN C 411 -16.39 -8.15 47.98
C GLN C 411 -15.30 -7.10 48.13
N TYR C 412 -15.03 -6.66 49.35
CA TYR C 412 -13.95 -5.69 49.55
C TYR C 412 -12.59 -6.33 49.29
N ARG C 413 -12.40 -7.58 49.73
CA ARG C 413 -11.18 -8.30 49.41
C ARG C 413 -11.04 -8.48 47.91
N LYS C 414 -12.14 -8.81 47.21
CA LYS C 414 -12.12 -8.92 45.77
C LYS C 414 -11.71 -7.61 45.10
N MET C 415 -12.23 -6.49 45.61
CA MET C 415 -11.89 -5.18 45.06
C MET C 415 -10.40 -4.89 45.20
N VAL C 416 -9.89 -5.00 46.43
CA VAL C 416 -8.48 -4.69 46.64
C VAL C 416 -7.59 -5.67 45.89
N MET C 417 -8.03 -6.91 45.73
CA MET C 417 -7.26 -7.88 44.96
C MET C 417 -7.17 -7.50 43.49
N GLU C 418 -8.30 -7.11 42.90
CA GLU C 418 -8.29 -6.68 41.50
C GLU C 418 -7.40 -5.46 41.32
N THR C 419 -7.48 -4.50 42.25
CA THR C 419 -6.68 -3.29 42.14
C THR C 419 -5.18 -3.62 42.22
N ILE C 420 -4.78 -4.42 43.21
CA ILE C 420 -3.38 -4.77 43.37
C ILE C 420 -2.89 -5.57 42.16
N GLU C 421 -3.73 -6.48 41.66
CA GLU C 421 -3.36 -7.26 40.48
C GLU C 421 -3.07 -6.36 39.29
N LYS C 422 -3.99 -5.44 38.98
CA LYS C 422 -3.78 -4.58 37.81
C LYS C 422 -2.57 -3.68 38.01
N ILE C 423 -2.38 -3.15 39.22
CA ILE C 423 -1.24 -2.26 39.47
C ILE C 423 0.07 -3.01 39.28
N MET C 424 0.21 -4.18 39.91
CA MET C 424 1.47 -4.91 39.80
C MET C 424 1.68 -5.47 38.40
N GLY C 425 0.60 -5.76 37.67
CA GLY C 425 0.77 -6.15 36.28
C GLY C 425 1.22 -5.00 35.40
N ASN C 426 0.83 -3.78 35.74
CA ASN C 426 1.26 -2.64 34.94
C ASN C 426 2.68 -2.17 35.29
N LEU C 427 3.09 -2.31 36.56
CA LEU C 427 4.34 -1.68 37.02
C LEU C 427 5.38 -2.66 37.57
N GLY C 428 5.06 -3.95 37.63
CA GLY C 428 5.96 -4.91 38.24
C GLY C 428 6.05 -4.77 39.75
N ALA C 429 7.15 -5.30 40.31
CA ALA C 429 7.33 -5.35 41.75
C ALA C 429 8.65 -4.74 42.21
N ALA C 430 9.27 -3.88 41.39
CA ALA C 430 10.53 -3.26 41.80
C ALA C 430 10.34 -2.21 42.88
N ASP C 431 9.13 -1.66 43.02
CA ASP C 431 8.84 -0.61 43.98
C ASP C 431 8.47 -1.15 45.36
N ILE C 432 8.39 -2.47 45.52
CA ILE C 432 7.91 -3.09 46.75
C ILE C 432 9.11 -3.44 47.63
N ASP C 433 9.02 -3.10 48.91
CA ASP C 433 10.03 -3.43 49.90
C ASP C 433 9.69 -4.77 50.56
N HIS C 434 10.45 -5.13 51.60
CA HIS C 434 10.24 -6.41 52.25
C HIS C 434 8.94 -6.43 53.06
N LYS C 435 8.68 -5.33 53.79
CA LYS C 435 7.46 -5.27 54.60
C LYS C 435 6.21 -5.40 53.74
N LEU C 436 6.16 -4.66 52.63
CA LEU C 436 5.03 -4.76 51.73
C LEU C 436 4.95 -6.13 51.07
N GLU C 437 6.10 -6.77 50.82
CA GLU C 437 6.10 -8.12 50.25
C GLU C 437 5.47 -9.12 51.21
N GLU C 438 5.86 -9.08 52.48
CA GLU C 438 5.27 -10.00 53.46
C GLU C 438 3.79 -9.68 53.68
N GLN C 439 3.43 -8.39 53.73
CA GLN C 439 2.03 -8.02 53.85
C GLN C 439 1.21 -8.58 52.68
N LEU C 440 1.73 -8.42 51.46
CA LEU C 440 1.10 -8.98 50.27
C LEU C 440 0.88 -10.47 50.42
N ILE C 441 1.92 -11.21 50.77
CA ILE C 441 1.82 -12.67 50.81
C ILE C 441 0.82 -13.11 51.88
N ASP C 442 0.92 -12.53 53.07
CA ASP C 442 0.05 -12.95 54.17
C ASP C 442 -1.40 -12.54 53.93
N GLY C 443 -1.64 -11.46 53.18
CA GLY C 443 -2.99 -11.10 52.83
C GLY C 443 -3.56 -11.93 51.71
N ILE C 444 -2.72 -12.23 50.71
CA ILE C 444 -3.17 -13.00 49.56
C ILE C 444 -3.48 -14.44 49.96
N LEU C 445 -2.68 -15.02 50.85
CA LEU C 445 -2.95 -16.38 51.29
C LEU C 445 -4.29 -16.45 52.03
N TYR C 446 -4.57 -15.47 52.89
CA TYR C 446 -5.84 -15.46 53.61
C TYR C 446 -7.00 -15.20 52.66
N ALA C 447 -6.81 -14.33 51.67
CA ALA C 447 -7.87 -14.06 50.70
C ALA C 447 -8.16 -15.27 49.83
N PHE C 448 -7.13 -16.07 49.52
CA PHE C 448 -7.34 -17.27 48.74
C PHE C 448 -8.01 -18.36 49.57
N GLN C 449 -7.56 -18.53 50.82
CA GLN C 449 -8.14 -19.57 51.68
C GLN C 449 -9.58 -19.26 52.05
N GLU C 450 -9.93 -17.98 52.15
CA GLU C 450 -11.28 -17.57 52.55
C GLU C 450 -12.06 -17.17 51.31
N GLN C 451 -12.65 -18.16 50.65
CA GLN C 451 -13.44 -17.95 49.44
C GLN C 451 -14.73 -18.74 49.55
N THR C 452 -15.86 -18.06 49.35
CA THR C 452 -17.13 -18.77 49.28
C THR C 452 -17.37 -19.31 47.87
N THR C 453 -17.21 -18.45 46.86
CA THR C 453 -17.31 -18.86 45.46
C THR C 453 -15.92 -19.17 44.93
N GLU C 454 -15.79 -19.28 43.61
CA GLU C 454 -14.50 -19.52 42.95
C GLU C 454 -14.16 -18.25 42.17
N ASP C 455 -13.70 -17.23 42.89
CA ASP C 455 -13.39 -15.94 42.28
C ASP C 455 -12.21 -16.07 41.34
N SER C 456 -12.43 -15.75 40.06
CA SER C 456 -11.32 -15.71 39.11
C SER C 456 -10.39 -14.54 39.39
N VAL C 457 -10.89 -13.49 40.05
CA VAL C 457 -10.05 -12.35 40.39
C VAL C 457 -8.95 -12.75 41.36
N MET C 458 -9.28 -13.60 42.34
CA MET C 458 -8.27 -14.07 43.28
C MET C 458 -7.18 -14.87 42.58
N LEU C 459 -7.58 -15.77 41.67
CA LEU C 459 -6.61 -16.56 40.92
C LEU C 459 -5.70 -15.65 40.09
N ASN C 460 -6.29 -14.74 39.32
CA ASN C 460 -5.50 -13.83 38.50
C ASN C 460 -4.53 -13.01 39.36
N GLY C 461 -5.00 -12.53 40.51
CA GLY C 461 -4.14 -11.72 41.36
C GLY C 461 -3.00 -12.51 41.97
N PHE C 462 -3.30 -13.71 42.47
CA PHE C 462 -2.24 -14.58 42.98
C PHE C 462 -1.17 -14.80 41.92
N GLY C 463 -1.60 -15.21 40.72
CA GLY C 463 -0.64 -15.45 39.65
C GLY C 463 0.16 -14.22 39.30
N THR C 464 -0.50 -13.06 39.25
CA THR C 464 0.19 -11.82 38.87
C THR C 464 1.23 -11.42 39.92
N VAL C 465 0.85 -11.51 41.20
CA VAL C 465 1.79 -11.11 42.25
C VAL C 465 2.97 -12.06 42.29
N VAL C 466 2.72 -13.37 42.15
CA VAL C 466 3.83 -14.33 42.18
C VAL C 466 4.76 -14.12 41.00
N ASN C 467 4.19 -13.95 39.80
CA ASN C 467 5.01 -13.77 38.61
C ASN C 467 5.75 -12.43 38.63
N ALA C 468 5.19 -11.43 39.33
CA ALA C 468 5.87 -10.15 39.44
C ALA C 468 7.01 -10.21 40.45
N LEU C 469 6.82 -10.94 41.55
CA LEU C 469 7.89 -11.11 42.52
C LEU C 469 9.04 -11.94 41.93
N GLY C 470 8.70 -12.98 41.19
CA GLY C 470 9.74 -13.80 40.57
C GLY C 470 10.50 -14.61 41.60
N LYS C 471 11.83 -14.54 41.53
CA LYS C 471 12.67 -15.32 42.45
C LYS C 471 12.57 -14.86 43.89
N ARG C 472 11.85 -13.78 44.16
CA ARG C 472 11.70 -13.29 45.52
C ARG C 472 10.66 -14.07 46.32
N VAL C 473 9.94 -14.99 45.69
CA VAL C 473 8.90 -15.76 46.38
C VAL C 473 9.41 -17.07 46.95
N LYS C 474 10.71 -17.34 46.80
CA LYS C 474 11.29 -18.61 47.28
C LYS C 474 10.97 -18.91 48.74
N PRO C 475 11.12 -17.99 49.69
CA PRO C 475 10.83 -18.35 51.09
C PRO C 475 9.37 -18.71 51.33
N TYR C 476 8.45 -18.19 50.53
CA TYR C 476 7.03 -18.45 50.72
C TYR C 476 6.52 -19.64 49.92
N LEU C 477 7.34 -20.22 49.05
CA LEU C 477 6.88 -21.32 48.21
C LEU C 477 6.38 -22.54 48.99
N PRO C 478 7.01 -22.97 50.09
CA PRO C 478 6.38 -24.06 50.86
C PRO C 478 5.03 -23.67 51.43
N GLN C 479 4.90 -22.45 51.94
CA GLN C 479 3.62 -22.00 52.48
C GLN C 479 2.55 -21.92 51.39
N ILE C 480 2.96 -21.72 50.15
CA ILE C 480 2.00 -21.65 49.04
C ILE C 480 1.61 -23.04 48.56
N CYS C 481 2.61 -23.91 48.38
CA CYS C 481 2.33 -25.26 47.92
C CYS C 481 1.56 -26.06 48.95
N GLY C 482 1.74 -25.78 50.24
CA GLY C 482 0.90 -26.41 51.24
C GLY C 482 -0.56 -26.06 51.05
N THR C 483 -0.86 -24.78 50.81
CA THR C 483 -2.23 -24.37 50.55
C THR C 483 -2.76 -24.99 49.26
N VAL C 484 -1.91 -25.08 48.23
CA VAL C 484 -2.34 -25.67 46.97
C VAL C 484 -2.67 -27.15 47.15
N LEU C 485 -1.85 -27.88 47.91
CA LEU C 485 -2.13 -29.29 48.19
C LEU C 485 -3.41 -29.44 48.99
N TRP C 486 -3.56 -28.65 50.06
CA TRP C 486 -4.78 -28.70 50.86
C TRP C 486 -6.00 -28.33 50.03
N ARG C 487 -5.79 -27.56 48.96
CA ARG C 487 -6.88 -27.14 48.10
C ARG C 487 -7.23 -28.22 47.08
N LEU C 488 -6.23 -28.98 46.61
CA LEU C 488 -6.51 -30.07 45.69
C LEU C 488 -7.28 -31.21 46.33
N ASN C 489 -7.26 -31.31 47.66
CA ASN C 489 -8.08 -32.26 48.39
C ASN C 489 -9.49 -31.77 48.65
N ASN C 490 -9.76 -30.48 48.41
CA ASN C 490 -11.06 -29.91 48.73
C ASN C 490 -12.16 -30.57 47.92
N LYS C 491 -13.35 -30.68 48.53
CA LYS C 491 -14.47 -31.36 47.89
C LYS C 491 -14.87 -30.68 46.59
N SER C 492 -14.89 -29.35 46.58
CA SER C 492 -15.39 -28.61 45.43
C SER C 492 -14.48 -28.83 44.23
N ALA C 493 -15.06 -29.30 43.12
CA ALA C 493 -14.27 -29.57 41.92
C ALA C 493 -13.76 -28.29 41.30
N LYS C 494 -14.59 -27.25 41.24
CA LYS C 494 -14.15 -25.97 40.71
C LYS C 494 -12.96 -25.43 41.50
N VAL C 495 -12.94 -25.69 42.80
CA VAL C 495 -11.83 -25.27 43.64
C VAL C 495 -10.56 -26.05 43.28
N ARG C 496 -10.70 -27.36 43.01
CA ARG C 496 -9.55 -28.15 42.58
C ARG C 496 -8.98 -27.62 41.27
N GLN C 497 -9.85 -27.30 40.31
CA GLN C 497 -9.34 -26.79 39.03
C GLN C 497 -8.76 -25.40 39.19
N GLN C 498 -9.26 -24.60 40.15
CA GLN C 498 -8.63 -23.33 40.45
C GLN C 498 -7.19 -23.52 40.93
N ALA C 499 -7.00 -24.45 41.87
CA ALA C 499 -5.64 -24.73 42.35
C ALA C 499 -4.75 -25.23 41.21
N ALA C 500 -5.30 -26.09 40.34
CA ALA C 500 -4.52 -26.58 39.21
C ALA C 500 -4.10 -25.46 38.27
N ASP C 501 -5.01 -24.52 38.02
CA ASP C 501 -4.67 -23.39 37.15
C ASP C 501 -3.65 -22.47 37.80
N LEU C 502 -3.70 -22.33 39.12
CA LEU C 502 -2.65 -21.60 39.83
C LEU C 502 -1.29 -22.25 39.63
N ILE C 503 -1.23 -23.58 39.74
CA ILE C 503 0.02 -24.30 39.46
C ILE C 503 0.49 -24.01 38.04
N SER C 504 -0.44 -24.12 37.08
CA SER C 504 -0.10 -23.88 35.68
C SER C 504 0.52 -22.49 35.49
N ARG C 505 -0.03 -21.49 36.16
CA ARG C 505 0.46 -20.13 35.97
C ARG C 505 1.77 -19.86 36.72
N THR C 506 2.01 -20.56 37.82
CA THR C 506 3.18 -20.28 38.64
C THR C 506 4.34 -21.26 38.41
N ALA C 507 4.18 -22.22 37.50
CA ALA C 507 5.23 -23.21 37.26
C ALA C 507 6.58 -22.57 36.90
N VAL C 508 6.56 -21.56 36.04
CA VAL C 508 7.82 -20.97 35.56
C VAL C 508 8.56 -20.30 36.72
N VAL C 509 7.86 -19.52 37.52
CA VAL C 509 8.50 -18.86 38.65
C VAL C 509 8.97 -19.90 39.67
N MET C 510 8.20 -20.98 39.84
CA MET C 510 8.64 -22.03 40.75
C MET C 510 9.95 -22.66 40.26
N LYS C 511 10.08 -22.84 38.95
CA LYS C 511 11.33 -23.38 38.41
C LYS C 511 12.48 -22.40 38.62
N THR C 512 12.23 -21.10 38.41
CA THR C 512 13.29 -20.12 38.61
C THR C 512 13.73 -20.07 40.07
N CYS C 513 12.86 -20.42 41.00
CA CYS C 513 13.16 -20.36 42.43
C CYS C 513 14.00 -21.53 42.91
N GLN C 514 14.33 -22.49 42.04
CA GLN C 514 15.12 -23.68 42.39
C GLN C 514 14.48 -24.45 43.55
N GLU C 515 13.20 -24.74 43.41
CA GLU C 515 12.50 -25.59 44.38
C GLU C 515 11.91 -26.80 43.64
N GLU C 516 12.77 -27.54 42.94
CA GLU C 516 12.31 -28.59 42.04
C GLU C 516 11.70 -29.78 42.78
N LYS C 517 12.05 -29.98 44.06
CA LYS C 517 11.43 -31.06 44.82
C LYS C 517 9.96 -30.76 45.11
N LEU C 518 9.64 -29.50 45.44
CA LEU C 518 8.25 -29.12 45.61
C LEU C 518 7.46 -29.34 44.33
N MET C 519 8.03 -28.98 43.18
CA MET C 519 7.34 -29.20 41.92
C MET C 519 7.20 -30.68 41.60
N GLY C 520 8.20 -31.50 41.95
CA GLY C 520 8.04 -32.93 41.78
C GLY C 520 6.90 -33.49 42.62
N HIS C 521 6.80 -33.02 43.87
CA HIS C 521 5.68 -33.43 44.71
C HIS C 521 4.35 -32.99 44.09
N LEU C 522 4.29 -31.77 43.56
CA LEU C 522 3.07 -31.31 42.89
C LEU C 522 2.72 -32.21 41.72
N GLY C 523 3.72 -32.58 40.91
CA GLY C 523 3.46 -33.44 39.77
C GLY C 523 2.98 -34.82 40.18
N VAL C 524 3.61 -35.41 41.21
CA VAL C 524 3.19 -36.74 41.63
C VAL C 524 1.82 -36.70 42.30
N VAL C 525 1.45 -35.55 42.89
CA VAL C 525 0.10 -35.41 43.44
C VAL C 525 -0.93 -35.29 42.32
N LEU C 526 -0.60 -34.52 41.28
CA LEU C 526 -1.50 -34.39 40.14
C LEU C 526 -1.66 -35.72 39.41
N TYR C 527 -0.62 -36.57 39.42
CA TYR C 527 -0.67 -37.81 38.66
C TYR C 527 -1.83 -38.71 39.11
N GLU C 528 -2.10 -38.76 40.42
CA GLU C 528 -3.19 -39.61 40.91
C GLU C 528 -4.56 -39.02 40.63
N TYR C 529 -4.66 -37.73 40.32
CA TYR C 529 -5.95 -37.11 40.04
C TYR C 529 -6.40 -37.27 38.60
N LEU C 530 -5.66 -37.99 37.76
CA LEU C 530 -5.97 -38.10 36.33
C LEU C 530 -7.25 -38.89 36.09
N GLY C 531 -7.89 -39.33 37.17
CA GLY C 531 -9.18 -39.97 37.11
C GLY C 531 -10.36 -39.06 37.41
N GLU C 532 -10.14 -37.76 37.51
CA GLU C 532 -11.21 -36.83 37.87
C GLU C 532 -12.36 -36.93 36.87
N GLU C 533 -13.55 -37.24 37.39
CA GLU C 533 -14.70 -37.47 36.52
C GLU C 533 -15.21 -36.17 35.91
N TYR C 534 -15.15 -35.07 36.67
CA TYR C 534 -15.55 -33.77 36.14
C TYR C 534 -14.56 -33.32 35.08
N PRO C 535 -15.00 -33.09 33.83
CA PRO C 535 -14.03 -32.91 32.74
C PRO C 535 -13.19 -31.65 32.87
N GLU C 536 -13.77 -30.54 33.31
CA GLU C 536 -13.02 -29.28 33.39
C GLU C 536 -11.86 -29.38 34.36
N VAL C 537 -12.07 -30.03 35.51
CA VAL C 537 -10.99 -30.22 36.47
C VAL C 537 -9.91 -31.12 35.89
N LEU C 538 -10.30 -32.12 35.11
CA LEU C 538 -9.32 -32.99 34.47
C LEU C 538 -8.47 -32.20 33.49
N GLY C 539 -9.10 -31.36 32.67
CA GLY C 539 -8.33 -30.51 31.77
C GLY C 539 -7.39 -29.57 32.50
N SER C 540 -7.86 -28.99 33.61
CA SER C 540 -7.00 -28.07 34.36
C SER C 540 -5.80 -28.80 34.96
N ILE C 541 -6.00 -29.99 35.52
CA ILE C 541 -4.86 -30.71 36.10
C ILE C 541 -3.94 -31.22 35.00
N LEU C 542 -4.48 -31.54 33.82
CA LEU C 542 -3.61 -31.89 32.69
C LEU C 542 -2.75 -30.70 32.30
N GLY C 543 -3.32 -29.50 32.26
CA GLY C 543 -2.54 -28.31 31.98
C GLY C 543 -1.49 -28.05 33.04
N ALA C 544 -1.83 -28.35 34.30
CA ALA C 544 -0.85 -28.20 35.38
C ALA C 544 0.32 -29.17 35.20
N LEU C 545 0.02 -30.43 34.87
CA LEU C 545 1.08 -31.40 34.60
C LEU C 545 1.94 -30.98 33.42
N LYS C 546 1.31 -30.43 32.38
CA LYS C 546 2.06 -29.94 31.23
C LYS C 546 2.99 -28.79 31.63
N ALA C 547 2.48 -27.85 32.42
CA ALA C 547 3.31 -26.75 32.88
C ALA C 547 4.48 -27.23 33.73
N ILE C 548 4.27 -28.29 34.52
CA ILE C 548 5.36 -28.82 35.34
C ILE C 548 6.39 -29.55 34.46
N VAL C 549 5.92 -30.36 33.51
CA VAL C 549 6.83 -31.06 32.61
C VAL C 549 7.67 -30.06 31.82
N ASN C 550 7.05 -28.98 31.33
CA ASN C 550 7.73 -28.10 30.40
C ASN C 550 8.83 -27.26 31.05
N VAL C 551 9.01 -27.33 32.36
CA VAL C 551 10.00 -26.49 33.03
C VAL C 551 11.03 -27.33 33.78
N ILE C 552 10.64 -28.52 34.24
CA ILE C 552 11.57 -29.44 34.87
C ILE C 552 11.94 -30.53 33.86
N GLY C 553 13.15 -31.06 33.99
CA GLY C 553 13.65 -32.00 33.01
C GLY C 553 12.75 -33.21 32.84
N MET C 554 12.86 -33.83 31.66
CA MET C 554 12.20 -35.11 31.40
C MET C 554 12.82 -36.25 32.20
N HIS C 555 14.05 -36.08 32.66
CA HIS C 555 14.71 -37.15 33.40
C HIS C 555 14.37 -37.11 34.88
N LYS C 556 14.37 -35.92 35.49
CA LYS C 556 14.02 -35.79 36.90
C LYS C 556 12.52 -35.72 37.14
N MET C 557 11.70 -35.88 36.11
CA MET C 557 10.26 -35.72 36.27
C MET C 557 9.67 -36.92 37.01
N THR C 558 8.95 -36.64 38.10
CA THR C 558 8.23 -37.66 38.84
C THR C 558 6.73 -37.40 38.74
N PRO C 559 5.92 -38.41 38.33
CA PRO C 559 6.33 -39.76 37.94
C PRO C 559 7.11 -39.76 36.64
N PRO C 560 7.96 -40.77 36.43
CA PRO C 560 8.74 -40.83 35.19
C PRO C 560 7.84 -40.91 33.97
N ILE C 561 8.40 -40.54 32.83
CA ILE C 561 7.61 -40.43 31.60
C ILE C 561 7.13 -41.80 31.16
N LYS C 562 7.98 -42.83 31.29
CA LYS C 562 7.58 -44.18 30.93
C LYS C 562 6.33 -44.63 31.68
N ASP C 563 6.11 -44.09 32.87
CA ASP C 563 4.89 -44.37 33.63
C ASP C 563 3.78 -43.39 33.30
N LEU C 564 4.13 -42.14 32.98
CA LEU C 564 3.11 -41.10 32.79
C LEU C 564 2.36 -41.28 31.49
N LEU C 565 3.09 -41.45 30.38
CA LEU C 565 2.43 -41.44 29.07
C LEU C 565 1.41 -42.55 28.89
N PRO C 566 1.67 -43.81 29.26
CA PRO C 566 0.61 -44.82 29.13
C PRO C 566 -0.65 -44.49 29.92
N ARG C 567 -0.53 -43.77 31.03
CA ARG C 567 -1.72 -43.30 31.73
C ARG C 567 -2.46 -42.23 30.93
N LEU C 568 -1.73 -41.46 30.12
CA LEU C 568 -2.36 -40.48 29.24
C LEU C 568 -3.04 -41.12 28.04
N THR C 569 -2.53 -42.27 27.59
CA THR C 569 -3.06 -42.93 26.40
C THR C 569 -4.58 -43.07 26.38
N PRO C 570 -5.24 -43.62 27.41
CA PRO C 570 -6.71 -43.76 27.31
C PRO C 570 -7.45 -42.45 27.48
N ILE C 571 -6.79 -41.40 27.96
CA ILE C 571 -7.47 -40.13 28.18
C ILE C 571 -7.83 -39.45 26.87
N LEU C 572 -7.18 -39.84 25.76
CA LEU C 572 -7.51 -39.26 24.46
C LEU C 572 -8.91 -39.63 23.99
N LYS C 573 -9.50 -40.71 24.54
CA LYS C 573 -10.85 -41.10 24.17
C LYS C 573 -11.92 -40.22 24.80
N ASN C 574 -11.55 -39.30 25.68
CA ASN C 574 -12.54 -38.45 26.32
C ASN C 574 -13.16 -37.50 25.30
N ARG C 575 -14.44 -37.18 25.50
CA ARG C 575 -15.19 -36.38 24.55
C ARG C 575 -15.20 -34.89 24.87
N HIS C 576 -14.65 -34.49 26.02
CA HIS C 576 -14.62 -33.07 26.38
C HIS C 576 -13.46 -32.38 25.69
N GLU C 577 -13.72 -31.20 25.11
CA GLU C 577 -12.72 -30.55 24.27
C GLU C 577 -11.58 -29.99 25.10
N LYS C 578 -11.84 -29.50 26.31
CA LYS C 578 -10.78 -29.05 27.20
C LYS C 578 -9.81 -30.19 27.51
N VAL C 579 -10.37 -31.34 27.88
CA VAL C 579 -9.55 -32.52 28.19
C VAL C 579 -8.75 -32.93 26.96
N GLN C 580 -9.40 -32.99 25.80
CA GLN C 580 -8.72 -33.40 24.58
C GLN C 580 -7.54 -32.47 24.27
N GLU C 581 -7.79 -31.16 24.32
CA GLU C 581 -6.73 -30.22 24.00
C GLU C 581 -5.56 -30.35 24.97
N ASN C 582 -5.85 -30.31 26.28
CA ASN C 582 -4.77 -30.36 27.26
C ASN C 582 -4.01 -31.69 27.21
N CYS C 583 -4.73 -32.79 26.96
CA CYS C 583 -4.08 -34.09 26.90
C CYS C 583 -3.19 -34.21 25.67
N ILE C 584 -3.69 -33.77 24.51
CA ILE C 584 -2.85 -33.81 23.31
C ILE C 584 -1.64 -32.91 23.47
N ASP C 585 -1.80 -31.77 24.13
CA ASP C 585 -0.66 -30.87 24.33
C ASP C 585 0.37 -31.48 25.26
N LEU C 586 -0.08 -32.16 26.33
CA LEU C 586 0.86 -32.81 27.22
C LEU C 586 1.57 -33.96 26.51
N VAL C 587 0.84 -34.75 25.72
CA VAL C 587 1.46 -35.81 24.93
C VAL C 587 2.49 -35.24 23.97
N GLY C 588 2.23 -34.05 23.42
CA GLY C 588 3.18 -33.43 22.52
C GLY C 588 4.43 -32.94 23.22
N ARG C 589 4.27 -32.35 24.41
CA ARG C 589 5.44 -31.98 25.20
C ARG C 589 6.27 -33.21 25.55
N ILE C 590 5.61 -34.32 25.83
CA ILE C 590 6.34 -35.57 26.09
C ILE C 590 7.04 -36.05 24.83
N ALA C 591 6.38 -35.93 23.67
CA ALA C 591 6.96 -36.50 22.47
C ALA C 591 8.07 -35.65 21.89
N ASP C 592 8.08 -34.35 22.21
CA ASP C 592 9.07 -33.48 21.60
C ASP C 592 10.47 -33.79 22.15
N ARG C 593 10.58 -34.03 23.45
CA ARG C 593 11.90 -34.18 24.05
C ARG C 593 12.02 -35.46 24.86
N GLY C 594 10.92 -35.95 25.40
CA GLY C 594 10.96 -37.13 26.25
C GLY C 594 10.61 -38.42 25.53
N ALA C 595 10.80 -38.44 24.22
CA ALA C 595 10.33 -39.57 23.43
C ALA C 595 11.15 -40.84 23.68
N GLU C 596 12.36 -40.73 24.23
CA GLU C 596 13.19 -41.91 24.42
C GLU C 596 12.66 -42.83 25.51
N TYR C 597 11.87 -42.30 26.45
CA TYR C 597 11.39 -43.09 27.57
C TYR C 597 10.17 -43.93 27.23
N VAL C 598 9.63 -43.82 26.01
CA VAL C 598 8.39 -44.48 25.64
C VAL C 598 8.64 -45.35 24.42
N SER C 599 8.19 -46.60 24.48
CA SER C 599 8.43 -47.54 23.40
C SER C 599 7.58 -47.17 22.18
N ALA C 600 7.95 -47.75 21.04
CA ALA C 600 7.29 -47.42 19.78
C ALA C 600 5.88 -47.97 19.69
N ARG C 601 5.57 -49.02 20.45
CA ARG C 601 4.24 -49.62 20.37
C ARG C 601 3.21 -48.69 21.01
N GLU C 602 3.52 -48.18 22.21
CA GLU C 602 2.66 -47.19 22.83
C GLU C 602 2.53 -45.97 21.93
N TRP C 603 3.61 -45.62 21.23
CA TRP C 603 3.56 -44.51 20.29
C TRP C 603 2.59 -44.79 19.15
N MET C 604 2.57 -46.02 18.64
CA MET C 604 1.62 -46.37 17.58
C MET C 604 0.19 -46.29 18.08
N ARG C 605 -0.05 -46.68 19.34
CA ARG C 605 -1.41 -46.52 19.86
C ARG C 605 -1.80 -45.05 19.99
N ILE C 606 -0.88 -44.21 20.50
CA ILE C 606 -1.12 -42.77 20.49
C ILE C 606 -1.43 -42.28 19.08
N CYS C 607 -0.68 -42.77 18.09
CA CYS C 607 -0.95 -42.45 16.70
C CYS C 607 -2.39 -42.78 16.32
N PHE C 608 -2.84 -43.98 16.68
CA PHE C 608 -4.18 -44.41 16.30
C PHE C 608 -5.24 -43.52 16.93
N GLU C 609 -5.01 -43.06 18.17
CA GLU C 609 -5.98 -42.13 18.76
C GLU C 609 -5.88 -40.73 18.17
N LEU C 610 -4.66 -40.29 17.85
CA LEU C 610 -4.50 -38.97 17.23
C LEU C 610 -5.12 -38.93 15.84
N LEU C 611 -5.01 -40.03 15.10
CA LEU C 611 -5.57 -40.05 13.75
C LEU C 611 -7.07 -39.86 13.77
N GLU C 612 -7.74 -40.32 14.83
CA GLU C 612 -9.18 -40.10 14.96
C GLU C 612 -9.49 -38.65 15.31
N LEU C 613 -8.59 -37.97 16.02
CA LEU C 613 -8.82 -36.61 16.47
C LEU C 613 -8.54 -35.56 15.37
N LEU C 614 -7.95 -35.97 14.25
CA LEU C 614 -7.69 -35.04 13.16
C LEU C 614 -8.98 -34.51 12.53
N LYS C 615 -10.14 -35.06 12.89
CA LYS C 615 -11.42 -34.60 12.38
C LYS C 615 -12.32 -34.03 13.48
N ALA C 616 -11.72 -33.40 14.48
CA ALA C 616 -12.49 -32.67 15.47
C ALA C 616 -12.98 -31.34 14.90
N HIS C 617 -14.08 -30.85 15.46
CA HIS C 617 -14.66 -29.60 14.96
C HIS C 617 -13.94 -28.37 15.50
N LYS C 618 -13.35 -28.46 16.69
CA LYS C 618 -12.64 -27.32 17.25
C LYS C 618 -11.26 -27.21 16.61
N LYS C 619 -10.90 -25.99 16.20
CA LYS C 619 -9.65 -25.79 15.47
C LYS C 619 -8.44 -26.11 16.34
N ALA C 620 -8.46 -25.72 17.61
CA ALA C 620 -7.29 -25.90 18.46
C ALA C 620 -6.95 -27.37 18.64
N ILE C 621 -7.96 -28.24 18.66
CA ILE C 621 -7.71 -29.67 18.79
C ILE C 621 -6.97 -30.20 17.57
N ARG C 622 -7.39 -29.80 16.37
CA ARG C 622 -6.69 -30.22 15.16
C ARG C 622 -5.28 -29.65 15.11
N ARG C 623 -5.11 -28.38 15.51
CA ARG C 623 -3.78 -27.78 15.59
C ARG C 623 -2.85 -28.60 16.47
N ALA C 624 -3.29 -28.86 17.72
CA ALA C 624 -2.48 -29.64 18.64
C ALA C 624 -2.22 -31.04 18.11
N THR C 625 -3.23 -31.67 17.49
CA THR C 625 -3.07 -33.02 16.96
C THR C 625 -2.01 -33.05 15.86
N VAL C 626 -2.01 -32.04 14.99
CA VAL C 626 -1.00 -31.96 13.94
C VAL C 626 0.39 -31.82 14.55
N ASN C 627 0.52 -30.91 15.51
CA ASN C 627 1.84 -30.68 16.11
C ASN C 627 2.36 -31.94 16.80
N THR C 628 1.55 -32.55 17.66
CA THR C 628 2.02 -33.70 18.41
C THR C 628 2.20 -34.92 17.53
N PHE C 629 1.41 -35.06 16.46
CA PHE C 629 1.65 -36.14 15.52
C PHE C 629 2.98 -35.94 14.80
N GLY C 630 3.32 -34.70 14.45
CA GLY C 630 4.64 -34.45 13.89
C GLY C 630 5.75 -34.84 14.85
N TYR C 631 5.61 -34.47 16.12
CA TYR C 631 6.60 -34.86 17.12
C TYR C 631 6.75 -36.37 17.20
N ILE C 632 5.65 -37.10 17.44
CA ILE C 632 5.73 -38.55 17.52
C ILE C 632 6.16 -39.18 16.20
N ALA C 633 6.00 -38.49 15.07
CA ALA C 633 6.48 -39.06 13.81
C ALA C 633 7.99 -38.93 13.71
N LYS C 634 8.54 -37.81 14.18
CA LYS C 634 10.00 -37.70 14.26
C LYS C 634 10.56 -38.74 15.22
N ALA C 635 9.83 -39.02 16.31
CA ALA C 635 10.30 -40.00 17.28
C ALA C 635 10.27 -41.42 16.71
N ILE C 636 9.11 -41.84 16.19
CA ILE C 636 8.92 -43.24 15.79
C ILE C 636 9.84 -43.61 14.63
N GLY C 637 9.96 -42.73 13.64
CA GLY C 637 10.52 -43.10 12.36
C GLY C 637 9.43 -43.27 11.33
N PRO C 638 9.76 -43.08 10.06
CA PRO C 638 8.74 -43.06 9.00
C PRO C 638 8.16 -44.40 8.59
N HIS C 639 8.95 -45.48 8.68
CA HIS C 639 8.66 -46.72 7.94
C HIS C 639 7.37 -47.37 8.42
N ASP C 640 7.28 -47.63 9.73
CA ASP C 640 6.16 -48.42 10.26
C ASP C 640 4.85 -47.66 10.13
N VAL C 641 4.81 -46.43 10.68
CA VAL C 641 3.61 -45.61 10.61
C VAL C 641 3.23 -45.36 9.15
N LEU C 642 4.22 -45.22 8.27
CA LEU C 642 3.94 -44.98 6.86
C LEU C 642 3.20 -46.17 6.25
N ALA C 643 3.73 -47.38 6.47
CA ALA C 643 3.10 -48.56 5.91
C ALA C 643 1.67 -48.72 6.42
N THR C 644 1.48 -48.58 7.74
CA THR C 644 0.13 -48.76 8.27
C THR C 644 -0.83 -47.67 7.77
N LEU C 645 -0.33 -46.45 7.55
CA LEU C 645 -1.17 -45.39 6.99
C LEU C 645 -1.56 -45.67 5.55
N LEU C 646 -0.65 -46.21 4.74
CA LEU C 646 -1.01 -46.63 3.38
C LEU C 646 -2.07 -47.74 3.37
N ASN C 647 -1.93 -48.71 4.27
CA ASN C 647 -2.99 -49.72 4.37
C ASN C 647 -4.33 -49.10 4.75
N ASN C 648 -4.32 -48.19 5.73
CA ASN C 648 -5.54 -47.48 6.10
C ASN C 648 -6.10 -46.69 4.93
N LEU C 649 -5.22 -46.13 4.10
CA LEU C 649 -5.66 -45.40 2.90
C LEU C 649 -6.43 -46.32 1.97
N LYS C 650 -5.92 -47.53 1.74
CA LYS C 650 -6.65 -48.46 0.88
C LYS C 650 -7.99 -48.84 1.49
N VAL C 651 -7.97 -49.34 2.73
CA VAL C 651 -9.17 -49.99 3.27
C VAL C 651 -10.27 -48.98 3.57
N GLN C 652 -9.90 -47.75 3.95
CA GLN C 652 -10.87 -46.76 4.41
C GLN C 652 -11.15 -45.73 3.32
N GLU C 653 -12.34 -45.14 3.39
CA GLU C 653 -12.74 -44.06 2.48
C GLU C 653 -13.46 -42.99 3.30
N ARG C 654 -13.97 -41.98 2.60
CA ARG C 654 -14.69 -40.84 3.18
C ARG C 654 -13.76 -40.07 4.13
N GLN C 655 -14.30 -39.48 5.19
CA GLN C 655 -13.53 -38.56 6.03
C GLN C 655 -12.30 -39.22 6.63
N ASN C 656 -12.44 -40.45 7.13
CA ASN C 656 -11.32 -41.11 7.79
C ASN C 656 -10.16 -41.37 6.82
N ARG C 657 -10.42 -41.36 5.51
CA ARG C 657 -9.32 -41.41 4.55
C ARG C 657 -8.62 -40.06 4.47
N VAL C 658 -9.37 -38.96 4.60
CA VAL C 658 -8.76 -37.63 4.58
C VAL C 658 -7.81 -37.46 5.74
N CYS C 659 -8.17 -38.02 6.90
CA CYS C 659 -7.28 -37.96 8.05
C CYS C 659 -5.99 -38.72 7.80
N THR C 660 -6.07 -39.88 7.15
CA THR C 660 -4.85 -40.61 6.82
C THR C 660 -4.01 -39.84 5.80
N THR C 661 -4.67 -39.11 4.90
CA THR C 661 -3.94 -38.24 3.98
C THR C 661 -3.19 -37.15 4.75
N VAL C 662 -3.86 -36.52 5.71
CA VAL C 662 -3.21 -35.50 6.52
C VAL C 662 -2.03 -36.10 7.27
N ALA C 663 -2.20 -37.30 7.81
CA ALA C 663 -1.12 -37.92 8.57
C ALA C 663 0.07 -38.26 7.68
N ILE C 664 -0.20 -38.70 6.44
CA ILE C 664 0.87 -38.95 5.48
C ILE C 664 1.62 -37.67 5.17
N ALA C 665 0.91 -36.56 5.01
CA ALA C 665 1.58 -35.28 4.77
C ALA C 665 2.42 -34.87 5.97
N ILE C 666 1.90 -35.09 7.18
CA ILE C 666 2.69 -34.79 8.38
C ILE C 666 3.98 -35.62 8.39
N VAL C 667 3.88 -36.90 8.05
CA VAL C 667 5.06 -37.75 7.99
C VAL C 667 6.05 -37.23 6.94
N ALA C 668 5.53 -36.79 5.80
CA ALA C 668 6.40 -36.24 4.76
C ALA C 668 7.09 -34.97 5.22
N GLU C 669 6.41 -34.14 5.99
CA GLU C 669 7.03 -32.92 6.49
C GLU C 669 8.09 -33.23 7.53
N THR C 670 7.79 -34.16 8.44
CA THR C 670 8.71 -34.46 9.55
C THR C 670 9.91 -35.25 9.05
N CYS C 671 9.68 -36.47 8.58
CA CYS C 671 10.70 -37.26 7.90
C CYS C 671 10.67 -36.88 6.43
N SER C 672 11.83 -36.75 5.80
CA SER C 672 11.89 -36.14 4.47
C SER C 672 10.90 -36.84 3.54
N PRO C 673 10.28 -36.12 2.59
CA PRO C 673 9.36 -36.79 1.64
C PRO C 673 10.00 -37.96 0.88
N PHE C 674 11.33 -38.05 0.85
CA PHE C 674 12.00 -39.21 0.27
C PHE C 674 11.64 -40.51 0.97
N THR C 675 11.18 -40.44 2.23
CA THR C 675 10.78 -41.65 2.94
C THR C 675 9.38 -42.10 2.56
N VAL C 676 8.49 -41.17 2.21
CA VAL C 676 7.09 -41.47 1.97
C VAL C 676 6.75 -41.57 0.49
N LEU C 677 7.32 -40.69 -0.34
CA LEU C 677 6.92 -40.64 -1.74
C LEU C 677 7.15 -41.96 -2.49
N PRO C 678 8.27 -42.67 -2.32
CA PRO C 678 8.43 -43.96 -3.00
C PRO C 678 7.30 -44.95 -2.74
N ALA C 679 6.93 -45.13 -1.47
CA ALA C 679 5.89 -46.09 -1.12
C ALA C 679 4.53 -45.69 -1.68
N LEU C 680 4.20 -44.39 -1.61
CA LEU C 680 2.94 -43.92 -2.17
C LEU C 680 2.87 -44.14 -3.67
N MET C 681 3.93 -43.73 -4.38
CA MET C 681 3.98 -43.94 -5.82
C MET C 681 3.94 -45.42 -6.16
N ASN C 682 4.50 -46.28 -5.31
CA ASN C 682 4.38 -47.72 -5.53
C ASN C 682 2.94 -48.19 -5.34
N GLU C 683 2.23 -47.63 -4.36
CA GLU C 683 0.82 -47.95 -4.20
C GLU C 683 0.01 -47.54 -5.42
N TYR C 684 0.48 -46.54 -6.16
CA TYR C 684 -0.18 -46.19 -7.42
C TYR C 684 -0.14 -47.34 -8.42
N ARG C 685 0.87 -48.22 -8.34
CA ARG C 685 1.05 -49.27 -9.34
C ARG C 685 -0.05 -50.33 -9.29
N VAL C 686 -0.81 -50.40 -8.21
CA VAL C 686 -1.89 -51.39 -8.08
C VAL C 686 -2.94 -51.12 -9.15
N PRO C 687 -3.48 -52.14 -9.83
CA PRO C 687 -4.43 -51.87 -10.92
C PRO C 687 -5.73 -51.21 -10.48
N GLU C 688 -6.16 -51.41 -9.24
CA GLU C 688 -7.43 -50.86 -8.80
C GLU C 688 -7.43 -49.34 -8.85
N LEU C 689 -8.52 -48.77 -9.39
CA LEU C 689 -8.59 -47.33 -9.62
C LEU C 689 -8.75 -46.54 -8.32
N ASN C 690 -9.45 -47.11 -7.34
CA ASN C 690 -9.70 -46.39 -6.09
C ASN C 690 -8.40 -46.17 -5.32
N VAL C 691 -7.50 -47.15 -5.33
CA VAL C 691 -6.20 -46.98 -4.70
C VAL C 691 -5.44 -45.84 -5.36
N GLN C 692 -5.54 -45.75 -6.69
CA GLN C 692 -4.90 -44.67 -7.43
C GLN C 692 -5.46 -43.32 -7.05
N ASN C 693 -6.80 -43.23 -6.91
CA ASN C 693 -7.42 -41.98 -6.49
C ASN C 693 -6.93 -41.58 -5.10
N GLY C 694 -6.83 -42.55 -4.19
CA GLY C 694 -6.31 -42.26 -2.87
C GLY C 694 -4.88 -41.75 -2.90
N VAL C 695 -4.03 -42.37 -3.72
CA VAL C 695 -2.66 -41.89 -3.87
C VAL C 695 -2.63 -40.47 -4.40
N LEU C 696 -3.52 -40.16 -5.35
CA LEU C 696 -3.52 -38.81 -5.93
C LEU C 696 -3.97 -37.77 -4.91
N LYS C 697 -5.01 -38.09 -4.12
CA LYS C 697 -5.42 -37.18 -3.05
C LYS C 697 -4.30 -36.97 -2.05
N SER C 698 -3.61 -38.05 -1.68
CA SER C 698 -2.47 -37.92 -0.78
C SER C 698 -1.42 -37.00 -1.35
N LEU C 699 -1.10 -37.13 -2.64
CA LEU C 699 -0.08 -36.29 -3.26
C LEU C 699 -0.49 -34.82 -3.26
N SER C 700 -1.75 -34.56 -3.62
CA SER C 700 -2.26 -33.19 -3.60
C SER C 700 -2.07 -32.55 -2.23
N PHE C 701 -2.57 -33.22 -1.18
CA PHE C 701 -2.45 -32.60 0.13
C PHE C 701 -1.01 -32.57 0.62
N LEU C 702 -0.19 -33.54 0.20
CA LEU C 702 1.21 -33.57 0.62
C LEU C 702 1.96 -32.36 0.10
N PHE C 703 1.76 -32.04 -1.19
CA PHE C 703 2.46 -30.88 -1.72
C PHE C 703 1.87 -29.57 -1.18
N GLU C 704 0.53 -29.51 -1.04
CA GLU C 704 -0.06 -28.33 -0.42
C GLU C 704 0.47 -28.10 0.99
N TYR C 705 0.74 -29.17 1.73
CA TYR C 705 1.22 -29.06 3.10
C TYR C 705 2.69 -28.68 3.16
N ILE C 706 3.53 -29.37 2.40
CA ILE C 706 4.98 -29.17 2.53
C ILE C 706 5.47 -27.92 1.83
N GLY C 707 4.74 -27.39 0.85
CA GLY C 707 5.11 -26.09 0.31
C GLY C 707 6.48 -26.10 -0.35
N GLU C 708 7.40 -25.27 0.17
CA GLU C 708 8.72 -25.15 -0.43
C GLU C 708 9.53 -26.43 -0.31
N MET C 709 9.17 -27.33 0.60
CA MET C 709 9.94 -28.56 0.78
C MET C 709 9.89 -29.45 -0.45
N GLY C 710 8.86 -29.30 -1.29
CA GLY C 710 8.73 -30.12 -2.47
C GLY C 710 9.52 -29.64 -3.67
N LYS C 711 10.40 -28.67 -3.50
CA LYS C 711 11.18 -28.14 -4.61
C LYS C 711 12.15 -29.17 -5.20
N ASP C 712 12.32 -30.32 -4.55
CA ASP C 712 13.24 -31.35 -5.01
C ASP C 712 12.54 -32.62 -5.45
N TYR C 713 11.23 -32.74 -5.26
CA TYR C 713 10.52 -33.99 -5.51
C TYR C 713 9.54 -33.87 -6.67
N ILE C 714 9.65 -32.83 -7.51
CA ILE C 714 8.72 -32.70 -8.62
C ILE C 714 9.10 -33.65 -9.75
N TYR C 715 10.40 -33.77 -10.04
CA TYR C 715 10.85 -34.71 -11.05
C TYR C 715 10.46 -36.14 -10.68
N ALA C 716 10.52 -36.47 -9.38
CA ALA C 716 10.20 -37.81 -8.92
C ALA C 716 8.75 -38.17 -9.21
N VAL C 717 7.82 -37.25 -8.88
CA VAL C 717 6.39 -37.50 -9.09
C VAL C 717 5.95 -37.21 -10.51
N THR C 718 6.85 -36.67 -11.35
CA THR C 718 6.46 -36.33 -12.72
C THR C 718 5.95 -37.52 -13.53
N PRO C 719 6.57 -38.71 -13.52
CA PRO C 719 6.02 -39.80 -14.34
C PRO C 719 4.62 -40.25 -13.94
N LEU C 720 4.37 -40.37 -12.64
CA LEU C 720 3.03 -40.72 -12.17
C LEU C 720 2.00 -39.69 -12.64
N LEU C 721 2.36 -38.41 -12.60
CA LEU C 721 1.43 -37.38 -13.08
C LEU C 721 1.24 -37.45 -14.59
N GLU C 722 2.32 -37.78 -15.32
CA GLU C 722 2.18 -38.02 -16.75
C GLU C 722 1.12 -39.08 -17.03
N ASP C 723 1.22 -40.20 -16.31
CA ASP C 723 0.26 -41.28 -16.53
C ASP C 723 -1.15 -40.89 -16.11
N ALA C 724 -1.29 -40.25 -14.95
CA ALA C 724 -2.61 -39.94 -14.41
C ALA C 724 -3.33 -38.86 -15.21
N LEU C 725 -2.59 -37.94 -15.82
CA LEU C 725 -3.21 -36.90 -16.64
C LEU C 725 -3.75 -37.43 -17.96
N MET C 726 -3.66 -38.75 -18.21
CA MET C 726 -4.15 -39.39 -19.42
C MET C 726 -4.74 -40.75 -19.10
N ASP C 727 -5.48 -40.84 -18.00
CA ASP C 727 -6.05 -42.10 -17.53
C ASP C 727 -7.55 -42.20 -17.80
N ARG C 728 -8.07 -41.36 -18.69
CA ARG C 728 -9.47 -41.38 -19.11
C ARG C 728 -10.43 -41.05 -17.98
N ASP C 729 -10.21 -41.61 -16.79
CA ASP C 729 -11.07 -41.30 -15.65
C ASP C 729 -10.93 -39.83 -15.29
N LEU C 730 -12.05 -39.11 -15.28
CA LEU C 730 -12.00 -37.66 -15.05
C LEU C 730 -11.57 -37.33 -13.62
N VAL C 731 -11.91 -38.19 -12.66
CA VAL C 731 -11.48 -37.97 -11.28
C VAL C 731 -9.95 -37.97 -11.19
N HIS C 732 -9.32 -38.88 -11.92
CA HIS C 732 -7.85 -38.93 -11.95
C HIS C 732 -7.26 -37.61 -12.41
N ARG C 733 -7.75 -37.10 -13.55
CA ARG C 733 -7.17 -35.88 -14.11
C ARG C 733 -7.49 -34.68 -13.23
N GLN C 734 -8.68 -34.66 -12.61
CA GLN C 734 -9.02 -33.58 -11.71
C GLN C 734 -8.06 -33.53 -10.52
N THR C 735 -7.84 -34.69 -9.89
CA THR C 735 -6.94 -34.73 -8.74
C THR C 735 -5.50 -34.43 -9.15
N ALA C 736 -5.07 -34.89 -10.34
CA ALA C 736 -3.72 -34.62 -10.79
C ALA C 736 -3.53 -33.14 -11.10
N SER C 737 -4.54 -32.48 -11.66
CA SER C 737 -4.46 -31.04 -11.85
C SER C 737 -4.40 -30.32 -10.51
N ALA C 738 -5.15 -30.79 -9.51
CA ALA C 738 -5.00 -30.22 -8.18
C ALA C 738 -3.57 -30.37 -7.67
N VAL C 739 -2.96 -31.53 -7.93
CA VAL C 739 -1.58 -31.78 -7.51
C VAL C 739 -0.64 -30.78 -8.18
N VAL C 740 -0.80 -30.58 -9.48
CA VAL C 740 0.05 -29.62 -10.19
C VAL C 740 -0.17 -28.22 -9.63
N GLN C 741 -1.42 -27.86 -9.33
CA GLN C 741 -1.72 -26.56 -8.74
C GLN C 741 -0.97 -26.36 -7.43
N HIS C 742 -1.08 -27.33 -6.52
CA HIS C 742 -0.43 -27.19 -5.23
C HIS C 742 1.09 -27.20 -5.37
N MET C 743 1.64 -28.00 -6.28
CA MET C 743 3.07 -27.99 -6.55
C MET C 743 3.53 -26.61 -6.99
N SER C 744 2.90 -26.07 -8.03
CA SER C 744 3.28 -24.76 -8.54
C SER C 744 3.22 -23.70 -7.45
N LEU C 745 2.12 -23.68 -6.69
CA LEU C 745 1.99 -22.67 -5.64
C LEU C 745 3.03 -22.88 -4.54
N GLY C 746 3.45 -24.13 -4.31
CA GLY C 746 4.38 -24.45 -3.24
C GLY C 746 5.84 -24.18 -3.55
N VAL C 747 6.25 -24.37 -4.80
CA VAL C 747 7.64 -24.20 -5.20
C VAL C 747 7.86 -22.87 -5.93
N TYR C 748 6.92 -21.94 -5.78
CA TYR C 748 7.00 -20.65 -6.46
C TYR C 748 8.29 -19.93 -6.12
N GLY C 749 9.11 -19.65 -7.13
CA GLY C 749 10.35 -18.93 -6.95
C GLY C 749 11.53 -19.74 -6.47
N PHE C 750 11.52 -21.06 -6.70
CA PHE C 750 12.62 -21.92 -6.26
C PHE C 750 13.27 -22.66 -7.42
N GLY C 751 13.05 -22.21 -8.65
CA GLY C 751 13.78 -22.73 -9.79
C GLY C 751 13.26 -24.00 -10.43
N CYS C 752 11.99 -24.35 -10.20
CA CYS C 752 11.37 -25.54 -10.75
C CYS C 752 10.67 -25.28 -12.08
N GLU C 753 11.22 -24.37 -12.90
CA GLU C 753 10.54 -24.00 -14.14
C GLU C 753 10.57 -25.15 -15.15
N ASP C 754 11.64 -25.94 -15.16
CA ASP C 754 11.76 -27.06 -16.10
C ASP C 754 10.64 -28.09 -15.90
N SER C 755 10.57 -28.67 -14.70
CA SER C 755 9.60 -29.72 -14.45
C SER C 755 8.17 -29.22 -14.57
N LEU C 756 7.91 -28.00 -14.08
CA LEU C 756 6.56 -27.47 -14.14
C LEU C 756 6.16 -27.15 -15.58
N ASN C 757 7.08 -26.61 -16.37
CA ASN C 757 6.81 -26.39 -17.79
C ASN C 757 6.53 -27.70 -18.49
N HIS C 758 7.25 -28.76 -18.11
CA HIS C 758 7.00 -30.07 -18.69
C HIS C 758 5.59 -30.57 -18.35
N LEU C 759 5.20 -30.44 -17.08
CA LEU C 759 3.87 -30.88 -16.67
C LEU C 759 2.77 -30.04 -17.30
N LEU C 760 3.07 -28.78 -17.63
CA LEU C 760 2.10 -27.94 -18.32
C LEU C 760 1.64 -28.56 -19.63
N ASN C 761 2.54 -29.24 -20.35
CA ASN C 761 2.18 -29.84 -21.63
C ASN C 761 1.22 -31.01 -21.48
N TYR C 762 1.20 -31.66 -20.32
CA TYR C 762 0.21 -32.70 -20.05
C TYR C 762 -1.07 -32.13 -19.45
N VAL C 763 -0.97 -31.01 -18.73
CA VAL C 763 -2.18 -30.39 -18.20
C VAL C 763 -2.98 -29.73 -19.31
N TRP C 764 -2.31 -29.21 -20.33
CA TRP C 764 -2.97 -28.39 -21.34
C TRP C 764 -4.07 -29.12 -22.12
N PRO C 765 -3.86 -30.32 -22.66
CA PRO C 765 -4.91 -30.93 -23.49
C PRO C 765 -6.23 -31.13 -22.77
N ASN C 766 -6.24 -31.12 -21.44
CA ASN C 766 -7.47 -31.31 -20.68
C ASN C 766 -8.28 -30.04 -20.51
N VAL C 767 -7.85 -28.93 -21.14
CA VAL C 767 -8.61 -27.70 -21.02
C VAL C 767 -9.89 -27.76 -21.85
N PHE C 768 -10.00 -28.72 -22.77
CA PHE C 768 -11.21 -28.92 -23.56
C PHE C 768 -12.02 -30.04 -22.91
N GLU C 769 -12.68 -29.69 -21.81
CA GLU C 769 -13.47 -30.67 -21.08
C GLU C 769 -14.68 -29.97 -20.49
N THR C 770 -15.84 -30.60 -20.63
CA THR C 770 -17.10 -29.99 -20.22
C THR C 770 -17.44 -30.23 -18.76
N SER C 771 -16.90 -31.29 -18.15
CA SER C 771 -17.23 -31.60 -16.76
C SER C 771 -16.80 -30.44 -15.87
N PRO C 772 -17.71 -29.91 -15.04
CA PRO C 772 -17.41 -28.65 -14.33
C PRO C 772 -16.30 -28.76 -13.31
N HIS C 773 -16.32 -29.80 -12.48
CA HIS C 773 -15.31 -29.93 -11.43
C HIS C 773 -13.91 -30.08 -12.02
N VAL C 774 -13.77 -30.90 -13.07
CA VAL C 774 -12.44 -31.17 -13.59
C VAL C 774 -11.91 -29.96 -14.37
N ILE C 775 -12.80 -29.20 -15.02
CA ILE C 775 -12.33 -28.00 -15.71
C ILE C 775 -11.99 -26.91 -14.70
N GLN C 776 -12.72 -26.85 -13.59
CA GLN C 776 -12.35 -25.95 -12.50
C GLN C 776 -10.96 -26.28 -11.98
N ALA C 777 -10.68 -27.58 -11.78
CA ALA C 777 -9.37 -28.00 -11.30
C ALA C 777 -8.28 -27.69 -12.32
N VAL C 778 -8.56 -27.89 -13.60
CA VAL C 778 -7.58 -27.59 -14.64
C VAL C 778 -7.28 -26.10 -14.70
N MET C 779 -8.31 -25.26 -14.56
CA MET C 779 -8.06 -23.82 -14.55
C MET C 779 -7.26 -23.41 -13.32
N GLY C 780 -7.55 -24.00 -12.16
CA GLY C 780 -6.75 -23.72 -10.98
C GLY C 780 -5.29 -24.10 -11.18
N ALA C 781 -5.05 -25.27 -11.78
CA ALA C 781 -3.68 -25.70 -12.08
C ALA C 781 -3.00 -24.76 -13.06
N LEU C 782 -3.74 -24.29 -14.06
CA LEU C 782 -3.17 -23.35 -15.02
C LEU C 782 -2.81 -22.03 -14.34
N GLU C 783 -3.60 -21.59 -13.36
CA GLU C 783 -3.27 -20.35 -12.66
C GLU C 783 -2.04 -20.52 -11.77
N GLY C 784 -1.97 -21.65 -11.06
CA GLY C 784 -0.76 -21.94 -10.29
C GLY C 784 0.47 -22.01 -11.17
N LEU C 785 0.37 -22.68 -12.33
CA LEU C 785 1.49 -22.71 -13.26
C LEU C 785 1.81 -21.33 -13.78
N ARG C 786 0.81 -20.46 -13.94
CA ARG C 786 1.08 -19.09 -14.36
C ARG C 786 1.93 -18.35 -13.33
N VAL C 787 1.62 -18.55 -12.05
CA VAL C 787 2.41 -17.83 -11.04
C VAL C 787 3.78 -18.46 -10.84
N ALA C 788 3.93 -19.76 -11.15
CA ALA C 788 5.23 -20.42 -10.97
C ALA C 788 6.16 -20.27 -12.17
N ILE C 789 5.63 -20.41 -13.39
CA ILE C 789 6.45 -20.29 -14.60
C ILE C 789 6.59 -18.83 -15.00
N GLY C 790 5.51 -18.06 -14.93
CA GLY C 790 5.48 -16.70 -15.41
C GLY C 790 4.36 -16.50 -16.41
N PRO C 791 3.77 -15.30 -16.43
CA PRO C 791 2.69 -15.04 -17.39
C PRO C 791 3.14 -15.09 -18.84
N CYS C 792 4.44 -14.94 -19.11
CA CYS C 792 4.92 -14.92 -20.49
C CYS C 792 4.67 -16.26 -21.19
N ARG C 793 4.96 -17.37 -20.51
CA ARG C 793 4.74 -18.69 -21.10
C ARG C 793 3.26 -18.97 -21.32
N MET C 794 2.42 -18.59 -20.35
CA MET C 794 0.99 -18.75 -20.53
C MET C 794 0.48 -17.94 -21.72
N LEU C 795 0.99 -16.72 -21.89
CA LEU C 795 0.62 -15.94 -23.06
C LEU C 795 1.08 -16.63 -24.34
N GLN C 796 2.27 -17.23 -24.33
CA GLN C 796 2.76 -17.95 -25.49
C GLN C 796 1.85 -19.13 -25.84
N TYR C 797 1.31 -19.78 -24.82
CA TYR C 797 0.38 -20.89 -25.08
C TYR C 797 -1.01 -20.42 -25.47
N CYS C 798 -1.40 -19.21 -25.09
CA CYS C 798 -2.72 -18.65 -25.41
C CYS C 798 -2.81 -18.02 -26.80
N LEU C 799 -1.71 -17.47 -27.29
CA LEU C 799 -1.76 -16.68 -28.52
C LEU C 799 -2.18 -17.53 -29.72
N GLN C 800 -1.76 -18.79 -29.76
CA GLN C 800 -2.01 -19.59 -30.94
C GLN C 800 -3.50 -19.76 -31.21
N GLY C 801 -4.31 -19.66 -30.17
CA GLY C 801 -5.74 -19.92 -30.31
C GLY C 801 -6.62 -18.78 -29.85
N LEU C 802 -6.03 -17.65 -29.45
CA LEU C 802 -6.84 -16.48 -29.12
C LEU C 802 -7.72 -16.08 -30.29
N PHE C 803 -7.22 -16.21 -31.52
CA PHE C 803 -7.99 -15.99 -32.73
C PHE C 803 -7.96 -17.26 -33.56
N HIS C 804 -9.14 -17.84 -33.79
CA HIS C 804 -9.23 -19.16 -34.38
C HIS C 804 -10.61 -19.32 -34.98
N PRO C 805 -10.74 -20.00 -36.11
CA PRO C 805 -12.08 -20.14 -36.73
C PRO C 805 -13.10 -20.79 -35.82
N ALA C 806 -12.70 -21.75 -34.99
CA ALA C 806 -13.64 -22.41 -34.11
C ALA C 806 -14.06 -21.47 -32.99
N ARG C 807 -15.39 -21.36 -32.79
CA ARG C 807 -15.89 -20.46 -31.74
C ARG C 807 -15.65 -21.03 -30.35
N LYS C 808 -15.70 -22.36 -30.21
CA LYS C 808 -15.49 -22.98 -28.90
C LYS C 808 -14.03 -22.89 -28.47
N VAL C 809 -13.12 -23.06 -29.43
CA VAL C 809 -11.69 -22.89 -29.14
C VAL C 809 -11.41 -21.46 -28.70
N ARG C 810 -12.00 -20.48 -29.38
CA ARG C 810 -11.88 -19.10 -28.95
C ARG C 810 -12.44 -18.91 -27.55
N ASP C 811 -13.61 -19.49 -27.26
CA ASP C 811 -14.21 -19.38 -25.94
C ASP C 811 -13.24 -19.85 -24.85
N VAL C 812 -12.69 -21.06 -25.03
CA VAL C 812 -11.82 -21.64 -24.01
C VAL C 812 -10.54 -20.81 -23.87
N TYR C 813 -9.91 -20.48 -24.99
CA TYR C 813 -8.64 -19.76 -24.92
C TYR C 813 -8.82 -18.36 -24.37
N TRP C 814 -9.96 -17.72 -24.63
CA TRP C 814 -10.19 -16.41 -24.07
C TRP C 814 -10.48 -16.48 -22.58
N LYS C 815 -11.17 -17.54 -22.12
CA LYS C 815 -11.28 -17.78 -20.69
C LYS C 815 -9.90 -17.83 -20.04
N ILE C 816 -8.99 -18.62 -20.63
CA ILE C 816 -7.64 -18.73 -20.10
C ILE C 816 -6.94 -17.38 -20.10
N TYR C 817 -7.04 -16.65 -21.22
CA TYR C 817 -6.37 -15.36 -21.34
C TYR C 817 -6.93 -14.34 -20.37
N ASN C 818 -8.24 -14.39 -20.08
CA ASN C 818 -8.81 -13.50 -19.08
C ASN C 818 -8.25 -13.81 -17.70
N SER C 819 -8.16 -15.10 -17.35
CA SER C 819 -7.51 -15.48 -16.10
C SER C 819 -6.10 -14.90 -16.00
N ILE C 820 -5.31 -15.08 -17.06
CA ILE C 820 -3.93 -14.58 -17.07
C ILE C 820 -3.89 -13.06 -16.97
N TYR C 821 -4.76 -12.38 -17.72
CA TYR C 821 -4.72 -10.92 -17.78
C TYR C 821 -5.10 -10.31 -16.43
N ILE C 822 -6.20 -10.80 -15.83
CA ILE C 822 -6.55 -10.35 -14.49
C ILE C 822 -5.42 -10.67 -13.52
N GLY C 823 -4.75 -11.80 -13.72
CA GLY C 823 -3.68 -12.19 -12.81
C GLY C 823 -2.49 -11.24 -12.81
N SER C 824 -2.04 -10.80 -13.99
CA SER C 824 -0.83 -9.99 -14.07
C SER C 824 -0.90 -9.12 -15.33
N GLN C 825 -1.75 -8.09 -15.28
CA GLN C 825 -1.93 -7.21 -16.43
C GLN C 825 -0.68 -6.38 -16.71
N ASP C 826 0.05 -5.99 -15.66
CA ASP C 826 1.19 -5.11 -15.84
C ASP C 826 2.40 -5.85 -16.40
N ALA C 827 2.59 -7.11 -16.01
CA ALA C 827 3.75 -7.83 -16.51
C ALA C 827 3.62 -8.15 -17.99
N LEU C 828 2.39 -8.24 -18.50
CA LEU C 828 2.18 -8.60 -19.89
C LEU C 828 2.69 -7.54 -20.87
N ILE C 829 2.94 -6.32 -20.39
CA ILE C 829 3.43 -5.26 -21.27
C ILE C 829 4.74 -5.66 -21.94
N ALA C 830 5.51 -6.53 -21.30
CA ALA C 830 6.79 -6.97 -21.83
C ALA C 830 6.69 -8.20 -22.72
N HIS C 831 5.51 -8.81 -22.83
CA HIS C 831 5.38 -10.10 -23.48
C HIS C 831 4.44 -10.11 -24.68
N TYR C 832 3.72 -9.03 -24.95
CA TYR C 832 2.85 -9.02 -26.12
C TYR C 832 3.68 -9.13 -27.40
N PRO C 833 3.25 -9.91 -28.38
CA PRO C 833 4.02 -10.05 -29.61
C PRO C 833 3.97 -8.77 -30.44
N ARG C 834 4.89 -8.69 -31.40
CA ARG C 834 4.84 -7.62 -32.38
C ARG C 834 3.65 -7.83 -33.30
N ILE C 835 2.74 -6.88 -33.32
CA ILE C 835 1.67 -6.84 -34.31
C ILE C 835 1.97 -5.68 -35.24
N TYR C 836 2.29 -6.00 -36.50
CA TYR C 836 2.71 -5.00 -37.45
C TYR C 836 1.54 -4.10 -37.85
N ASN C 837 1.87 -2.85 -38.21
CA ASN C 837 0.84 -1.93 -38.68
C ASN C 837 0.18 -2.49 -39.94
N ASP C 838 -1.13 -2.29 -40.04
CA ASP C 838 -1.85 -2.59 -41.27
C ASP C 838 -2.14 -1.29 -42.00
N ASP C 839 -2.96 -1.36 -43.06
CA ASP C 839 -3.20 -0.19 -43.88
C ASP C 839 -3.91 0.92 -43.12
N LYS C 840 -4.90 0.56 -42.29
CA LYS C 840 -5.75 1.56 -41.65
C LYS C 840 -5.24 2.01 -40.29
N ASN C 841 -4.63 1.13 -39.50
CA ASN C 841 -4.31 1.43 -38.11
C ASN C 841 -2.82 1.27 -37.85
N THR C 842 -2.35 1.97 -36.82
CA THR C 842 -0.97 1.88 -36.33
C THR C 842 -0.94 0.99 -35.10
N TYR C 843 -0.36 -0.20 -35.24
CA TYR C 843 -0.41 -1.19 -34.17
C TYR C 843 0.92 -1.41 -33.46
N ILE C 844 2.05 -1.02 -34.06
CA ILE C 844 3.36 -1.26 -33.46
C ILE C 844 3.61 -0.26 -32.34
N ARG C 845 4.08 -0.76 -31.20
CA ARG C 845 4.46 0.07 -30.06
C ARG C 845 5.84 0.66 -30.34
N TYR C 846 5.85 1.82 -30.99
CA TYR C 846 7.11 2.43 -31.41
C TYR C 846 7.99 2.82 -30.23
N GLU C 847 7.38 3.19 -29.10
CA GLU C 847 8.16 3.68 -27.96
C GLU C 847 9.14 2.62 -27.46
N LEU C 848 8.73 1.35 -27.49
CA LEU C 848 9.60 0.28 -27.02
C LEU C 848 10.74 -0.02 -28.00
N ASP C 849 10.64 0.46 -29.24
CA ASP C 849 11.68 0.22 -30.25
C ASP C 849 12.81 1.25 -30.17
N TYR C 850 12.75 2.19 -29.24
CA TYR C 850 13.82 3.15 -29.06
C TYR C 850 15.10 2.44 -28.61
N ILE C 851 16.24 2.95 -29.04
CA ILE C 851 17.55 2.38 -28.71
C ILE C 851 18.49 3.52 -28.34
N LEU C 852 19.12 3.42 -27.18
CA LEU C 852 20.05 4.44 -26.71
C LEU C 852 21.51 4.05 -27.00
N PRO D 16 -25.17 -23.38 -6.90
CA PRO D 16 -26.60 -23.15 -6.65
C PRO D 16 -27.00 -21.68 -6.82
N ASP D 17 -27.71 -21.14 -5.82
CA ASP D 17 -28.10 -19.74 -5.81
C ASP D 17 -27.19 -18.89 -4.94
N LEU D 18 -26.04 -19.44 -4.52
CA LEU D 18 -25.14 -18.77 -3.58
C LEU D 18 -23.99 -18.13 -4.34
N ILE D 19 -23.73 -16.85 -4.06
CA ILE D 19 -22.67 -16.11 -4.74
C ILE D 19 -21.94 -15.21 -3.76
N PHE D 20 -20.77 -14.74 -4.17
CA PHE D 20 -20.00 -13.85 -3.32
C PHE D 20 -20.51 -12.42 -3.45
N CYS D 21 -20.42 -11.68 -2.34
CA CYS D 21 -20.79 -10.26 -2.35
C CYS D 21 -20.02 -9.47 -3.40
N ARG D 22 -18.69 -9.54 -3.33
CA ARG D 22 -17.76 -8.93 -4.27
C ARG D 22 -17.79 -7.40 -4.28
N LYS D 23 -18.51 -6.76 -3.36
CA LYS D 23 -18.41 -5.31 -3.22
C LYS D 23 -17.04 -4.93 -2.66
N GLN D 24 -16.72 -3.65 -2.73
CA GLN D 24 -15.44 -3.16 -2.24
C GLN D 24 -15.36 -3.35 -0.73
N ALA D 25 -14.27 -3.97 -0.27
CA ALA D 25 -14.13 -4.31 1.13
C ALA D 25 -13.68 -3.10 1.94
N GLY D 26 -14.14 -3.02 3.19
CA GLY D 26 -13.82 -1.90 4.03
C GLY D 26 -12.94 -2.25 5.21
N VAL D 27 -13.09 -1.51 6.31
CA VAL D 27 -12.27 -1.75 7.50
C VAL D 27 -12.81 -2.87 8.37
N ALA D 28 -13.96 -3.44 8.04
CA ALA D 28 -14.53 -4.50 8.86
C ALA D 28 -13.74 -5.79 8.69
N ILE D 29 -13.40 -6.42 9.81
CA ILE D 29 -12.66 -7.69 9.80
C ILE D 29 -13.67 -8.82 9.63
N GLY D 30 -13.36 -9.74 8.73
CA GLY D 30 -14.20 -10.92 8.56
C GLY D 30 -14.17 -11.80 9.79
N ARG D 31 -15.27 -12.51 10.00
CA ARG D 31 -15.47 -13.33 11.19
C ARG D 31 -16.05 -14.67 10.78
N LEU D 32 -15.78 -15.70 11.58
CA LEU D 32 -16.17 -17.07 11.27
C LEU D 32 -16.63 -17.76 12.55
N CYS D 33 -17.56 -18.70 12.38
CA CYS D 33 -18.14 -19.44 13.49
C CYS D 33 -17.25 -20.64 13.83
N GLU D 34 -17.76 -21.52 14.69
CA GLU D 34 -16.93 -22.59 15.24
C GLU D 34 -16.72 -23.71 14.23
N LYS D 35 -17.79 -24.11 13.52
CA LYS D 35 -17.68 -25.24 12.61
C LYS D 35 -16.76 -24.94 11.44
N CYS D 36 -16.59 -23.66 11.09
CA CYS D 36 -15.70 -23.29 9.99
C CYS D 36 -14.56 -22.43 10.51
N ASP D 37 -13.88 -22.90 11.55
CA ASP D 37 -12.94 -22.04 12.27
C ASP D 37 -11.72 -21.71 11.42
N GLY D 38 -11.02 -22.71 10.93
CA GLY D 38 -9.79 -22.47 10.21
C GLY D 38 -9.88 -22.49 8.70
N LYS D 39 -11.07 -22.64 8.13
CA LYS D 39 -11.20 -22.75 6.68
C LYS D 39 -10.97 -21.41 6.00
N CYS D 40 -10.50 -21.47 4.76
CA CYS D 40 -10.32 -20.29 3.94
C CYS D 40 -11.58 -20.08 3.12
N VAL D 41 -12.04 -18.82 3.05
CA VAL D 41 -13.35 -18.52 2.47
C VAL D 41 -13.42 -18.91 1.01
N ILE D 42 -12.28 -18.92 0.32
CA ILE D 42 -12.30 -19.10 -1.13
C ILE D 42 -12.07 -20.54 -1.53
N CYS D 43 -10.95 -21.13 -1.12
CA CYS D 43 -10.54 -22.43 -1.64
C CYS D 43 -10.85 -23.59 -0.71
N ASP D 44 -11.40 -23.32 0.48
CA ASP D 44 -11.85 -24.35 1.42
C ASP D 44 -10.69 -25.16 2.00
N SER D 45 -9.57 -24.50 2.27
CA SER D 45 -8.37 -25.16 2.74
C SER D 45 -7.96 -24.67 4.12
N TYR D 46 -7.33 -25.55 4.89
CA TYR D 46 -6.91 -25.25 6.25
C TYR D 46 -5.41 -25.01 6.38
N VAL D 47 -4.65 -25.04 5.29
CA VAL D 47 -3.20 -25.27 5.39
C VAL D 47 -2.50 -24.08 6.02
N ARG D 48 -2.69 -22.87 5.51
CA ARG D 48 -1.83 -21.75 5.88
C ARG D 48 -2.62 -20.46 5.89
N PRO D 49 -3.19 -20.09 7.03
CA PRO D 49 -3.78 -18.75 7.15
C PRO D 49 -2.72 -17.69 6.93
N CYS D 50 -3.07 -16.68 6.15
CA CYS D 50 -2.11 -15.66 5.73
C CYS D 50 -2.63 -14.26 6.03
N THR D 51 -3.51 -13.75 5.17
CA THR D 51 -4.01 -12.39 5.29
C THR D 51 -5.41 -12.40 5.89
N LEU D 52 -5.69 -11.35 6.65
CA LEU D 52 -6.97 -11.21 7.33
C LEU D 52 -8.06 -10.84 6.32
N VAL D 53 -9.23 -11.46 6.47
CA VAL D 53 -10.35 -11.21 5.57
C VAL D 53 -10.97 -9.86 5.89
N ARG D 54 -11.27 -9.08 4.84
CA ARG D 54 -12.01 -7.83 4.98
C ARG D 54 -13.32 -7.94 4.22
N ILE D 55 -14.42 -7.54 4.86
CA ILE D 55 -15.74 -7.54 4.23
C ILE D 55 -16.16 -6.09 3.99
N CYS D 56 -17.20 -5.92 3.16
CA CYS D 56 -17.64 -4.57 2.85
C CYS D 56 -18.41 -4.00 4.03
N ASP D 57 -18.82 -2.73 3.90
CA ASP D 57 -19.45 -2.03 5.01
C ASP D 57 -20.89 -2.45 5.22
N GLU D 58 -21.57 -2.95 4.18
CA GLU D 58 -22.96 -3.38 4.34
C GLU D 58 -23.04 -4.70 5.09
N CYS D 59 -22.14 -5.63 4.79
CA CYS D 59 -22.17 -6.96 5.38
C CYS D 59 -21.78 -6.98 6.85
N ASN D 60 -21.39 -5.84 7.42
CA ASN D 60 -21.11 -5.74 8.85
C ASN D 60 -22.05 -4.79 9.57
N TYR D 61 -23.24 -4.55 9.01
CA TYR D 61 -24.18 -3.59 9.57
C TYR D 61 -25.23 -4.30 10.40
N GLY D 62 -25.58 -3.67 11.53
CA GLY D 62 -26.72 -4.11 12.31
C GLY D 62 -26.52 -5.48 12.91
N SER D 63 -27.48 -6.37 12.65
CA SER D 63 -27.42 -7.72 13.20
C SER D 63 -26.30 -8.55 12.60
N TYR D 64 -25.86 -8.22 11.39
CA TYR D 64 -24.81 -8.97 10.72
C TYR D 64 -23.42 -8.67 11.24
N GLN D 65 -23.28 -7.74 12.19
CA GLN D 65 -21.97 -7.38 12.71
C GLN D 65 -21.35 -8.58 13.42
N GLY D 66 -20.09 -8.88 13.09
CA GLY D 66 -19.38 -9.96 13.74
C GLY D 66 -19.97 -11.33 13.48
N ARG D 67 -20.64 -11.51 12.36
CA ARG D 67 -21.29 -12.77 12.02
C ARG D 67 -20.46 -13.55 11.01
N CYS D 68 -20.66 -14.87 11.01
CA CYS D 68 -19.92 -15.74 10.10
C CYS D 68 -20.20 -15.36 8.65
N VAL D 69 -19.16 -15.42 7.82
CA VAL D 69 -19.28 -14.98 6.43
C VAL D 69 -20.09 -15.98 5.62
N ILE D 70 -20.17 -17.22 6.06
CA ILE D 70 -20.86 -18.25 5.28
C ILE D 70 -22.32 -18.39 5.70
N CYS D 71 -22.63 -18.20 6.98
CA CYS D 71 -23.98 -18.43 7.49
C CYS D 71 -24.62 -17.23 8.16
N GLY D 72 -23.87 -16.18 8.46
CA GLY D 72 -24.43 -15.11 9.26
C GLY D 72 -24.76 -15.51 10.68
N GLY D 73 -24.11 -16.57 11.18
CA GLY D 73 -24.27 -16.97 12.55
C GLY D 73 -23.24 -16.31 13.45
N PRO D 74 -23.41 -16.43 14.76
CA PRO D 74 -22.45 -15.82 15.69
C PRO D 74 -21.05 -16.37 15.47
N GLY D 75 -20.11 -15.46 15.23
CA GLY D 75 -18.75 -15.84 14.92
C GLY D 75 -17.84 -15.79 16.14
N VAL D 76 -16.78 -16.61 16.09
CA VAL D 76 -15.87 -16.72 17.23
C VAL D 76 -14.42 -16.47 16.85
N SER D 77 -14.03 -16.53 15.57
CA SER D 77 -12.63 -16.32 15.22
C SER D 77 -12.52 -15.47 13.97
N ASP D 78 -11.38 -14.80 13.82
CA ASP D 78 -11.13 -14.00 12.63
C ASP D 78 -10.99 -14.89 11.39
N ALA D 79 -11.52 -14.40 10.27
CA ALA D 79 -11.44 -15.12 9.00
C ALA D 79 -10.17 -14.73 8.25
N TYR D 80 -9.50 -15.74 7.68
CA TYR D 80 -8.25 -15.55 6.96
C TYR D 80 -8.33 -16.13 5.56
N TYR D 81 -7.74 -15.43 4.59
CA TYR D 81 -7.38 -16.08 3.34
C TYR D 81 -6.19 -17.00 3.56
N CYS D 82 -6.04 -17.99 2.69
CA CYS D 82 -4.92 -18.90 2.85
C CYS D 82 -3.68 -18.31 2.21
N LYS D 83 -2.58 -19.07 2.23
CA LYS D 83 -1.35 -18.63 1.58
C LYS D 83 -1.44 -18.77 0.07
N GLU D 84 -2.07 -19.85 -0.41
CA GLU D 84 -2.25 -20.02 -1.84
C GLU D 84 -3.07 -18.87 -2.43
N CYS D 85 -4.18 -18.52 -1.77
CA CYS D 85 -5.00 -17.41 -2.24
C CYS D 85 -4.27 -16.08 -2.16
N THR D 86 -3.47 -15.87 -1.11
CA THR D 86 -2.70 -14.64 -1.03
C THR D 86 -1.68 -14.54 -2.16
N ILE D 87 -1.01 -15.65 -2.48
CA ILE D 87 -0.02 -15.65 -3.56
C ILE D 87 -0.68 -15.26 -4.88
N GLN D 88 -1.83 -15.86 -5.17
CA GLN D 88 -2.58 -15.58 -6.39
C GLN D 88 -3.43 -14.31 -6.28
N GLU D 89 -3.30 -13.57 -5.18
CA GLU D 89 -3.98 -12.29 -5.00
C GLU D 89 -5.51 -12.42 -5.06
N LYS D 90 -6.02 -13.58 -4.69
CA LYS D 90 -7.46 -13.75 -4.57
C LYS D 90 -8.04 -13.04 -3.36
N ASP D 91 -7.20 -12.56 -2.44
CA ASP D 91 -7.65 -11.66 -1.40
C ASP D 91 -7.93 -10.25 -1.91
N ARG D 92 -7.40 -9.90 -3.09
CA ARG D 92 -7.60 -8.58 -3.68
C ARG D 92 -8.91 -8.46 -4.45
N ASP D 93 -9.69 -9.54 -4.54
CA ASP D 93 -10.99 -9.49 -5.19
C ASP D 93 -12.01 -8.86 -4.25
N GLY D 94 -13.30 -9.03 -4.52
CA GLY D 94 -14.32 -8.36 -3.76
C GLY D 94 -14.55 -8.94 -2.37
N CYS D 95 -15.60 -8.42 -1.73
CA CYS D 95 -16.01 -8.90 -0.41
C CYS D 95 -16.37 -10.39 -0.49
N PRO D 96 -15.77 -11.23 0.34
CA PRO D 96 -15.99 -12.69 0.24
C PRO D 96 -17.21 -13.22 1.01
N LYS D 97 -18.09 -12.36 1.51
CA LYS D 97 -19.27 -12.87 2.21
C LYS D 97 -20.23 -13.53 1.24
N ILE D 98 -20.83 -14.63 1.67
CA ILE D 98 -21.74 -15.38 0.82
C ILE D 98 -23.14 -14.79 0.95
N VAL D 99 -23.84 -14.67 -0.18
CA VAL D 99 -25.23 -14.24 -0.22
C VAL D 99 -26.04 -15.27 -0.99
N ASN D 100 -27.21 -15.61 -0.43
CA ASN D 100 -28.16 -16.52 -1.05
C ASN D 100 -29.17 -15.68 -1.83
N LEU D 101 -29.09 -15.73 -3.15
CA LEU D 101 -29.98 -14.93 -4.00
C LEU D 101 -31.43 -15.40 -3.99
N GLY D 102 -31.76 -16.42 -3.21
CA GLY D 102 -33.13 -16.90 -3.15
C GLY D 102 -33.74 -16.83 -1.77
N SER D 103 -33.20 -15.95 -0.91
CA SER D 103 -33.67 -15.80 0.46
C SER D 103 -33.77 -14.32 0.79
N SER D 104 -34.88 -13.94 1.44
CA SER D 104 -35.08 -12.57 1.88
C SER D 104 -34.30 -12.32 3.17
N LYS D 105 -34.21 -11.03 3.55
CA LYS D 105 -33.46 -10.67 4.74
C LYS D 105 -34.08 -11.25 6.01
N THR D 106 -35.41 -11.37 6.02
CA THR D 106 -36.09 -11.84 7.23
C THR D 106 -35.94 -13.35 7.41
N ASP D 107 -35.88 -14.10 6.31
CA ASP D 107 -35.74 -15.54 6.39
C ASP D 107 -34.42 -15.91 7.04
N LEU D 108 -34.44 -16.95 7.88
CA LEU D 108 -33.26 -17.46 8.58
C LEU D 108 -32.38 -16.37 9.17
ZN ZN E . -20.78 -20.41 9.62
ZN ZN F . -20.27 -7.67 1.24
ZN ZN G . -7.59 -20.12 -0.10
N1 T2W H . -6.07 -26.18 10.87
C6 T2W H . -20.87 -27.78 6.81
C5 T2W H . -18.99 -28.47 5.34
C4 T2W H . -19.41 -27.58 6.48
C2 T2W H . -17.53 -24.15 6.39
O2 T2W H . -7.29 -31.08 7.71
O4 T2W H . -7.61 -27.72 10.25
C11 T2W H . -14.12 -31.23 8.69
C12 T2W H . -13.28 -32.31 9.33
C17 T2W H . -10.22 -34.17 7.81
C18 T2W H . -11.34 -33.83 8.79
C19 T2W H . -7.68 -31.63 8.76
C21 T2W H . -6.24 -30.39 10.42
C22 T2W H . -5.63 -29.40 9.47
C23 T2W H . -4.31 -29.87 8.91
C24 T2W H . -6.47 -27.37 10.43
C25 T2W H . -7.03 -25.13 11.19
C26 T2W H . -15.43 -30.42 10.67
O1 T2W H . -18.69 -28.02 7.63
N T2W H . -8.61 -32.59 8.75
C T2W H . -17.00 -26.29 7.60
O T2W H . -16.89 -26.12 5.20
C1 T2W H . -17.62 -25.67 6.35
C10 T2W H . -15.03 -30.42 9.23
C13 T2W H . -12.19 -32.67 8.32
C14 T2W H . -11.30 -31.47 8.03
C15 T2W H . -10.18 -31.81 7.03
C16 T2W H . -9.34 -32.97 7.54
C20 T2W H . -7.14 -31.31 10.09
C3 T2W H . -19.09 -26.10 6.21
C7 T2W H . -17.29 -27.79 7.54
C8 T2W H . -16.61 -28.59 8.60
C9 T2W H . -15.68 -29.49 8.33
O3 T2W H . -5.39 -28.15 10.21
S SCN I . -21.22 -22.29 8.13
C SCN I . -22.37 -23.54 7.56
N SCN I . -23.11 -24.39 7.18
#